data_8UXT
#
_entry.id   8UXT
#
_cell.length_a   1.00
_cell.length_b   1.00
_cell.length_c   1.00
_cell.angle_alpha   90.00
_cell.angle_beta   90.00
_cell.angle_gamma   90.00
#
_symmetry.space_group_name_H-M   'P 1'
#
_entity_poly.entity_id   1
_entity_poly.type   'polypeptide(L)'
_entity_poly.pdbx_seq_one_letter_code
;MAKENTQQKEIKRQPAVELAVFNLNSVTDVADLQMIASQVQLYLQVCGNTTLEQIKSKANITTVANIFALTGSVLDLMLY
ATDKKTGDAAVQRGALLAANLIGLFSEPNNEAHARMALRPMFGLMAECLYRENGKIKETDIKRLGLHLNAMIAGDLENFL
KETQAKLSSLLISATTLGVTILQSMATPATGINAGITTAAGASAEKRDPKLKFTNWAVPLIDLLGKPSQANLTPKIQPNI
TSRLQQEATQAIAALSQTLQQQANAGQKYTLAWLLQETLKAIQALENKGNASVPINQTGEYERHTKGDTLEFVSLQADAL
NAPPCEGADSQSGKSISYSIGAERVQHADFYLPKIGFSFIRQYNSQMDEFDQSMVGARWMMPFSNMIQQNAQGYLFIDSK
GRKHQLPVSIIFETYEVPYEGWIIKPLKNGELILDFGGEWRSHFQSFDGGKNYYLVKKMNETSQEEILLEYLLLDHIAYL
KVINFKLKQAEYELKFAFNEQVKIIAVFLDDKAEPLARYEYDTQGNLIKAIDQNGHTRTYEYNQFHQLTRYTDRTGRGQN
IRYESTEAKAKAIEEWADDGSFHTKLKWHPRLRQVAVYDAYDVPTYYYFDLDGFTYRTRLADGRESWYSRDGKKRITRQI
DFDGRETQQEYNDQDQLVKIVQPNGGIIRFAYNKQGNLVEIKDPEGSIWKREYDENRNVSKEINPLGHITQYKYNNDNQL
VEVIDAKGGVKKIQYNELGQMISYTDCSGKSSTWEYDEDGALTAEQTANNKVVQYFYSTKGRDKGQLQSIIYPDGLKEYF
EHDEEGRLLKHTDTKGLVTEYKYNQVGLLEQRIDANRHSVAYQWDKQGRIQKLINQNQAEYLFGYNPYGYLIREQAFDGE
EKHYSYNENGRLFQIRRPNILTQFDYYADGQIASKSFTHLHTGQKQTEQFDYNLNSQLSRASNEVSQIDLYRNALGQLVR
EHQHYKIPELKPLTAVLHYEYDELGNLIKTIRPDGHTLNHLVYGSGHIYAIGLNNQEVVSFQRDDLHRETTRLLANGLMQ
TKQYNDVGLLSSQFIQPEQETQDYLQYQAHRKYHYDKNYLLSQVEDSRLGKLNYQYDPIGRLIAAQSLHKTESFNFDPAG
NLIDSESVLSPAQIKNNLIKSYKGKHYQYDVQGNVTEIIQAGKNLKLTWDNQNRLIRSDNNGLVTEYGYDVFGRRLYKKT
AKELTLFGWDGDLMIWESFKSAQTNYTKHYIYEPDSFVPLLQAGYKDFIQLIETPDYQEYQTKPYSIYKDPVWNRNLGKE
RTALEQFTFYHCDQVGTPQTMTNIRGECVWEILQDTWGAVSQIKALNQDNPFEQNNLRFQGQYYDRETELHYNRYRYYEP
HSARYVSKNPIGLEGGMNTSSYVSDPNQWINPKGLNSFNYGEMFGIPASAQSGLAYQGQRNYECYAETGELCKIKVPPLF
DYVACSGGGLGIGVGFVKNQWTGEYYISGSKDSLLIPVAKSVAQNKQFSAKDLAGASCVGGNIHNIPSYTKTTMTMGEIT
NEFVSGASVTVGGGAYGAVANVVVPLVSKSSPVKGTWASELGVGTPGFNVGVSGTVSVDTILDAVKPSKKHHHHHH
;
_entity_poly.pdbx_strand_id   A
#
# COMPACT_ATOMS: atom_id res chain seq x y z
N GLN A 14 -29.70 12.96 9.83
CA GLN A 14 -28.58 13.40 10.66
C GLN A 14 -29.05 13.58 12.11
N PRO A 15 -28.22 13.20 13.08
CA PRO A 15 -28.61 13.37 14.49
C PRO A 15 -28.84 14.84 14.81
N ALA A 16 -29.79 15.08 15.73
CA ALA A 16 -30.04 16.44 16.18
C ALA A 16 -28.82 17.03 16.86
N VAL A 17 -28.11 16.21 17.65
CA VAL A 17 -26.92 16.64 18.37
C VAL A 17 -25.72 15.93 17.75
N GLU A 18 -24.69 16.71 17.42
CA GLU A 18 -23.43 16.19 16.91
C GLU A 18 -22.31 16.66 17.81
N LEU A 19 -21.35 15.78 18.06
CA LEU A 19 -20.28 16.05 19.00
C LEU A 19 -18.93 15.78 18.36
N ALA A 20 -17.93 16.52 18.81
CA ALA A 20 -16.54 16.30 18.43
C ALA A 20 -15.83 15.68 19.63
N VAL A 21 -15.65 14.37 19.59
CA VAL A 21 -14.96 13.65 20.66
C VAL A 21 -13.51 13.48 20.26
N PHE A 22 -12.61 13.88 21.15
CA PHE A 22 -11.18 13.89 20.88
C PHE A 22 -10.44 13.44 22.13
N ASN A 23 -9.22 12.94 21.94
CA ASN A 23 -8.39 12.59 23.07
C ASN A 23 -7.87 13.86 23.75
N LEU A 24 -8.06 13.94 25.07
CA LEU A 24 -7.77 15.18 25.78
C LEU A 24 -6.31 15.59 25.64
N ASN A 25 -5.41 14.62 25.41
CA ASN A 25 -3.99 14.93 25.33
C ASN A 25 -3.65 15.75 24.10
N SER A 26 -4.48 15.72 23.06
CA SER A 26 -4.15 16.36 21.79
C SER A 26 -4.45 17.86 21.76
N VAL A 27 -5.22 18.38 22.71
CA VAL A 27 -5.64 19.77 22.70
C VAL A 27 -4.70 20.57 23.59
N THR A 28 -4.10 21.61 23.02
CA THR A 28 -3.27 22.55 23.75
C THR A 28 -3.90 23.93 23.87
N ASP A 29 -4.65 24.35 22.87
CA ASP A 29 -5.35 25.63 22.90
C ASP A 29 -6.75 25.47 23.47
N VAL A 30 -7.38 26.60 23.80
CA VAL A 30 -8.72 26.61 24.36
C VAL A 30 -9.67 27.27 23.36
N ALA A 31 -9.36 27.15 22.07
CA ALA A 31 -10.14 27.85 21.05
C ALA A 31 -11.60 27.42 21.08
N ASP A 32 -11.87 26.11 21.19
CA ASP A 32 -13.25 25.65 21.27
C ASP A 32 -13.93 26.19 22.51
N LEU A 33 -13.22 26.22 23.64
CA LEU A 33 -13.75 26.85 24.84
C LEU A 33 -14.05 28.32 24.60
N GLN A 34 -13.16 29.00 23.85
CA GLN A 34 -13.39 30.41 23.54
C GLN A 34 -14.65 30.61 22.73
N MET A 35 -14.86 29.78 21.70
CA MET A 35 -16.09 29.89 20.92
C MET A 35 -17.32 29.58 21.76
N ILE A 36 -17.26 28.58 22.64
CA ILE A 36 -18.43 28.28 23.46
C ILE A 36 -18.74 29.46 24.37
N ALA A 37 -17.71 30.05 24.97
CA ALA A 37 -17.92 31.22 25.83
C ALA A 37 -18.48 32.40 25.03
N SER A 38 -17.97 32.62 23.82
CA SER A 38 -18.47 33.72 22.99
C SER A 38 -19.92 33.48 22.60
N GLN A 39 -20.26 32.22 22.28
CA GLN A 39 -21.65 31.90 21.96
C GLN A 39 -22.56 32.14 23.15
N VAL A 40 -22.10 31.78 24.35
CA VAL A 40 -22.90 32.03 25.55
C VAL A 40 -23.10 33.53 25.75
N GLN A 41 -22.03 34.31 25.57
CA GLN A 41 -22.13 35.76 25.75
C GLN A 41 -23.08 36.36 24.71
N LEU A 42 -23.00 35.91 23.46
CA LEU A 42 -23.91 36.41 22.44
C LEU A 42 -25.35 36.05 22.75
N TYR A 43 -25.59 34.82 23.22
CA TYR A 43 -26.93 34.43 23.61
C TYR A 43 -27.45 35.32 24.72
N LEU A 44 -26.62 35.58 25.73
CA LEU A 44 -27.02 36.44 26.84
C LEU A 44 -27.35 37.84 26.34
N GLN A 45 -26.48 38.40 25.50
CA GLN A 45 -26.70 39.76 25.00
C GLN A 45 -27.99 39.84 24.17
N VAL A 46 -28.24 38.83 23.34
CA VAL A 46 -29.41 38.87 22.46
C VAL A 46 -30.68 38.69 23.28
N CYS A 47 -30.68 37.78 24.25
CA CYS A 47 -31.92 37.45 24.97
C CYS A 47 -32.12 38.33 26.19
N GLY A 48 -31.21 38.28 27.15
CA GLY A 48 -31.33 39.07 28.37
C GLY A 48 -30.75 40.46 28.29
N ASN A 49 -30.06 40.79 27.19
CA ASN A 49 -29.45 42.11 27.03
C ASN A 49 -28.52 42.43 28.20
N THR A 50 -27.79 41.41 28.67
CA THR A 50 -26.88 41.56 29.79
C THR A 50 -25.57 40.87 29.46
N THR A 51 -24.46 41.56 29.71
CA THR A 51 -23.14 40.97 29.50
C THR A 51 -22.79 40.06 30.67
N LEU A 52 -21.79 39.19 30.43
CA LEU A 52 -21.39 38.24 31.46
C LEU A 52 -20.89 38.95 32.72
N GLU A 53 -20.30 40.14 32.56
CA GLU A 53 -19.82 40.88 33.72
C GLU A 53 -20.98 41.26 34.64
N GLN A 54 -22.10 41.69 34.06
CA GLN A 54 -23.25 42.08 34.87
C GLN A 54 -23.80 40.88 35.64
N ILE A 55 -23.92 39.72 34.99
CA ILE A 55 -24.46 38.53 35.64
C ILE A 55 -23.44 37.85 36.55
N LYS A 56 -22.17 38.26 36.50
CA LYS A 56 -21.16 37.62 37.33
C LYS A 56 -21.49 37.77 38.82
N SER A 57 -21.93 38.96 39.23
CA SER A 57 -22.10 39.24 40.65
C SER A 57 -23.07 38.24 41.29
N LYS A 58 -24.25 38.08 40.72
CA LYS A 58 -25.25 37.17 41.26
C LYS A 58 -25.21 35.83 40.52
N ALA A 59 -24.04 35.19 40.57
CA ALA A 59 -23.84 33.90 39.94
C ALA A 59 -22.98 32.98 40.80
N ASN A 60 -23.08 33.11 42.12
CA ASN A 60 -22.25 32.33 43.05
C ASN A 60 -22.81 30.93 43.16
N ILE A 61 -22.25 30.00 42.38
CA ILE A 61 -22.63 28.59 42.42
C ILE A 61 -21.35 27.76 42.42
N THR A 62 -21.33 26.70 43.23
CA THR A 62 -20.16 25.86 43.40
C THR A 62 -20.28 24.63 42.50
N THR A 63 -19.28 24.43 41.63
CA THR A 63 -19.26 23.31 40.72
C THR A 63 -17.84 22.77 40.62
N VAL A 64 -17.72 21.54 40.11
CA VAL A 64 -16.39 20.97 39.92
C VAL A 64 -15.62 21.79 38.89
N ALA A 65 -14.30 21.63 38.90
CA ALA A 65 -13.43 22.37 37.99
C ALA A 65 -13.25 21.64 36.66
N ASN A 66 -14.36 21.30 36.01
CA ASN A 66 -14.36 20.66 34.70
C ASN A 66 -14.82 21.70 33.69
N ILE A 67 -13.86 22.33 33.03
CA ILE A 67 -14.18 23.43 32.11
C ILE A 67 -15.01 22.93 30.95
N PHE A 68 -14.65 21.78 30.38
CA PHE A 68 -15.42 21.25 29.26
C PHE A 68 -16.86 21.00 29.68
N ALA A 69 -17.05 20.34 30.83
CA ALA A 69 -18.40 20.08 31.31
C ALA A 69 -19.14 21.38 31.59
N LEU A 70 -18.46 22.35 32.20
CA LEU A 70 -19.11 23.62 32.51
C LEU A 70 -19.61 24.29 31.24
N THR A 71 -18.74 24.45 30.25
CA THR A 71 -19.12 25.14 29.03
C THR A 71 -20.22 24.38 28.28
N GLY A 72 -20.08 23.05 28.19
CA GLY A 72 -21.10 22.27 27.53
C GLY A 72 -22.45 22.38 28.22
N SER A 73 -22.46 22.30 29.55
CA SER A 73 -23.71 22.41 30.29
C SER A 73 -24.34 23.78 30.10
N VAL A 74 -23.54 24.84 30.15
CA VAL A 74 -24.09 26.18 30.01
C VAL A 74 -24.69 26.36 28.62
N LEU A 75 -23.96 25.94 27.59
CA LEU A 75 -24.47 26.08 26.23
C LEU A 75 -25.73 25.25 26.01
N ASP A 76 -25.75 24.03 26.55
CA ASP A 76 -26.93 23.18 26.42
C ASP A 76 -28.11 23.78 27.15
N LEU A 77 -27.88 24.39 28.32
CA LEU A 77 -28.97 25.05 29.03
C LEU A 77 -29.50 26.22 28.24
N MET A 78 -28.61 27.01 27.62
CA MET A 78 -29.06 28.11 26.79
C MET A 78 -29.91 27.61 25.63
N LEU A 79 -29.45 26.58 24.94
CA LEU A 79 -30.22 26.04 23.81
C LEU A 79 -31.55 25.49 24.28
N TYR A 80 -31.56 24.79 25.42
CA TYR A 80 -32.80 24.22 25.94
C TYR A 80 -33.80 25.31 26.28
N ALA A 81 -33.34 26.40 26.91
CA ALA A 81 -34.24 27.48 27.27
C ALA A 81 -34.76 28.21 26.03
N THR A 82 -33.88 28.50 25.08
CA THR A 82 -34.25 29.30 23.91
C THR A 82 -34.64 28.41 22.73
N ASP A 83 -33.70 27.58 22.27
CA ASP A 83 -33.93 26.76 21.07
C ASP A 83 -34.62 25.45 21.48
N LYS A 84 -35.89 25.60 21.84
CA LYS A 84 -36.69 24.44 22.22
C LYS A 84 -36.82 23.48 21.04
N LYS A 85 -36.85 22.19 21.35
CA LYS A 85 -36.95 21.16 20.32
C LYS A 85 -37.94 20.10 20.78
N THR A 86 -38.43 19.31 19.83
CA THR A 86 -39.41 18.27 20.09
C THR A 86 -39.02 17.01 19.34
N GLY A 87 -39.56 15.88 19.82
CA GLY A 87 -39.28 14.60 19.19
C GLY A 87 -37.95 14.03 19.61
N ASP A 88 -37.40 13.17 18.74
CA ASP A 88 -36.12 12.54 19.03
C ASP A 88 -35.03 13.58 19.25
N ALA A 89 -35.10 14.71 18.57
CA ALA A 89 -34.11 15.77 18.78
C ALA A 89 -34.15 16.26 20.22
N ALA A 90 -35.34 16.43 20.78
CA ALA A 90 -35.45 16.83 22.17
C ALA A 90 -34.82 15.80 23.08
N VAL A 91 -35.04 14.52 22.82
CA VAL A 91 -34.47 13.46 23.65
C VAL A 91 -32.94 13.51 23.58
N GLN A 92 -32.39 13.65 22.37
CA GLN A 92 -30.94 13.70 22.23
C GLN A 92 -30.35 14.90 22.93
N ARG A 93 -30.96 16.08 22.77
CA ARG A 93 -30.44 17.27 23.41
C ARG A 93 -30.55 17.17 24.93
N GLY A 94 -31.65 16.62 25.44
CA GLY A 94 -31.77 16.41 26.86
C GLY A 94 -30.74 15.43 27.40
N ALA A 95 -30.47 14.37 26.64
CA ALA A 95 -29.44 13.42 27.04
C ALA A 95 -28.07 14.09 27.11
N LEU A 96 -27.74 14.91 26.11
CA LEU A 96 -26.46 15.59 26.13
C LEU A 96 -26.39 16.58 27.29
N LEU A 97 -27.48 17.30 27.55
CA LEU A 97 -27.51 18.22 28.68
C LEU A 97 -27.30 17.48 30.00
N ALA A 98 -27.97 16.33 30.15
CA ALA A 98 -27.79 15.53 31.35
C ALA A 98 -26.35 15.04 31.49
N ALA A 99 -25.75 14.60 30.38
CA ALA A 99 -24.37 14.14 30.43
C ALA A 99 -23.44 15.26 30.85
N ASN A 100 -23.62 16.46 30.27
CA ASN A 100 -22.76 17.58 30.64
C ASN A 100 -22.97 17.98 32.09
N LEU A 101 -24.22 18.00 32.56
CA LEU A 101 -24.49 18.38 33.94
C LEU A 101 -23.97 17.34 34.92
N ILE A 102 -23.92 16.07 34.51
CA ILE A 102 -23.47 15.01 35.41
C ILE A 102 -22.04 15.26 35.85
N GLY A 103 -21.17 15.63 34.91
CA GLY A 103 -19.77 15.86 35.22
C GLY A 103 -19.49 17.30 35.64
N LEU A 104 -20.47 17.97 36.23
CA LEU A 104 -20.31 19.34 36.67
C LEU A 104 -20.69 19.56 38.13
N PHE A 105 -21.74 18.89 38.61
CA PHE A 105 -22.18 19.11 39.97
C PHE A 105 -21.19 18.49 40.96
N SER A 106 -20.95 19.19 42.07
CA SER A 106 -19.99 18.71 43.06
C SER A 106 -20.62 17.68 43.99
N GLU A 107 -21.62 18.10 44.77
CA GLU A 107 -22.31 17.29 45.77
C GLU A 107 -21.40 16.19 46.32
N PRO A 108 -21.47 14.91 45.87
CA PRO A 108 -20.51 13.93 46.42
C PRO A 108 -19.15 14.04 45.77
N ASN A 109 -18.29 14.92 46.30
CA ASN A 109 -16.99 15.18 45.69
C ASN A 109 -16.19 13.90 45.51
N ASN A 110 -16.41 12.91 46.39
CA ASN A 110 -15.68 11.65 46.27
C ASN A 110 -15.99 10.93 44.96
N GLU A 111 -17.09 11.27 44.30
CA GLU A 111 -17.45 10.70 43.01
C GLU A 111 -17.21 11.66 41.85
N ALA A 112 -16.51 12.77 42.10
CA ALA A 112 -16.30 13.77 41.06
C ALA A 112 -15.49 13.19 39.90
N HIS A 113 -14.41 12.46 40.21
CA HIS A 113 -13.61 11.88 39.15
C HIS A 113 -14.40 10.85 38.35
N ALA A 114 -15.21 10.04 39.04
CA ALA A 114 -16.02 9.05 38.35
C ALA A 114 -17.00 9.73 37.40
N ARG A 115 -17.67 10.79 37.84
CA ARG A 115 -18.60 11.50 36.98
C ARG A 115 -17.87 12.16 35.80
N MET A 116 -16.70 12.74 36.06
CA MET A 116 -15.94 13.39 35.00
C MET A 116 -15.52 12.38 33.94
N ALA A 117 -15.12 11.18 34.37
CA ALA A 117 -14.81 10.14 33.40
C ALA A 117 -16.05 9.65 32.68
N LEU A 118 -17.20 9.60 33.37
CA LEU A 118 -18.43 9.11 32.76
C LEU A 118 -18.90 10.04 31.63
N ARG A 119 -18.78 11.35 31.83
CA ARG A 119 -19.36 12.28 30.86
C ARG A 119 -18.81 12.07 29.45
N PRO A 120 -17.50 12.08 29.21
CA PRO A 120 -17.02 11.76 27.86
C PRO A 120 -17.42 10.37 27.40
N MET A 121 -17.58 9.43 28.33
CA MET A 121 -18.11 8.12 27.98
C MET A 121 -19.48 8.27 27.32
N PHE A 122 -20.38 9.02 27.96
CA PHE A 122 -21.69 9.26 27.39
C PHE A 122 -21.58 9.96 26.05
N GLY A 123 -20.67 10.92 25.93
CA GLY A 123 -20.49 11.59 24.65
C GLY A 123 -20.14 10.62 23.55
N LEU A 124 -19.20 9.71 23.82
CA LEU A 124 -18.81 8.72 22.82
C LEU A 124 -19.96 7.78 22.49
N MET A 125 -20.70 7.32 23.51
CA MET A 125 -21.82 6.43 23.23
C MET A 125 -22.85 7.12 22.34
N ALA A 126 -23.14 8.40 22.62
CA ALA A 126 -24.07 9.15 21.80
C ALA A 126 -23.55 9.28 20.37
N GLU A 127 -22.25 9.56 20.22
CA GLU A 127 -21.70 9.72 18.88
C GLU A 127 -21.82 8.44 18.07
N CYS A 128 -21.57 7.29 18.70
CA CYS A 128 -21.68 6.03 17.96
C CYS A 128 -23.14 5.66 17.68
N LEU A 129 -24.03 5.87 18.65
CA LEU A 129 -25.37 5.30 18.56
C LEU A 129 -26.39 6.22 17.93
N TYR A 130 -26.22 7.54 18.05
CA TYR A 130 -27.27 8.46 17.60
C TYR A 130 -27.46 8.39 16.09
N ARG A 131 -26.37 8.29 15.33
CA ARG A 131 -26.49 8.26 13.87
C ARG A 131 -27.32 7.07 13.42
N GLU A 132 -28.08 7.27 12.35
CA GLU A 132 -28.94 6.21 11.85
C GLU A 132 -28.11 4.98 11.49
N ASN A 133 -28.65 3.80 11.83
CA ASN A 133 -27.94 2.54 11.64
C ASN A 133 -26.61 2.53 12.40
N GLY A 134 -26.54 3.27 13.50
CA GLY A 134 -25.35 3.35 14.31
C GLY A 134 -25.42 2.38 15.48
N LYS A 135 -24.32 1.67 15.71
CA LYS A 135 -24.24 0.68 16.77
C LYS A 135 -22.86 0.74 17.42
N ILE A 136 -22.79 0.26 18.66
CA ILE A 136 -21.53 0.23 19.38
C ILE A 136 -20.66 -0.87 18.79
N LYS A 137 -19.48 -0.51 18.32
CA LYS A 137 -18.55 -1.44 17.68
C LYS A 137 -17.45 -1.83 18.67
N GLU A 138 -16.63 -2.80 18.25
CA GLU A 138 -15.50 -3.21 19.09
C GLU A 138 -14.56 -2.05 19.35
N THR A 139 -14.28 -1.25 18.31
CA THR A 139 -13.39 -0.10 18.49
C THR A 139 -13.97 0.88 19.51
N ASP A 140 -15.28 1.07 19.50
CA ASP A 140 -15.90 1.96 20.49
C ASP A 140 -15.72 1.42 21.89
N ILE A 141 -15.89 0.11 22.08
CA ILE A 141 -15.69 -0.47 23.40
C ILE A 141 -14.24 -0.33 23.84
N LYS A 142 -13.31 -0.54 22.92
CA LYS A 142 -11.90 -0.36 23.24
C LYS A 142 -11.61 1.08 23.65
N ARG A 143 -12.18 2.04 22.92
CA ARG A 143 -11.97 3.45 23.26
C ARG A 143 -12.55 3.76 24.64
N LEU A 144 -13.74 3.24 24.93
CA LEU A 144 -14.34 3.46 26.25
C LEU A 144 -13.45 2.87 27.34
N GLY A 145 -12.94 1.66 27.12
CA GLY A 145 -12.07 1.04 28.11
C GLY A 145 -10.79 1.82 28.33
N LEU A 146 -10.18 2.29 27.24
CA LEU A 146 -8.97 3.10 27.36
C LEU A 146 -9.24 4.37 28.14
N HIS A 147 -10.34 5.06 27.80
CA HIS A 147 -10.67 6.30 28.50
C HIS A 147 -10.92 6.05 29.98
N LEU A 148 -11.61 4.96 30.31
CA LEU A 148 -11.86 4.65 31.71
C LEU A 148 -10.57 4.32 32.45
N ASN A 149 -9.73 3.48 31.85
CA ASN A 149 -8.48 3.08 32.49
C ASN A 149 -7.50 4.25 32.61
N ALA A 150 -7.68 5.30 31.80
CA ALA A 150 -6.76 6.42 31.86
C ALA A 150 -6.75 7.07 33.24
N MET A 151 -7.91 7.22 33.86
CA MET A 151 -8.03 7.98 35.11
C MET A 151 -8.22 7.08 36.32
N ILE A 152 -9.24 6.23 36.33
CA ILE A 152 -9.59 5.46 37.52
C ILE A 152 -9.03 4.04 37.51
N ALA A 153 -8.72 3.49 36.34
CA ALA A 153 -8.15 2.15 36.23
C ALA A 153 -9.06 1.10 36.89
N GLY A 154 -10.34 1.16 36.54
CA GLY A 154 -11.30 0.19 37.04
C GLY A 154 -11.66 -0.85 36.00
N ASP A 155 -12.96 -1.08 35.81
CA ASP A 155 -13.45 -1.99 34.79
C ASP A 155 -14.61 -1.35 34.06
N LEU A 156 -14.67 -1.55 32.74
CA LEU A 156 -15.72 -0.94 31.93
C LEU A 156 -17.09 -1.47 32.32
N GLU A 157 -17.24 -2.79 32.38
CA GLU A 157 -18.54 -3.37 32.69
C GLU A 157 -19.03 -2.94 34.07
N ASN A 158 -18.15 -3.03 35.07
CA ASN A 158 -18.55 -2.66 36.43
C ASN A 158 -18.88 -1.18 36.53
N PHE A 159 -18.09 -0.33 35.88
CA PHE A 159 -18.36 1.10 35.91
C PHE A 159 -19.71 1.41 35.27
N LEU A 160 -19.99 0.80 34.12
CA LEU A 160 -21.26 1.05 33.46
C LEU A 160 -22.42 0.53 34.30
N LYS A 161 -22.26 -0.63 34.92
CA LYS A 161 -23.32 -1.18 35.76
C LYS A 161 -23.61 -0.27 36.95
N GLU A 162 -22.57 0.20 37.63
CA GLU A 162 -22.77 1.06 38.78
C GLU A 162 -23.34 2.41 38.39
N THR A 163 -22.93 2.94 37.22
CA THR A 163 -23.54 4.16 36.72
C THR A 163 -25.02 3.94 36.43
N GLN A 164 -25.37 2.80 35.84
CA GLN A 164 -26.77 2.48 35.60
C GLN A 164 -27.55 2.44 36.90
N ALA A 165 -26.98 1.79 37.93
CA ALA A 165 -27.64 1.78 39.23
C ALA A 165 -27.72 3.17 39.83
N LYS A 166 -26.67 3.97 39.65
CA LYS A 166 -26.61 5.32 40.20
C LYS A 166 -27.18 6.38 39.26
N LEU A 167 -27.81 5.96 38.16
CA LEU A 167 -28.25 6.93 37.16
C LEU A 167 -29.32 7.86 37.72
N SER A 168 -30.23 7.34 38.54
CA SER A 168 -31.33 8.16 39.04
C SER A 168 -30.81 9.31 39.91
N SER A 169 -29.90 9.00 40.85
CA SER A 169 -29.34 10.04 41.70
C SER A 169 -28.51 11.02 40.88
N LEU A 170 -27.79 10.52 39.88
CA LEU A 170 -27.04 11.41 39.00
C LEU A 170 -27.96 12.39 38.28
N LEU A 171 -29.10 11.89 37.79
CA LEU A 171 -30.06 12.76 37.12
C LEU A 171 -30.66 13.77 38.09
N ILE A 172 -30.93 13.35 39.32
CA ILE A 172 -31.47 14.29 40.31
C ILE A 172 -30.45 15.39 40.58
N SER A 173 -29.18 15.04 40.75
CA SER A 173 -28.15 16.04 40.99
C SER A 173 -28.00 16.97 39.77
N ALA A 174 -28.07 16.39 38.57
CA ALA A 174 -27.98 17.21 37.36
C ALA A 174 -29.15 18.17 37.27
N THR A 175 -30.36 17.72 37.63
CA THR A 175 -31.51 18.61 37.64
C THR A 175 -31.33 19.73 38.65
N THR A 176 -30.82 19.42 39.84
CA THR A 176 -30.58 20.47 40.83
C THR A 176 -29.57 21.48 40.30
N LEU A 177 -28.49 21.00 39.69
CA LEU A 177 -27.47 21.90 39.16
C LEU A 177 -28.04 22.76 38.04
N GLY A 178 -28.83 22.17 37.15
CA GLY A 178 -29.44 22.94 36.08
C GLY A 178 -30.39 23.99 36.60
N VAL A 179 -31.17 23.65 37.64
CA VAL A 179 -32.06 24.62 38.26
C VAL A 179 -31.25 25.78 38.83
N THR A 180 -30.15 25.46 39.53
CA THR A 180 -29.32 26.51 40.11
C THR A 180 -28.72 27.41 39.02
N ILE A 181 -28.25 26.81 37.92
CA ILE A 181 -27.67 27.60 36.85
C ILE A 181 -28.74 28.48 36.21
N LEU A 182 -29.92 27.92 35.94
CA LEU A 182 -30.99 28.70 35.32
C LEU A 182 -31.46 29.83 36.21
N GLN A 183 -31.40 29.65 37.54
CA GLN A 183 -31.80 30.73 38.42
C GLN A 183 -30.64 31.70 38.64
N SER A 184 -29.99 32.10 37.54
CA SER A 184 -29.07 33.23 37.50
C SER A 184 -29.47 34.24 36.45
N MET A 185 -29.77 33.78 35.24
CA MET A 185 -30.21 34.63 34.14
C MET A 185 -31.73 34.64 33.99
N ALA A 186 -32.45 33.93 34.84
CA ALA A 186 -33.90 33.89 34.79
C ALA A 186 -34.55 35.00 35.60
N THR A 187 -33.76 35.84 36.27
CA THR A 187 -34.27 36.92 37.08
C THR A 187 -33.66 38.24 36.62
N PRO A 188 -34.45 39.31 36.48
CA PRO A 188 -33.87 40.58 36.05
C PRO A 188 -32.86 41.11 37.06
N ALA A 189 -31.84 41.79 36.54
CA ALA A 189 -30.79 42.35 37.38
C ALA A 189 -31.29 43.61 38.09
N ALA A 204 -10.28 27.64 35.53
CA ALA A 204 -10.72 28.07 34.20
C ALA A 204 -10.27 27.06 33.15
N GLU A 205 -8.97 27.00 32.91
CA GLU A 205 -8.40 26.11 31.91
C GLU A 205 -8.02 24.75 32.45
N LYS A 206 -8.34 24.47 33.72
CA LYS A 206 -7.92 23.25 34.39
C LYS A 206 -9.10 22.30 34.51
N ARG A 207 -8.90 21.06 34.05
CA ARG A 207 -9.88 19.99 34.20
C ARG A 207 -9.48 19.12 35.39
N ASP A 208 -9.71 19.67 36.59
CA ASP A 208 -9.29 19.03 37.83
C ASP A 208 -10.50 18.56 38.62
N PRO A 209 -10.72 17.25 38.78
CA PRO A 209 -11.87 16.81 39.61
C PRO A 209 -11.75 17.20 41.06
N LYS A 210 -10.56 17.55 41.55
CA LYS A 210 -10.35 17.90 42.94
C LYS A 210 -10.48 19.41 43.21
N LEU A 211 -10.80 20.20 42.19
CA LEU A 211 -10.95 21.64 42.34
C LEU A 211 -12.39 22.03 42.04
N LYS A 212 -12.83 23.13 42.66
CA LYS A 212 -14.19 23.59 42.56
C LYS A 212 -14.22 25.01 42.00
N PHE A 213 -15.23 25.32 41.20
CA PHE A 213 -15.45 26.65 40.67
C PHE A 213 -16.38 27.42 41.60
N THR A 214 -15.87 28.49 42.21
CA THR A 214 -16.71 29.29 43.10
C THR A 214 -17.87 29.92 42.35
N ASN A 215 -17.62 30.44 41.16
CA ASN A 215 -18.64 31.06 40.32
C ASN A 215 -18.64 30.41 38.96
N TRP A 216 -19.84 30.14 38.42
CA TRP A 216 -19.94 29.50 37.12
C TRP A 216 -19.66 30.47 35.98
N ALA A 217 -20.04 31.73 36.12
CA ALA A 217 -19.82 32.71 35.06
C ALA A 217 -18.38 33.18 34.99
N VAL A 218 -17.70 33.27 36.14
CA VAL A 218 -16.33 33.80 36.16
C VAL A 218 -15.42 33.05 35.20
N PRO A 219 -15.36 31.71 35.20
CA PRO A 219 -14.45 31.04 34.27
C PRO A 219 -14.73 31.36 32.81
N LEU A 220 -15.99 31.56 32.43
CA LEU A 220 -16.29 31.93 31.05
C LEU A 220 -15.66 33.29 30.71
N ILE A 221 -15.80 34.25 31.61
CA ILE A 221 -15.20 35.56 31.38
C ILE A 221 -13.69 35.45 31.30
N ASP A 222 -13.09 34.66 32.19
CA ASP A 222 -11.64 34.47 32.16
C ASP A 222 -11.20 33.87 30.83
N LEU A 223 -11.95 32.88 30.34
CA LEU A 223 -11.65 32.32 29.02
C LEU A 223 -11.72 33.39 27.95
N LEU A 224 -12.81 34.15 27.91
CA LEU A 224 -12.99 35.13 26.85
C LEU A 224 -11.85 36.14 26.80
N GLY A 225 -11.24 36.43 27.94
CA GLY A 225 -10.17 37.42 27.97
C GLY A 225 -8.94 37.01 27.19
N LYS A 226 -8.62 35.72 27.18
CA LYS A 226 -7.37 35.28 26.60
C LYS A 226 -7.34 35.57 25.09
N PRO A 227 -6.17 35.93 24.53
CA PRO A 227 -6.04 36.13 23.07
C PRO A 227 -5.84 34.81 22.32
N SER A 228 -6.97 34.14 22.04
CA SER A 228 -6.91 32.81 21.45
C SER A 228 -6.30 32.79 20.07
N GLN A 229 -6.22 33.94 19.40
CA GLN A 229 -5.73 34.04 18.02
C GLN A 229 -6.66 33.33 17.05
N ALA A 230 -7.85 32.94 17.50
CA ALA A 230 -8.83 32.23 16.69
C ALA A 230 -10.09 33.06 16.56
N ASN A 231 -10.71 32.99 15.38
CA ASN A 231 -12.01 33.62 15.20
C ASN A 231 -13.00 33.07 16.22
N LEU A 232 -13.73 33.95 16.88
CA LEU A 232 -14.72 33.57 17.89
C LEU A 232 -16.12 34.04 17.53
N THR A 233 -16.40 34.28 16.26
CA THR A 233 -17.74 34.69 15.85
C THR A 233 -18.70 33.54 16.12
N PRO A 234 -19.76 33.74 16.91
CA PRO A 234 -20.66 32.63 17.21
C PRO A 234 -21.27 32.04 15.94
N LYS A 235 -21.38 30.72 15.91
CA LYS A 235 -21.92 30.00 14.78
C LYS A 235 -23.41 29.68 14.91
N ILE A 236 -24.01 29.96 16.07
CA ILE A 236 -25.42 29.70 16.32
C ILE A 236 -26.10 31.04 16.55
N GLN A 237 -27.06 31.38 15.70
CA GLN A 237 -27.79 32.63 15.85
C GLN A 237 -28.89 32.46 16.90
N PRO A 238 -28.91 33.25 17.97
CA PRO A 238 -30.00 33.12 18.95
C PRO A 238 -31.36 33.34 18.30
N ASN A 239 -32.40 33.06 19.09
CA ASN A 239 -33.78 33.11 18.60
C ASN A 239 -34.29 34.52 18.36
N ILE A 240 -33.47 35.56 18.42
CA ILE A 240 -33.93 36.93 18.16
C ILE A 240 -34.87 37.36 19.28
N THR A 241 -36.02 36.70 19.38
CA THR A 241 -36.97 37.01 20.44
C THR A 241 -36.29 36.90 21.80
N SER A 242 -36.20 38.03 22.49
CA SER A 242 -35.50 38.11 23.77
C SER A 242 -36.40 37.63 24.91
N ARG A 243 -36.75 36.35 24.87
CA ARG A 243 -37.55 35.77 25.94
C ARG A 243 -36.80 35.85 27.27
N LEU A 244 -35.53 35.48 27.28
CA LEU A 244 -34.68 35.61 28.45
C LEU A 244 -35.35 35.00 29.69
N GLN A 245 -35.96 35.84 30.51
CA GLN A 245 -36.53 35.37 31.77
C GLN A 245 -37.63 34.35 31.54
N GLN A 246 -38.53 34.62 30.60
CA GLN A 246 -39.64 33.69 30.35
C GLN A 246 -39.14 32.35 29.82
N GLU A 247 -38.19 32.38 28.88
CA GLU A 247 -37.64 31.14 28.36
C GLU A 247 -36.93 30.36 29.46
N ALA A 248 -36.17 31.05 30.32
CA ALA A 248 -35.48 30.37 31.40
C ALA A 248 -36.47 29.79 32.40
N THR A 249 -37.57 30.48 32.66
CA THR A 249 -38.59 29.96 33.56
C THR A 249 -39.23 28.70 32.98
N GLN A 250 -39.56 28.72 31.69
CA GLN A 250 -40.09 27.52 31.05
C GLN A 250 -39.09 26.38 31.10
N ALA A 251 -37.81 26.69 30.88
CA ALA A 251 -36.76 25.69 30.99
C ALA A 251 -36.78 25.07 32.38
N ILE A 252 -36.50 25.86 33.41
CA ILE A 252 -36.45 25.34 34.77
C ILE A 252 -37.72 24.55 35.09
N ALA A 253 -38.85 24.93 34.51
CA ALA A 253 -40.09 24.19 34.75
C ALA A 253 -40.01 22.79 34.14
N ALA A 254 -39.55 22.70 32.90
CA ALA A 254 -39.54 21.41 32.19
C ALA A 254 -38.27 20.59 32.40
N LEU A 255 -37.28 21.14 33.10
CA LEU A 255 -35.99 20.47 33.24
C LEU A 255 -36.13 19.20 34.06
N SER A 256 -36.88 19.25 35.16
CA SER A 256 -37.09 18.06 35.96
C SER A 256 -37.80 16.98 35.16
N GLN A 257 -38.82 17.36 34.39
CA GLN A 257 -39.54 16.38 33.58
C GLN A 257 -38.63 15.76 32.53
N THR A 258 -37.81 16.57 31.86
CA THR A 258 -36.99 16.03 30.79
C THR A 258 -35.84 15.17 31.32
N LEU A 259 -35.24 15.56 32.46
CA LEU A 259 -34.14 14.78 33.00
C LEU A 259 -34.62 13.52 33.69
N GLN A 260 -35.76 13.57 34.36
CA GLN A 260 -36.29 12.37 35.01
C GLN A 260 -36.58 11.28 34.00
N GLN A 261 -37.15 11.64 32.86
CA GLN A 261 -37.39 10.67 31.80
C GLN A 261 -36.10 10.17 31.18
N GLN A 262 -34.96 10.80 31.47
CA GLN A 262 -33.69 10.37 30.92
C GLN A 262 -33.31 8.98 31.41
N ALA A 263 -33.78 8.57 32.58
CA ALA A 263 -33.48 7.25 33.12
C ALA A 263 -34.26 6.14 32.43
N ASN A 264 -35.26 6.48 31.62
CA ASN A 264 -36.08 5.47 30.97
C ASN A 264 -35.27 4.77 29.89
N ALA A 265 -35.01 3.47 30.08
CA ALA A 265 -34.29 2.70 29.09
C ALA A 265 -35.16 2.42 27.86
N GLY A 266 -36.48 2.50 27.99
CA GLY A 266 -37.34 2.29 26.84
C GLY A 266 -37.19 3.38 25.79
N GLN A 267 -37.09 4.64 26.24
CA GLN A 267 -36.93 5.75 25.32
C GLN A 267 -35.59 5.66 24.61
N LYS A 268 -35.60 5.88 23.30
CA LYS A 268 -34.38 5.84 22.50
C LYS A 268 -33.64 7.17 22.62
N TYR A 269 -32.31 7.09 22.49
CA TYR A 269 -31.44 8.26 22.50
C TYR A 269 -31.37 8.92 23.87
N THR A 270 -31.48 8.14 24.93
CA THR A 270 -31.38 8.65 26.29
C THR A 270 -30.25 7.93 27.03
N LEU A 271 -29.73 8.59 28.06
CA LEU A 271 -28.56 8.08 28.77
C LEU A 271 -28.77 6.63 29.19
N ALA A 272 -29.94 6.31 29.76
CA ALA A 272 -30.22 4.94 30.14
C ALA A 272 -30.20 4.02 28.93
N TRP A 273 -30.77 4.48 27.81
CA TRP A 273 -30.74 3.68 26.58
C TRP A 273 -29.32 3.52 26.08
N LEU A 274 -28.51 4.58 26.19
CA LEU A 274 -27.12 4.48 25.77
C LEU A 274 -26.38 3.42 26.58
N LEU A 275 -26.58 3.43 27.90
CA LEU A 275 -25.94 2.43 28.75
C LEU A 275 -26.43 1.03 28.41
N GLN A 276 -27.74 0.88 28.18
CA GLN A 276 -28.29 -0.42 27.85
C GLN A 276 -27.69 -0.94 26.54
N GLU A 277 -27.60 -0.09 25.53
CA GLU A 277 -27.05 -0.51 24.24
C GLU A 277 -25.56 -0.84 24.36
N THR A 278 -24.82 -0.06 25.14
CA THR A 278 -23.40 -0.35 25.33
C THR A 278 -23.22 -1.69 26.03
N LEU A 279 -24.02 -1.95 27.07
CA LEU A 279 -23.93 -3.23 27.77
C LEU A 279 -24.30 -4.38 26.84
N LYS A 280 -25.35 -4.21 26.03
CA LYS A 280 -25.74 -5.26 25.09
C LYS A 280 -24.63 -5.54 24.09
N ALA A 281 -24.01 -4.48 23.57
CA ALA A 281 -22.90 -4.67 22.63
C ALA A 281 -21.72 -5.35 23.30
N ILE A 282 -21.41 -4.99 24.54
CA ILE A 282 -20.31 -5.63 25.25
C ILE A 282 -20.59 -7.11 25.42
N GLN A 283 -21.81 -7.45 25.83
CA GLN A 283 -22.17 -8.85 26.00
C GLN A 283 -22.06 -9.61 24.68
N ALA A 284 -22.57 -9.01 23.60
CA ALA A 284 -22.55 -9.69 22.30
C ALA A 284 -21.13 -9.90 21.81
N LEU A 285 -20.27 -8.91 21.98
CA LEU A 285 -18.91 -8.95 21.44
C LEU A 285 -17.93 -9.63 22.38
N GLU A 286 -18.32 -9.95 23.60
CA GLU A 286 -17.44 -10.65 24.53
C GLU A 286 -17.39 -12.15 24.28
N ASN A 287 -18.21 -12.66 23.37
CA ASN A 287 -18.22 -14.10 23.07
C ASN A 287 -17.37 -14.38 21.83
N THR A 305 -0.27 4.41 26.60
CA THR A 305 0.35 5.01 27.78
C THR A 305 -0.71 5.65 28.68
N LYS A 306 -0.97 5.00 29.81
CA LYS A 306 -1.96 5.49 30.77
C LYS A 306 -3.32 5.71 30.10
N GLY A 307 -3.71 4.74 29.28
CA GLY A 307 -4.99 4.84 28.59
C GLY A 307 -5.00 5.98 27.59
N ASP A 308 -6.20 6.45 27.29
CA ASP A 308 -6.38 7.56 26.35
C ASP A 308 -7.65 8.32 26.77
N THR A 309 -7.46 9.40 27.51
CA THR A 309 -8.60 10.18 27.99
C THR A 309 -9.28 10.87 26.82
N LEU A 310 -10.61 10.92 26.86
CA LEU A 310 -11.43 11.50 25.82
C LEU A 310 -12.21 12.69 26.36
N GLU A 311 -12.48 13.66 25.49
CA GLU A 311 -13.30 14.80 25.81
C GLU A 311 -14.10 15.18 24.57
N PHE A 312 -15.24 15.84 24.78
CA PHE A 312 -16.10 16.24 23.67
C PHE A 312 -16.63 17.64 23.90
N VAL A 313 -16.82 18.36 22.80
CA VAL A 313 -17.50 19.65 22.79
C VAL A 313 -18.52 19.63 21.67
N SER A 314 -19.57 20.45 21.82
CA SER A 314 -20.62 20.55 20.82
C SER A 314 -20.41 21.72 19.87
N LEU A 315 -19.61 22.70 20.26
CA LEU A 315 -19.31 23.87 19.43
C LEU A 315 -17.80 24.04 19.36
N GLN A 316 -17.26 24.20 18.16
CA GLN A 316 -15.83 24.26 17.94
C GLN A 316 -15.46 25.47 17.09
N ALA A 317 -14.24 25.95 17.31
CA ALA A 317 -13.70 27.04 16.52
C ALA A 317 -13.28 26.55 15.14
N ASP A 318 -13.32 27.45 14.16
CA ASP A 318 -12.88 27.11 12.82
C ASP A 318 -11.39 26.80 12.81
N ALA A 319 -11.00 25.89 11.92
CA ALA A 319 -9.58 25.53 11.81
C ALA A 319 -8.75 26.76 11.45
N LEU A 320 -7.70 26.99 12.23
CA LEU A 320 -6.85 28.14 11.98
C LEU A 320 -6.10 28.02 10.66
N ASN A 321 -5.67 26.80 10.32
CA ASN A 321 -4.86 26.59 9.14
C ASN A 321 -4.99 25.14 8.69
N ALA A 322 -4.60 24.90 7.45
CA ALA A 322 -4.53 23.54 6.95
C ALA A 322 -3.35 22.82 7.61
N PRO A 323 -3.41 21.50 7.72
CA PRO A 323 -2.31 20.77 8.34
C PRO A 323 -1.15 20.62 7.37
N PRO A 324 0.07 20.38 7.88
CA PRO A 324 1.17 20.02 6.97
C PRO A 324 0.92 18.71 6.24
N CYS A 325 0.04 17.86 6.76
CA CYS A 325 -0.27 16.60 6.09
C CYS A 325 -0.98 16.87 4.77
N GLU A 326 -0.62 16.07 3.76
CA GLU A 326 -1.24 16.15 2.45
C GLU A 326 -1.88 14.82 2.05
N GLY A 327 -2.19 13.97 3.03
CA GLY A 327 -2.75 12.67 2.76
C GLY A 327 -4.23 12.74 2.44
N ALA A 328 -4.79 11.58 2.07
CA ALA A 328 -6.19 11.50 1.71
C ALA A 328 -7.11 11.86 2.86
N ASP A 329 -6.61 11.83 4.10
CA ASP A 329 -7.41 12.18 5.27
C ASP A 329 -7.44 13.68 5.55
N SER A 330 -6.72 14.48 4.76
CA SER A 330 -6.64 15.91 4.98
C SER A 330 -7.04 16.75 3.77
N GLN A 331 -7.15 16.15 2.59
CA GLN A 331 -7.52 16.89 1.39
C GLN A 331 -8.14 15.93 0.39
N SER A 332 -8.87 16.50 -0.57
CA SER A 332 -9.53 15.71 -1.59
C SER A 332 -8.51 15.21 -2.62
N GLY A 333 -8.94 14.27 -3.45
CA GLY A 333 -8.09 13.69 -4.47
C GLY A 333 -7.51 14.73 -5.41
N SER A 335 -6.87 20.25 -5.55
CA SER A 335 -7.29 19.51 -4.37
C SER A 335 -7.80 20.46 -3.30
N ILE A 336 -8.92 20.10 -2.69
CA ILE A 336 -9.55 20.90 -1.65
C ILE A 336 -9.13 20.36 -0.29
N SER A 337 -8.62 21.24 0.56
CA SER A 337 -8.24 20.85 1.91
C SER A 337 -9.48 20.74 2.78
N TYR A 338 -9.58 19.63 3.53
CA TYR A 338 -10.77 19.39 4.34
C TYR A 338 -10.85 20.36 5.51
N SER A 339 -9.72 20.78 6.05
CA SER A 339 -9.74 21.62 7.25
C SER A 339 -10.27 23.01 6.96
N ILE A 340 -9.77 23.66 5.90
CA ILE A 340 -10.08 25.05 5.64
C ILE A 340 -10.76 25.28 4.30
N GLY A 341 -10.88 24.25 3.45
CA GLY A 341 -11.63 24.39 2.22
C GLY A 341 -10.93 25.12 1.11
N ALA A 342 -9.63 25.40 1.25
CA ALA A 342 -8.90 26.08 0.19
C ALA A 342 -8.66 25.15 -0.98
N GLU A 343 -8.83 25.69 -2.19
CA GLU A 343 -8.51 24.95 -3.42
C GLU A 343 -7.06 25.22 -3.77
N ARG A 344 -6.23 24.17 -3.70
CA ARG A 344 -4.80 24.29 -3.91
C ARG A 344 -4.37 23.38 -5.06
N VAL A 345 -3.65 23.94 -6.02
CA VAL A 345 -3.06 23.19 -7.11
C VAL A 345 -1.60 23.60 -7.24
N GLN A 346 -0.71 22.61 -7.28
CA GLN A 346 0.73 22.84 -7.43
C GLN A 346 1.16 22.32 -8.80
N HIS A 347 1.68 23.22 -9.63
CA HIS A 347 2.08 22.89 -10.99
C HIS A 347 3.55 23.25 -11.17
N ALA A 348 4.31 22.32 -11.76
CA ALA A 348 5.73 22.53 -12.02
C ALA A 348 5.91 22.90 -13.48
N ASP A 349 6.60 24.01 -13.73
CA ASP A 349 6.78 24.49 -15.09
C ASP A 349 8.09 24.03 -15.71
N PHE A 350 9.16 23.92 -14.91
CA PHE A 350 10.41 23.41 -15.43
C PHE A 350 11.23 22.84 -14.28
N TYR A 351 12.24 22.05 -14.64
CA TYR A 351 13.11 21.41 -13.68
C TYR A 351 14.56 21.70 -14.07
N LEU A 352 15.35 22.13 -13.08
CA LEU A 352 16.78 22.30 -13.28
C LEU A 352 17.49 21.11 -12.64
N PRO A 353 17.69 20.01 -13.37
CA PRO A 353 18.22 18.80 -12.73
C PRO A 353 19.59 18.99 -12.11
N LYS A 354 20.45 19.82 -12.70
CA LYS A 354 21.80 19.96 -12.16
C LYS A 354 21.80 20.44 -10.73
N ILE A 355 20.79 21.22 -10.33
CA ILE A 355 20.61 21.63 -8.94
C ILE A 355 19.38 21.02 -8.31
N GLY A 356 18.63 20.20 -9.03
CA GLY A 356 17.43 19.59 -8.48
C GLY A 356 16.39 20.62 -8.07
N PHE A 357 16.19 21.65 -8.87
CA PHE A 357 15.22 22.70 -8.59
C PHE A 357 14.06 22.59 -9.56
N SER A 358 12.85 22.54 -9.02
CA SER A 358 11.63 22.51 -9.82
C SER A 358 10.85 23.80 -9.58
N PHE A 359 10.50 24.48 -10.67
CA PHE A 359 9.76 25.73 -10.59
C PHE A 359 8.31 25.38 -10.30
N ILE A 360 7.96 25.38 -9.02
CA ILE A 360 6.64 24.95 -8.56
C ILE A 360 5.77 26.20 -8.38
N ARG A 361 4.75 26.32 -9.22
CA ARG A 361 3.73 27.33 -9.03
C ARG A 361 2.63 26.76 -8.15
N GLN A 362 2.31 27.46 -7.06
CA GLN A 362 1.30 27.02 -6.11
C GLN A 362 0.16 28.02 -6.09
N TYR A 363 -1.03 27.56 -6.44
CA TYR A 363 -2.24 28.37 -6.34
C TYR A 363 -2.96 28.04 -5.04
N ASN A 364 -3.56 29.06 -4.44
CA ASN A 364 -4.38 28.89 -3.24
C ASN A 364 -5.54 29.86 -3.35
N SER A 365 -6.75 29.32 -3.53
CA SER A 365 -7.91 30.16 -3.77
C SER A 365 -8.19 31.13 -2.62
N GLN A 366 -7.66 30.87 -1.43
CA GLN A 366 -7.88 31.72 -0.28
C GLN A 366 -6.70 32.66 0.00
N MET A 367 -5.73 32.73 -0.92
CA MET A 367 -4.55 33.58 -0.72
C MET A 367 -4.76 34.93 -1.41
N ASP A 368 -5.64 35.73 -0.82
CA ASP A 368 -5.82 37.10 -1.29
C ASP A 368 -4.60 37.96 -1.04
N GLU A 369 -3.72 37.55 -0.13
CA GLU A 369 -2.48 38.28 0.10
C GLU A 369 -1.59 38.28 -1.13
N PHE A 370 -1.75 37.31 -2.02
CA PHE A 370 -0.99 37.25 -3.26
C PHE A 370 -1.86 37.62 -4.46
N ASP A 371 -2.84 38.49 -4.25
CA ASP A 371 -3.69 38.93 -5.36
C ASP A 371 -2.88 39.65 -6.42
N GLN A 372 -1.81 40.33 -6.04
CA GLN A 372 -0.94 41.05 -6.96
C GLN A 372 0.33 40.27 -7.27
N SER A 373 0.33 38.96 -7.05
CA SER A 373 1.51 38.15 -7.31
C SER A 373 1.95 38.29 -8.76
N MET A 374 3.26 38.40 -8.98
CA MET A 374 3.79 38.65 -10.30
C MET A 374 3.70 37.43 -11.22
N VAL A 375 3.32 36.27 -10.70
CA VAL A 375 3.09 35.08 -11.52
C VAL A 375 1.60 34.78 -11.64
N GLY A 376 0.74 35.73 -11.28
CA GLY A 376 -0.70 35.52 -11.33
C GLY A 376 -1.34 35.67 -9.97
N ALA A 377 -2.57 36.17 -9.93
CA ALA A 377 -3.25 36.40 -8.66
C ALA A 377 -3.39 35.11 -7.87
N ARG A 378 -3.03 35.16 -6.59
CA ARG A 378 -3.13 34.05 -5.66
C ARG A 378 -2.18 32.90 -6.00
N TRP A 379 -1.29 33.09 -6.97
CA TRP A 379 -0.27 32.11 -7.29
C TRP A 379 1.02 32.43 -6.54
N MET A 380 1.70 31.39 -6.08
CA MET A 380 3.00 31.51 -5.43
C MET A 380 4.02 30.72 -6.23
N MET A 381 5.13 31.37 -6.57
CA MET A 381 6.27 30.71 -7.17
C MET A 381 7.29 30.40 -6.09
N PRO A 382 8.31 29.60 -6.41
CA PRO A 382 9.34 29.32 -5.41
C PRO A 382 10.01 30.61 -4.94
N PHE A 383 10.31 30.66 -3.64
CA PHE A 383 10.97 31.78 -2.99
C PHE A 383 10.04 32.99 -2.81
N SER A 384 8.81 32.93 -3.29
CA SER A 384 7.88 34.05 -3.13
C SER A 384 7.42 34.21 -1.69
N ASN A 385 7.71 33.26 -0.82
CA ASN A 385 7.38 33.40 0.59
C ASN A 385 7.90 34.73 1.12
N MET A 386 7.17 35.29 2.09
CA MET A 386 7.50 36.62 2.60
C MET A 386 6.76 36.82 3.91
N ILE A 387 7.12 37.90 4.61
CA ILE A 387 6.47 38.31 5.85
C ILE A 387 5.81 39.66 5.61
N GLN A 388 4.53 39.75 5.94
CA GLN A 388 3.77 40.98 5.76
C GLN A 388 3.28 41.49 7.12
N GLN A 389 3.16 42.80 7.23
CA GLN A 389 2.67 43.43 8.45
C GLN A 389 1.15 43.51 8.42
N ASN A 390 0.53 43.10 9.52
CA ASN A 390 -0.91 43.23 9.69
C ASN A 390 -1.18 43.83 11.06
N ALA A 391 -2.47 44.04 11.36
CA ALA A 391 -2.83 44.65 12.64
C ALA A 391 -2.37 43.79 13.81
N GLN A 392 -2.56 42.47 13.70
CA GLN A 392 -2.12 41.58 14.77
C GLN A 392 -0.61 41.62 14.94
N GLY A 393 0.12 41.66 13.83
CA GLY A 393 1.57 41.64 13.88
C GLY A 393 2.19 41.28 12.54
N TYR A 394 3.11 40.31 12.55
CA TYR A 394 3.77 39.86 11.34
C TYR A 394 3.14 38.55 10.87
N LEU A 395 2.80 38.49 9.59
CA LEU A 395 2.24 37.30 8.97
C LEU A 395 3.27 36.71 8.01
N PHE A 396 3.60 35.44 8.22
CA PHE A 396 4.56 34.75 7.38
C PHE A 396 3.84 33.69 6.54
N ILE A 397 4.06 33.74 5.24
CA ILE A 397 3.49 32.79 4.30
C ILE A 397 4.63 31.92 3.80
N ASP A 398 4.66 30.66 4.24
CA ASP A 398 5.75 29.77 3.88
C ASP A 398 5.62 29.36 2.42
N SER A 399 6.61 28.57 1.96
CA SER A 399 6.62 28.17 0.56
C SER A 399 5.39 27.32 0.22
N LYS A 400 4.99 26.43 1.14
CA LYS A 400 3.84 25.58 0.89
C LYS A 400 2.53 26.35 0.86
N GLY A 401 2.51 27.60 1.33
CA GLY A 401 1.33 28.42 1.31
C GLY A 401 0.57 28.49 2.62
N ARG A 402 1.10 27.89 3.70
CA ARG A 402 0.46 27.97 4.99
C ARG A 402 0.89 29.26 5.69
N LYS A 403 -0.05 29.88 6.40
CA LYS A 403 0.17 31.17 7.03
C LYS A 403 0.41 30.98 8.53
N HIS A 404 1.45 31.62 9.03
CA HIS A 404 1.80 31.58 10.46
C HIS A 404 1.90 33.00 10.98
N GLN A 405 1.00 33.36 11.89
CA GLN A 405 1.08 34.67 12.51
C GLN A 405 2.27 34.73 13.46
N LEU A 406 2.92 35.89 13.50
CA LEU A 406 4.06 36.11 14.38
C LEU A 406 3.88 37.39 15.16
N PRO A 407 4.40 37.46 16.38
CA PRO A 407 4.31 38.71 17.15
C PRO A 407 5.17 39.81 16.54
N VAL A 408 4.82 41.05 16.87
CA VAL A 408 5.61 42.18 16.42
C VAL A 408 7.01 42.17 17.03
N SER A 409 7.23 41.38 18.08
CA SER A 409 8.50 41.35 18.78
C SER A 409 9.53 40.43 18.14
N ILE A 410 9.18 39.74 17.06
CA ILE A 410 10.13 38.83 16.42
C ILE A 410 11.33 39.60 15.88
N ILE A 411 11.11 40.82 15.39
CA ILE A 411 12.20 41.64 14.89
C ILE A 411 13.20 42.03 15.97
N PHE A 412 12.84 41.85 17.24
CA PHE A 412 13.73 42.17 18.35
C PHE A 412 14.19 40.95 19.14
N GLU A 413 13.54 39.80 18.97
CA GLU A 413 13.93 38.60 19.70
C GLU A 413 13.54 37.38 18.89
N THR A 414 14.19 36.25 19.20
CA THR A 414 13.93 35.00 18.51
C THR A 414 12.57 34.45 18.90
N TYR A 415 11.92 33.78 17.95
CA TYR A 415 10.63 33.13 18.19
C TYR A 415 10.60 31.79 17.47
N GLU A 416 9.94 30.82 18.10
CA GLU A 416 9.77 29.48 17.56
C GLU A 416 8.29 29.15 17.50
N VAL A 417 7.86 28.53 16.40
CA VAL A 417 6.45 28.19 16.22
C VAL A 417 6.20 26.79 16.75
N PRO A 418 4.99 26.48 17.21
CA PRO A 418 4.72 25.13 17.74
C PRO A 418 4.31 24.14 16.66
N TYR A 419 4.58 22.87 16.93
CA TYR A 419 4.20 21.71 16.13
C TYR A 419 4.96 21.62 14.81
N GLU A 420 5.81 22.59 14.49
CA GLU A 420 6.56 22.58 13.24
C GLU A 420 8.06 22.43 13.46
N GLY A 421 8.63 23.21 14.37
CA GLY A 421 10.00 23.07 14.76
C GLY A 421 10.99 23.99 14.08
N TRP A 422 10.52 25.01 13.37
CA TRP A 422 11.40 25.97 12.71
C TRP A 422 11.35 27.30 13.46
N ILE A 423 12.51 27.95 13.57
CA ILE A 423 12.69 29.14 14.40
C ILE A 423 12.97 30.33 13.50
N ILE A 424 12.51 31.49 13.93
CA ILE A 424 12.79 32.76 13.27
C ILE A 424 13.52 33.66 14.27
N LYS A 425 14.65 34.21 13.85
CA LYS A 425 15.43 35.12 14.67
C LYS A 425 15.78 36.38 13.88
N PRO A 426 15.89 37.51 14.54
CA PRO A 426 16.23 38.75 13.84
C PRO A 426 17.74 38.99 13.77
N LEU A 427 18.11 40.05 13.08
CA LEU A 427 19.51 40.49 12.97
C LEU A 427 19.57 41.99 13.18
N LYS A 428 20.74 42.46 13.58
CA LYS A 428 20.92 43.88 13.87
C LYS A 428 20.75 44.75 12.63
N ASN A 429 20.84 44.16 11.45
CA ASN A 429 20.73 44.91 10.19
C ASN A 429 19.29 45.01 9.69
N GLY A 430 18.32 44.53 10.47
CA GLY A 430 16.93 44.56 10.07
C GLY A 430 16.47 43.37 9.26
N GLU A 431 17.29 42.33 9.14
CA GLU A 431 16.94 41.11 8.43
C GLU A 431 16.60 40.02 9.44
N LEU A 432 15.72 39.11 9.03
CA LEU A 432 15.31 38.00 9.87
C LEU A 432 15.75 36.70 9.23
N ILE A 433 16.40 35.84 10.02
CA ILE A 433 16.90 34.55 9.56
C ILE A 433 15.91 33.49 9.98
N LEU A 434 15.52 32.63 9.04
CA LEU A 434 14.57 31.56 9.28
C LEU A 434 15.29 30.22 9.17
N ASP A 435 15.23 29.42 10.22
CA ASP A 435 15.81 28.09 10.26
C ASP A 435 14.68 27.09 10.09
N PHE A 436 14.50 26.60 8.87
CA PHE A 436 13.38 25.75 8.53
C PHE A 436 13.65 24.28 8.85
N GLY A 437 14.83 23.95 9.35
CA GLY A 437 15.21 22.57 9.59
C GLY A 437 16.25 22.10 8.59
N GLY A 438 17.51 22.10 8.99
CA GLY A 438 18.60 21.76 8.11
C GLY A 438 19.73 22.77 8.16
N GLU A 439 20.56 22.80 7.12
CA GLU A 439 21.69 23.72 7.04
C GLU A 439 21.36 24.98 6.25
N TRP A 440 20.12 25.15 5.82
CA TRP A 440 19.72 26.29 4.99
C TRP A 440 19.12 27.38 5.87
N ARG A 441 19.63 28.60 5.72
CA ARG A 441 19.12 29.77 6.41
C ARG A 441 18.57 30.75 5.38
N SER A 442 17.38 31.26 5.63
CA SER A 442 16.70 32.16 4.70
C SER A 442 16.76 33.58 5.26
N HIS A 443 17.24 34.51 4.44
CA HIS A 443 17.38 35.91 4.82
C HIS A 443 16.25 36.72 4.18
N PHE A 444 15.62 37.56 4.98
CA PHE A 444 14.48 38.37 4.54
C PHE A 444 14.77 39.84 4.79
N GLN A 445 14.52 40.67 3.78
CA GLN A 445 14.71 42.11 3.88
C GLN A 445 13.42 42.82 3.51
N SER A 446 13.20 43.96 4.16
CA SER A 446 12.04 44.81 3.87
C SER A 446 12.52 46.09 3.18
N PHE A 447 11.90 46.42 2.06
CA PHE A 447 12.28 47.57 1.26
C PHE A 447 11.35 48.77 1.47
N ASP A 448 10.35 48.66 2.34
CA ASP A 448 9.43 49.77 2.61
C ASP A 448 9.07 49.76 4.10
N GLY A 449 9.85 50.49 4.89
CA GLY A 449 9.51 50.76 6.27
C GLY A 449 9.20 49.52 7.10
N GLY A 450 9.85 48.41 6.78
CA GLY A 450 9.58 47.17 7.51
C GLY A 450 8.16 46.69 7.38
N LYS A 451 7.53 46.91 6.23
CA LYS A 451 6.16 46.47 5.99
C LYS A 451 6.12 45.08 5.38
N ASN A 452 6.80 44.89 4.25
CA ASN A 452 6.85 43.62 3.55
C ASN A 452 8.29 43.15 3.49
N TYR A 453 8.58 42.03 4.14
CA TYR A 453 9.91 41.43 4.12
C TYR A 453 9.98 40.40 3.00
N TYR A 454 10.85 40.64 2.02
CA TYR A 454 11.02 39.73 0.90
C TYR A 454 12.28 38.89 1.10
N LEU A 455 12.29 37.71 0.47
CA LEU A 455 13.44 36.82 0.54
C LEU A 455 14.52 37.36 -0.40
N VAL A 456 15.59 37.91 0.16
CA VAL A 456 16.66 38.47 -0.65
C VAL A 456 17.75 37.45 -0.95
N LYS A 457 17.98 36.49 -0.05
CA LYS A 457 19.06 35.55 -0.25
C LYS A 457 18.92 34.40 0.74
N LYS A 458 19.55 33.27 0.40
CA LYS A 458 19.55 32.08 1.23
C LYS A 458 20.99 31.65 1.51
N MET A 459 21.18 31.07 2.70
CA MET A 459 22.49 30.71 3.22
C MET A 459 22.53 29.23 3.55
N ASN A 460 23.46 28.51 2.91
CA ASN A 460 23.87 27.18 3.37
C ASN A 460 25.19 27.36 4.10
N GLU A 461 25.13 27.46 5.43
CA GLU A 461 26.32 27.82 6.21
C GLU A 461 27.44 26.80 6.02
N THR A 462 27.11 25.51 6.03
CA THR A 462 28.13 24.47 5.96
C THR A 462 28.71 24.36 4.55
N SER A 463 27.85 24.05 3.58
CA SER A 463 28.32 23.85 2.21
C SER A 463 28.71 25.14 1.51
N GLN A 464 28.40 26.30 2.10
CA GLN A 464 28.63 27.63 1.54
C GLN A 464 27.75 27.89 0.32
N GLU A 465 26.87 26.96 -0.05
CA GLU A 465 25.93 27.21 -1.13
C GLU A 465 24.98 28.33 -0.73
N GLU A 466 24.58 29.12 -1.71
CA GLU A 466 23.71 30.25 -1.41
C GLU A 466 22.98 30.67 -2.69
N ILE A 467 21.88 31.39 -2.48
CA ILE A 467 21.03 31.89 -3.56
C ILE A 467 20.72 33.34 -3.29
N LEU A 468 20.84 34.18 -4.30
CA LEU A 468 20.52 35.60 -4.19
C LEU A 468 19.27 35.93 -4.98
N LEU A 469 18.48 36.86 -4.46
CA LEU A 469 17.27 37.35 -5.12
C LEU A 469 17.47 38.83 -5.40
N GLU A 470 17.43 39.20 -6.68
CA GLU A 470 17.56 40.60 -7.10
C GLU A 470 16.18 41.15 -7.39
N TYR A 471 15.81 42.23 -6.71
CA TYR A 471 14.49 42.81 -6.79
C TYR A 471 14.55 44.15 -7.49
N LEU A 472 13.67 44.35 -8.47
CA LEU A 472 13.51 45.64 -9.13
C LEU A 472 12.45 46.43 -8.38
N LEU A 473 12.86 47.49 -7.70
CA LEU A 473 11.97 48.28 -6.86
C LEU A 473 11.37 49.42 -7.68
N LEU A 474 10.05 49.39 -7.84
CA LEU A 474 9.31 50.43 -8.55
C LEU A 474 8.22 50.96 -7.62
N ASP A 475 8.24 52.26 -7.37
CA ASP A 475 7.25 52.90 -6.49
C ASP A 475 7.20 52.19 -5.14
N HIS A 476 8.36 51.86 -4.61
CA HIS A 476 8.48 51.17 -3.32
C HIS A 476 7.82 49.79 -3.37
N ILE A 477 7.71 49.21 -4.55
CA ILE A 477 7.18 47.86 -4.74
C ILE A 477 8.31 47.01 -5.32
N ALA A 478 8.67 45.95 -4.60
CA ALA A 478 9.79 45.10 -4.98
C ALA A 478 9.28 43.99 -5.90
N TYR A 479 9.87 43.91 -7.09
CA TYR A 479 9.54 42.88 -8.08
C TYR A 479 10.78 42.03 -8.30
N LEU A 480 10.67 40.73 -8.04
CA LEU A 480 11.81 39.84 -8.25
C LEU A 480 12.26 39.89 -9.71
N LYS A 481 13.56 40.02 -9.90
CA LYS A 481 14.13 40.23 -11.23
C LYS A 481 15.02 39.09 -11.68
N VAL A 482 15.93 38.63 -10.82
CA VAL A 482 16.86 37.55 -11.17
C VAL A 482 17.08 36.69 -9.94
N ILE A 483 17.24 35.38 -10.18
CA ILE A 483 17.60 34.42 -9.14
C ILE A 483 18.98 33.88 -9.47
N ASN A 484 19.92 34.03 -8.54
CA ASN A 484 21.29 33.58 -8.72
C ASN A 484 21.46 32.27 -7.96
N PHE A 485 21.65 31.18 -8.70
CA PHE A 485 21.83 29.85 -8.09
C PHE A 485 23.31 29.52 -8.00
N LYS A 486 24.04 30.29 -7.20
CA LYS A 486 25.48 30.06 -7.00
C LYS A 486 25.63 28.88 -6.05
N LEU A 487 25.54 27.68 -6.62
CA LEU A 487 25.65 26.43 -5.89
C LEU A 487 26.82 25.63 -6.44
N LYS A 488 27.39 24.78 -5.58
CA LYS A 488 28.54 23.99 -6.01
C LYS A 488 28.18 23.07 -7.17
N GLN A 489 26.92 22.65 -7.26
CA GLN A 489 26.49 21.80 -8.38
C GLN A 489 26.65 22.54 -9.71
N ALA A 490 26.22 23.80 -9.76
CA ALA A 490 26.31 24.60 -10.97
C ALA A 490 25.81 26.01 -10.65
N GLU A 491 26.21 26.96 -11.50
CA GLU A 491 25.77 28.34 -11.39
C GLU A 491 24.70 28.58 -12.45
N TYR A 492 23.51 28.98 -12.01
CA TYR A 492 22.38 29.21 -12.89
C TYR A 492 21.84 30.62 -12.69
N GLU A 493 21.47 31.25 -13.80
CA GLU A 493 20.95 32.62 -13.81
C GLU A 493 19.52 32.57 -14.33
N LEU A 494 18.55 32.62 -13.41
CA LEU A 494 17.14 32.66 -13.77
C LEU A 494 16.70 34.11 -13.84
N LYS A 495 16.44 34.60 -15.04
CA LYS A 495 15.97 35.96 -15.26
C LYS A 495 14.54 35.93 -15.79
N PHE A 496 13.77 36.94 -15.40
CA PHE A 496 12.35 37.02 -15.73
C PHE A 496 12.09 38.18 -16.68
N ALA A 497 11.20 37.95 -17.64
CA ALA A 497 10.70 38.99 -18.52
C ALA A 497 9.27 39.32 -18.11
N PHE A 498 8.97 40.61 -18.01
CA PHE A 498 7.67 41.07 -17.54
C PHE A 498 6.95 41.80 -18.66
N ASN A 499 5.62 41.84 -18.54
CA ASN A 499 4.78 42.60 -19.45
C ASN A 499 4.47 43.95 -18.82
N GLU A 500 3.57 44.71 -19.46
CA GLU A 500 3.26 46.05 -18.98
C GLU A 500 2.67 46.04 -17.57
N GLN A 501 2.09 44.92 -17.13
CA GLN A 501 1.54 44.80 -15.79
C GLN A 501 2.56 44.33 -14.77
N VAL A 502 3.82 44.15 -15.16
CA VAL A 502 4.85 43.65 -14.29
C VAL A 502 4.47 42.24 -13.84
N LYS A 503 4.03 41.42 -14.79
CA LYS A 503 3.73 40.02 -14.56
C LYS A 503 4.73 39.18 -15.34
N ILE A 504 5.28 38.15 -14.70
CA ILE A 504 6.25 37.29 -15.36
C ILE A 504 5.59 36.61 -16.55
N ILE A 505 6.07 36.91 -17.75
CA ILE A 505 5.58 36.27 -18.97
C ILE A 505 6.58 35.30 -19.57
N ALA A 506 7.82 35.27 -19.08
CA ALA A 506 8.81 34.32 -19.57
C ALA A 506 9.92 34.21 -18.54
N VAL A 507 10.38 32.98 -18.32
CA VAL A 507 11.49 32.69 -17.42
C VAL A 507 12.63 32.14 -18.25
N PHE A 508 13.78 32.80 -18.19
CA PHE A 508 14.94 32.44 -19.00
C PHE A 508 16.06 31.94 -18.11
N LEU A 509 16.85 31.00 -18.63
CA LEU A 509 17.99 30.42 -17.93
C LEU A 509 19.26 30.91 -18.59
N ASP A 510 20.11 31.59 -17.82
CA ASP A 510 21.38 32.08 -18.32
C ASP A 510 21.19 32.82 -19.64
N ASP A 511 21.79 32.32 -20.72
CA ASP A 511 21.73 32.96 -22.02
C ASP A 511 20.92 32.16 -23.04
N LYS A 512 20.24 31.11 -22.60
CA LYS A 512 19.44 30.31 -23.52
C LYS A 512 18.31 31.16 -24.12
N ALA A 513 18.14 31.05 -25.43
CA ALA A 513 17.12 31.83 -26.11
C ALA A 513 15.72 31.28 -25.88
N GLU A 514 15.58 29.97 -25.69
CA GLU A 514 14.28 29.35 -25.49
C GLU A 514 13.91 29.45 -24.01
N PRO A 515 12.87 30.19 -23.65
CA PRO A 515 12.53 30.33 -22.23
C PRO A 515 12.13 29.01 -21.60
N LEU A 516 12.44 28.87 -20.31
CA LEU A 516 12.03 27.67 -19.59
C LEU A 516 10.52 27.65 -19.37
N ALA A 517 9.89 28.82 -19.26
CA ALA A 517 8.46 28.90 -19.06
C ALA A 517 7.93 30.16 -19.73
N ARG A 518 6.67 30.11 -20.13
CA ARG A 518 5.96 31.27 -20.65
C ARG A 518 4.58 31.32 -20.02
N TYR A 519 4.12 32.53 -19.70
CA TYR A 519 2.86 32.72 -19.00
C TYR A 519 2.05 33.79 -19.70
N GLU A 520 0.72 33.64 -19.64
CA GLU A 520 -0.22 34.64 -20.13
C GLU A 520 -1.20 34.98 -19.02
N TYR A 521 -1.70 36.21 -19.06
CA TYR A 521 -2.59 36.71 -18.03
C TYR A 521 -3.79 37.39 -18.66
N ASP A 522 -4.90 37.39 -17.92
CA ASP A 522 -6.09 38.12 -18.34
C ASP A 522 -6.01 39.55 -17.82
N THR A 523 -6.98 40.37 -18.21
CA THR A 523 -6.97 41.76 -17.80
C THR A 523 -7.06 41.92 -16.29
N GLN A 524 -7.54 40.91 -15.58
CA GLN A 524 -7.69 40.96 -14.13
C GLN A 524 -6.46 40.48 -13.39
N GLY A 525 -5.40 40.10 -14.09
CA GLY A 525 -4.18 39.64 -13.46
C GLY A 525 -4.15 38.17 -13.11
N ASN A 526 -5.14 37.39 -13.55
CA ASN A 526 -5.14 35.97 -13.29
C ASN A 526 -4.24 35.25 -14.29
N LEU A 527 -3.49 34.26 -13.79
CA LEU A 527 -2.67 33.43 -14.65
C LEU A 527 -3.58 32.44 -15.37
N ILE A 528 -3.74 32.62 -16.69
CA ILE A 528 -4.70 31.85 -17.47
C ILE A 528 -4.03 30.83 -18.39
N LYS A 529 -2.70 30.84 -18.50
CA LYS A 529 -2.01 29.89 -19.35
C LYS A 529 -0.55 29.82 -18.92
N ALA A 530 -0.04 28.60 -18.78
CA ALA A 530 1.35 28.37 -18.39
C ALA A 530 1.95 27.34 -19.32
N ILE A 531 2.98 27.72 -20.05
CA ILE A 531 3.68 26.83 -20.96
C ILE A 531 4.97 26.37 -20.29
N ASP A 532 5.16 25.06 -20.19
CA ASP A 532 6.30 24.49 -19.50
C ASP A 532 7.52 24.47 -20.43
N GLN A 533 8.65 24.00 -19.88
CA GLN A 533 9.89 23.97 -20.66
C GLN A 533 9.80 23.04 -21.85
N ASN A 534 8.89 22.06 -21.82
CA ASN A 534 8.70 21.15 -22.93
C ASN A 534 7.65 21.64 -23.92
N GLY A 535 7.15 22.87 -23.75
CA GLY A 535 6.18 23.43 -24.64
C GLY A 535 4.74 23.03 -24.38
N HIS A 536 4.50 22.25 -23.33
CA HIS A 536 3.15 21.80 -23.02
C HIS A 536 2.39 22.87 -22.24
N THR A 537 1.10 22.99 -22.52
CA THR A 537 0.29 24.09 -22.05
C THR A 537 -0.68 23.62 -20.98
N ARG A 538 -0.82 24.42 -19.92
CA ARG A 538 -1.86 24.25 -18.92
C ARG A 538 -2.68 25.53 -18.87
N THR A 539 -4.00 25.39 -18.97
CA THR A 539 -4.90 26.53 -18.98
C THR A 539 -5.64 26.62 -17.65
N TYR A 540 -5.95 27.85 -17.25
CA TYR A 540 -6.67 28.12 -16.02
C TYR A 540 -7.82 29.07 -16.30
N GLU A 541 -8.94 28.82 -15.64
CA GLU A 541 -10.14 29.63 -15.78
C GLU A 541 -10.58 30.12 -14.42
N TYR A 542 -11.04 31.37 -14.36
CA TYR A 542 -11.43 32.00 -13.10
C TYR A 542 -12.76 32.71 -13.29
N ASN A 543 -13.44 32.92 -12.17
CA ASN A 543 -14.56 33.84 -12.15
C ASN A 543 -14.00 35.26 -12.04
N GLN A 544 -14.85 36.24 -11.75
CA GLN A 544 -14.42 37.63 -11.65
C GLN A 544 -13.78 37.94 -10.30
N PHE A 545 -13.41 36.93 -9.52
CA PHE A 545 -12.87 37.16 -8.18
C PHE A 545 -11.65 36.30 -7.91
N HIS A 546 -10.88 35.98 -8.94
CA HIS A 546 -9.60 35.26 -8.84
C HIS A 546 -9.76 33.84 -8.34
N GLN A 547 -10.98 33.32 -8.23
CA GLN A 547 -11.21 31.95 -7.78
C GLN A 547 -11.09 31.02 -8.97
N LEU A 548 -10.16 30.07 -8.88
CA LEU A 548 -9.92 29.12 -9.96
C LEU A 548 -11.11 28.18 -10.08
N THR A 549 -11.87 28.32 -11.17
CA THR A 549 -13.03 27.47 -11.40
C THR A 549 -12.73 26.27 -12.29
N ARG A 550 -11.67 26.34 -13.09
CA ARG A 550 -11.30 25.21 -13.92
C ARG A 550 -9.83 25.33 -14.29
N TYR A 551 -9.15 24.20 -14.31
CA TYR A 551 -7.77 24.13 -14.78
C TYR A 551 -7.57 22.78 -15.48
N THR A 552 -6.74 22.79 -16.50
CA THR A 552 -6.48 21.60 -17.31
C THR A 552 -5.05 21.14 -17.08
N ASP A 553 -4.86 19.82 -17.10
CA ASP A 553 -3.52 19.27 -17.15
C ASP A 553 -2.93 19.52 -18.55
N ARG A 554 -1.71 19.05 -18.77
CA ARG A 554 -1.05 19.31 -20.04
C ARG A 554 -1.70 18.60 -21.22
N THR A 555 -2.61 17.67 -20.97
CA THR A 555 -3.36 17.01 -22.04
C THR A 555 -4.72 17.65 -22.28
N GLY A 556 -5.05 18.73 -21.58
CA GLY A 556 -6.31 19.40 -21.76
C GLY A 556 -7.46 18.85 -20.93
N ARG A 557 -7.19 17.88 -20.06
CA ARG A 557 -8.25 17.30 -19.23
C ARG A 557 -8.50 18.22 -18.04
N GLY A 558 -9.73 18.69 -17.92
CA GLY A 558 -10.05 19.74 -16.97
C GLY A 558 -10.54 19.22 -15.64
N GLN A 559 -10.20 19.97 -14.59
CA GLN A 559 -10.73 19.78 -13.25
C GLN A 559 -11.49 21.04 -12.88
N ASN A 560 -12.71 20.87 -12.37
CA ASN A 560 -13.60 21.99 -12.09
C ASN A 560 -13.79 22.16 -10.58
N ILE A 561 -13.94 23.41 -10.16
CA ILE A 561 -14.11 23.75 -8.76
C ILE A 561 -15.21 24.79 -8.64
N ARG A 562 -16.04 24.66 -7.60
CA ARG A 562 -17.03 25.67 -7.26
C ARG A 562 -16.87 26.03 -5.80
N TYR A 563 -17.20 27.27 -5.48
CA TYR A 563 -16.96 27.84 -4.17
C TYR A 563 -18.27 28.30 -3.56
N GLU A 564 -18.33 28.27 -2.23
CA GLU A 564 -19.55 28.67 -1.54
C GLU A 564 -19.89 30.13 -1.80
N SER A 565 -18.88 30.99 -1.87
CA SER A 565 -19.09 32.41 -2.13
C SER A 565 -17.90 32.94 -2.93
N THR A 566 -18.02 34.17 -3.38
CA THR A 566 -16.97 34.82 -4.14
C THR A 566 -15.93 35.51 -3.27
N GLU A 567 -16.12 35.51 -1.95
CA GLU A 567 -15.14 36.12 -1.07
C GLU A 567 -13.86 35.27 -1.05
N ALA A 568 -12.76 35.94 -0.70
CA ALA A 568 -11.46 35.27 -0.73
C ALA A 568 -11.43 34.09 0.24
N LYS A 569 -11.99 34.25 1.43
CA LYS A 569 -12.00 33.20 2.43
C LYS A 569 -13.03 32.13 2.15
N ALA A 570 -13.74 32.20 1.02
CA ALA A 570 -14.74 31.20 0.70
C ALA A 570 -14.11 29.83 0.53
N LYS A 571 -14.79 28.82 1.03
CA LYS A 571 -14.35 27.44 0.89
C LYS A 571 -14.80 26.88 -0.45
N ALA A 572 -13.97 26.02 -1.03
CA ALA A 572 -14.38 25.23 -2.18
C ALA A 572 -15.30 24.13 -1.69
N ILE A 573 -16.47 24.00 -2.32
CA ILE A 573 -17.51 23.09 -1.85
C ILE A 573 -17.85 22.02 -2.87
N GLU A 574 -17.18 22.01 -4.02
CA GLU A 574 -17.55 21.08 -5.08
C GLU A 574 -16.42 21.02 -6.09
N GLU A 575 -16.13 19.82 -6.57
CA GLU A 575 -15.13 19.62 -7.61
C GLU A 575 -15.50 18.40 -8.41
N TRP A 576 -15.16 18.43 -9.70
CA TRP A 576 -15.45 17.31 -10.58
C TRP A 576 -14.60 17.44 -11.83
N ALA A 577 -14.24 16.29 -12.41
CA ALA A 577 -13.59 16.27 -13.69
C ALA A 577 -14.58 16.67 -14.79
N ASP A 578 -14.04 17.09 -15.93
CA ASP A 578 -14.89 17.60 -17.01
C ASP A 578 -16.01 16.61 -17.35
N ASP A 579 -15.71 15.32 -17.35
CA ASP A 579 -16.69 14.32 -17.71
C ASP A 579 -17.68 14.01 -16.59
N GLY A 580 -17.48 14.58 -15.41
CA GLY A 580 -18.35 14.33 -14.28
C GLY A 580 -17.80 13.34 -13.27
N SER A 581 -16.71 12.64 -13.61
CA SER A 581 -16.13 11.69 -12.68
C SER A 581 -15.55 12.39 -11.46
N PHE A 582 -15.52 11.66 -10.35
CA PHE A 582 -14.97 12.18 -9.09
C PHE A 582 -15.67 13.46 -8.66
N HIS A 583 -16.97 13.56 -8.95
CA HIS A 583 -17.76 14.71 -8.52
C HIS A 583 -17.87 14.66 -7.00
N THR A 584 -17.12 15.52 -6.32
CA THR A 584 -17.05 15.54 -4.87
C THR A 584 -17.76 16.79 -4.36
N LYS A 585 -18.65 16.60 -3.39
CA LYS A 585 -19.34 17.70 -2.72
C LYS A 585 -18.86 17.76 -1.28
N LEU A 586 -18.54 18.96 -0.80
CA LEU A 586 -18.07 19.16 0.56
C LEU A 586 -19.06 20.02 1.30
N LYS A 587 -19.46 19.57 2.48
CA LYS A 587 -20.37 20.31 3.36
C LYS A 587 -19.72 20.40 4.72
N TRP A 588 -19.37 21.61 5.15
CA TRP A 588 -18.74 21.80 6.43
C TRP A 588 -19.81 21.93 7.52
N HIS A 589 -19.57 21.28 8.65
CA HIS A 589 -20.54 21.28 9.73
C HIS A 589 -20.74 22.70 10.24
N PRO A 590 -21.98 23.11 10.50
CA PRO A 590 -22.20 24.48 11.00
C PRO A 590 -21.50 24.77 12.31
N ARG A 591 -21.36 23.78 13.19
CA ARG A 591 -20.90 24.01 14.55
C ARG A 591 -19.54 23.38 14.86
N LEU A 592 -19.19 22.27 14.23
CA LEU A 592 -17.98 21.53 14.57
C LEU A 592 -16.96 21.64 13.45
N ARG A 593 -15.71 21.28 13.78
CA ARG A 593 -14.64 21.19 12.80
C ARG A 593 -14.74 19.87 12.04
N GLN A 594 -15.87 19.72 11.35
CA GLN A 594 -16.17 18.51 10.59
C GLN A 594 -16.63 18.90 9.20
N VAL A 595 -16.25 18.10 8.21
CA VAL A 595 -16.69 18.26 6.84
C VAL A 595 -17.18 16.90 6.33
N ALA A 596 -18.35 16.90 5.71
CA ALA A 596 -18.88 15.71 5.06
C ALA A 596 -18.50 15.77 3.59
N VAL A 597 -17.75 14.78 3.12
CA VAL A 597 -17.26 14.72 1.75
C VAL A 597 -18.06 13.64 1.03
N TYR A 598 -18.90 14.06 0.10
CA TYR A 598 -19.74 13.16 -0.67
C TYR A 598 -19.07 12.82 -1.98
N ASP A 599 -18.91 11.52 -2.24
CA ASP A 599 -18.25 11.06 -3.46
C ASP A 599 -19.22 11.21 -4.64
N ALA A 600 -18.83 10.69 -5.80
CA ALA A 600 -19.64 10.86 -7.00
C ALA A 600 -21.02 10.23 -6.86
N TYR A 601 -21.20 9.31 -5.92
CA TYR A 601 -22.49 8.67 -5.67
C TYR A 601 -23.12 9.11 -4.37
N ASP A 602 -22.74 10.30 -3.88
CA ASP A 602 -23.32 10.87 -2.66
C ASP A 602 -23.07 9.98 -1.44
N VAL A 603 -22.03 9.17 -1.50
CA VAL A 603 -21.61 8.37 -0.35
C VAL A 603 -20.76 9.28 0.54
N PRO A 604 -21.18 9.59 1.76
CA PRO A 604 -20.43 10.54 2.58
C PRO A 604 -19.29 9.91 3.35
N THR A 605 -18.19 10.65 3.43
CA THR A 605 -17.11 10.37 4.37
C THR A 605 -16.95 11.60 5.25
N TYR A 606 -16.98 11.40 6.56
CA TYR A 606 -16.94 12.50 7.51
C TYR A 606 -15.55 12.59 8.11
N TYR A 607 -14.96 13.79 8.03
CA TYR A 607 -13.63 14.04 8.56
C TYR A 607 -13.73 15.07 9.67
N TYR A 608 -13.11 14.77 10.80
CA TYR A 608 -13.02 15.69 11.91
C TYR A 608 -11.56 16.13 12.04
N PHE A 609 -11.34 17.42 12.20
CA PHE A 609 -10.00 17.97 12.27
C PHE A 609 -9.87 18.87 13.49
N ASP A 610 -8.64 18.99 13.97
CA ASP A 610 -8.36 19.78 15.16
C ASP A 610 -8.19 21.26 14.80
N LEU A 611 -7.90 22.07 15.82
CA LEU A 611 -7.76 23.50 15.60
C LEU A 611 -6.63 23.81 14.62
N ASP A 612 -5.67 22.90 14.47
CA ASP A 612 -4.55 23.09 13.56
C ASP A 612 -4.75 22.35 12.24
N GLY A 613 -5.92 21.80 11.99
CA GLY A 613 -6.24 21.18 10.73
C GLY A 613 -5.92 19.69 10.64
N PHE A 614 -5.32 19.10 11.66
CA PHE A 614 -5.01 17.69 11.62
C PHE A 614 -6.28 16.86 11.73
N THR A 615 -6.46 15.92 10.80
CA THR A 615 -7.62 15.03 10.81
C THR A 615 -7.41 13.96 11.87
N TYR A 616 -8.15 14.07 12.98
CA TYR A 616 -8.01 13.13 14.08
C TYR A 616 -9.08 12.05 14.08
N ARG A 617 -10.09 12.14 13.22
CA ARG A 617 -11.15 11.16 13.21
C ARG A 617 -11.82 11.16 11.84
N THR A 618 -11.98 9.99 11.25
CA THR A 618 -12.67 9.82 9.98
C THR A 618 -13.74 8.77 10.16
N ARG A 619 -14.96 9.08 9.71
CA ARG A 619 -16.09 8.16 9.79
C ARG A 619 -16.59 7.87 8.40
N LEU A 620 -16.70 6.58 8.07
CA LEU A 620 -17.17 6.16 6.76
C LEU A 620 -18.69 6.07 6.75
N ALA A 621 -19.25 5.87 5.55
CA ALA A 621 -20.69 5.75 5.41
C ALA A 621 -21.22 4.54 6.17
N ASP A 622 -20.50 3.42 6.13
CA ASP A 622 -20.93 2.21 6.82
C ASP A 622 -20.84 2.33 8.33
N GLY A 623 -20.23 3.39 8.86
CA GLY A 623 -20.14 3.61 10.29
C GLY A 623 -18.78 3.32 10.89
N ARG A 624 -17.88 2.66 10.15
CA ARG A 624 -16.55 2.42 10.65
C ARG A 624 -15.79 3.73 10.79
N GLU A 625 -15.00 3.84 11.86
CA GLU A 625 -14.30 5.07 12.18
C GLU A 625 -12.81 4.78 12.36
N SER A 626 -11.98 5.72 11.92
CA SER A 626 -10.54 5.67 12.12
C SER A 626 -10.13 6.87 12.97
N TRP A 627 -9.42 6.61 14.05
CA TRP A 627 -9.05 7.64 15.01
C TRP A 627 -7.55 7.80 15.09
N TYR A 628 -7.12 9.03 15.36
CA TYR A 628 -5.72 9.35 15.65
C TYR A 628 -5.67 10.04 17.00
N SER A 629 -4.88 9.51 17.91
CA SER A 629 -4.58 10.17 19.17
C SER A 629 -3.24 10.88 19.03
N ARG A 630 -3.20 12.13 19.47
CA ARG A 630 -1.99 12.93 19.40
C ARG A 630 -1.68 13.51 20.77
N ASP A 631 -0.41 13.72 21.04
CA ASP A 631 0.03 14.29 22.30
C ASP A 631 0.12 15.81 22.18
N GLY A 632 0.63 16.46 23.22
CA GLY A 632 0.73 17.92 23.21
C GLY A 632 1.58 18.46 22.09
N LYS A 633 2.48 17.63 21.54
CA LYS A 633 3.32 18.03 20.42
C LYS A 633 2.74 17.57 19.08
N LYS A 634 1.49 17.13 19.06
CA LYS A 634 0.82 16.67 17.85
C LYS A 634 1.48 15.43 17.26
N ARG A 635 2.22 14.68 18.07
CA ARG A 635 2.78 13.40 17.63
C ARG A 635 1.72 12.32 17.79
N ILE A 636 1.52 11.53 16.74
CA ILE A 636 0.50 10.48 16.77
C ILE A 636 0.97 9.42 17.77
N THR A 637 0.22 9.28 18.87
CA THR A 637 0.54 8.27 19.88
C THR A 637 -0.26 6.98 19.71
N ARG A 638 -1.46 7.06 19.14
CA ARG A 638 -2.27 5.88 18.90
C ARG A 638 -3.09 6.08 17.64
N GLN A 639 -3.25 5.01 16.88
CA GLN A 639 -4.15 4.98 15.73
C GLN A 639 -5.00 3.73 15.82
N ILE A 640 -6.31 3.91 15.79
CA ILE A 640 -7.26 2.81 15.66
C ILE A 640 -7.89 2.95 14.28
N ASP A 641 -7.59 1.99 13.41
CA ASP A 641 -7.97 2.11 12.00
C ASP A 641 -9.43 1.70 11.82
N PHE A 642 -9.89 1.79 10.57
CA PHE A 642 -11.27 1.42 10.26
C PHE A 642 -11.55 -0.04 10.58
N ASP A 643 -10.61 -0.91 10.24
CA ASP A 643 -10.76 -2.34 10.48
C ASP A 643 -10.44 -2.74 11.91
N GLY A 644 -10.27 -1.78 12.82
CA GLY A 644 -10.06 -2.05 14.22
C GLY A 644 -8.61 -2.25 14.62
N ARG A 645 -7.67 -2.25 13.69
CA ARG A 645 -6.27 -2.41 14.04
C ARG A 645 -5.81 -1.22 14.85
N GLU A 646 -5.19 -1.48 16.00
CA GLU A 646 -4.68 -0.46 16.89
C GLU A 646 -3.16 -0.45 16.83
N THR A 647 -2.59 0.73 16.61
CA THR A 647 -1.15 0.93 16.65
C THR A 647 -0.84 2.01 17.67
N GLN A 648 0.13 1.75 18.54
CA GLN A 648 0.55 2.71 19.54
C GLN A 648 1.99 3.11 19.29
N GLN A 649 2.31 4.36 19.61
CA GLN A 649 3.65 4.89 19.53
C GLN A 649 3.95 5.67 20.80
N GLU A 650 5.10 5.41 21.40
CA GLU A 650 5.51 6.07 22.64
C GLU A 650 6.81 6.82 22.39
N TYR A 651 6.94 7.97 23.06
CA TYR A 651 8.11 8.82 22.92
C TYR A 651 8.69 9.08 24.31
N ASN A 652 10.01 9.27 24.35
CA ASN A 652 10.69 9.56 25.59
C ASN A 652 10.82 11.08 25.78
N ASP A 653 11.44 11.49 26.88
CA ASP A 653 11.59 12.91 27.17
C ASP A 653 12.45 13.61 26.13
N GLN A 654 13.21 12.88 25.34
CA GLN A 654 14.04 13.45 24.29
C GLN A 654 13.31 13.52 22.94
N ASP A 655 12.01 13.26 22.93
CA ASP A 655 11.21 13.32 21.70
C ASP A 655 11.71 12.30 20.69
N GLN A 656 12.07 11.12 21.16
CA GLN A 656 12.51 10.02 20.32
C GLN A 656 11.49 8.90 20.37
N LEU A 657 11.14 8.34 19.22
CA LEU A 657 10.23 7.21 19.16
C LEU A 657 10.93 6.00 19.75
N VAL A 658 10.49 5.57 20.94
CA VAL A 658 11.14 4.50 21.66
C VAL A 658 10.39 3.18 21.56
N LYS A 659 9.06 3.20 21.45
CA LYS A 659 8.28 1.96 21.41
C LYS A 659 7.17 2.07 20.38
N ILE A 660 6.96 0.97 19.66
CA ILE A 660 5.81 0.82 18.78
C ILE A 660 5.10 -0.46 19.18
N VAL A 661 3.80 -0.37 19.47
CA VAL A 661 2.97 -1.53 19.77
C VAL A 661 2.13 -1.81 18.53
N GLN A 662 2.35 -2.97 17.92
CA GLN A 662 1.67 -3.34 16.69
C GLN A 662 0.23 -3.78 16.98
N PRO A 663 -0.61 -3.84 15.94
CA PRO A 663 -1.97 -4.33 16.15
C PRO A 663 -2.02 -5.73 16.75
N ASN A 664 -1.09 -6.60 16.37
CA ASN A 664 -1.06 -7.96 16.92
C ASN A 664 -0.46 -8.02 18.32
N GLY A 665 -0.14 -6.88 18.93
CA GLY A 665 0.46 -6.84 20.24
C GLY A 665 1.97 -6.89 20.25
N GLY A 666 2.60 -7.15 19.10
CA GLY A 666 4.05 -7.15 19.06
C GLY A 666 4.61 -5.78 19.39
N ILE A 667 5.66 -5.76 20.20
CA ILE A 667 6.29 -4.53 20.68
C ILE A 667 7.62 -4.37 19.98
N ILE A 668 7.82 -3.21 19.35
CA ILE A 668 9.10 -2.83 18.76
C ILE A 668 9.70 -1.74 19.66
N ARG A 669 10.94 -1.93 20.08
CA ARG A 669 11.61 -0.99 20.96
C ARG A 669 12.82 -0.40 20.25
N PHE A 670 13.05 0.89 20.50
CA PHE A 670 14.18 1.61 19.92
C PHE A 670 15.01 2.21 21.05
N ALA A 671 16.33 2.20 20.86
CA ALA A 671 17.25 2.81 21.79
C ALA A 671 18.21 3.70 21.02
N TYR A 672 18.61 4.80 21.65
CA TYR A 672 19.43 5.81 21.02
C TYR A 672 20.65 6.10 21.87
N ASN A 673 21.74 6.50 21.23
CA ASN A 673 22.95 6.89 21.92
C ASN A 673 22.87 8.36 22.29
N LYS A 674 23.96 8.88 22.89
CA LYS A 674 23.98 10.27 23.34
C LYS A 674 23.83 11.25 22.19
N GLN A 675 24.19 10.85 20.97
CA GLN A 675 24.07 11.71 19.80
C GLN A 675 22.69 11.65 19.17
N GLY A 676 21.75 10.93 19.77
CA GLY A 676 20.43 10.81 19.19
C GLY A 676 20.35 9.89 17.99
N ASN A 677 21.30 8.97 17.86
CA ASN A 677 21.34 8.04 16.74
C ASN A 677 20.72 6.72 17.15
N LEU A 678 19.90 6.16 16.25
CA LEU A 678 19.22 4.89 16.51
C LEU A 678 20.25 3.76 16.47
N VAL A 679 20.62 3.26 17.65
CA VAL A 679 21.67 2.25 17.75
C VAL A 679 21.09 0.85 17.88
N GLU A 680 19.99 0.68 18.62
CA GLU A 680 19.42 -0.63 18.90
C GLU A 680 17.95 -0.65 18.47
N ILE A 681 17.58 -1.72 17.77
CA ILE A 681 16.19 -2.00 17.42
C ILE A 681 15.86 -3.40 17.89
N LYS A 682 14.87 -3.52 18.76
CA LYS A 682 14.40 -4.81 19.25
C LYS A 682 13.03 -5.09 18.65
N ASP A 683 12.92 -6.19 17.91
CA ASP A 683 11.70 -6.52 17.21
C ASP A 683 10.74 -7.26 18.14
N PRO A 684 9.50 -7.49 17.69
CA PRO A 684 8.51 -8.13 18.57
C PRO A 684 8.92 -9.49 19.06
N GLU A 685 9.76 -10.22 18.31
CA GLU A 685 10.23 -11.53 18.73
C GLU A 685 11.38 -11.46 19.73
N GLY A 686 11.87 -10.27 20.05
CA GLY A 686 12.98 -10.10 20.96
C GLY A 686 14.34 -10.06 20.31
N SER A 687 14.43 -10.27 19.00
CA SER A 687 15.70 -10.18 18.32
C SER A 687 16.14 -8.73 18.22
N ILE A 688 17.46 -8.51 18.31
CA ILE A 688 18.03 -7.19 18.46
C ILE A 688 18.87 -6.87 17.23
N TRP A 689 18.60 -5.72 16.61
CA TRP A 689 19.43 -5.18 15.54
C TRP A 689 20.23 -4.01 16.11
N LYS A 690 21.53 -4.00 15.87
CA LYS A 690 22.41 -2.96 16.37
C LYS A 690 22.98 -2.17 15.20
N ARG A 691 23.15 -0.87 15.43
CA ARG A 691 23.71 0.03 14.44
C ARG A 691 24.76 0.90 15.08
N GLU A 692 25.74 1.33 14.28
CA GLU A 692 26.74 2.30 14.71
C GLU A 692 26.91 3.31 13.59
N TYR A 693 27.31 4.53 13.97
CA TYR A 693 27.28 5.66 13.07
C TYR A 693 28.64 6.33 13.01
N ASP A 694 28.92 6.94 11.87
CA ASP A 694 30.12 7.73 11.68
C ASP A 694 29.84 9.16 12.15
N GLU A 695 30.76 10.08 11.84
CA GLU A 695 30.59 11.46 12.29
C GLU A 695 29.44 12.16 11.57
N ASN A 696 29.14 11.75 10.33
CA ASN A 696 28.10 12.39 9.54
C ASN A 696 26.72 11.80 9.79
N ARG A 697 26.52 11.13 10.94
CA ARG A 697 25.25 10.52 11.27
C ARG A 697 24.82 9.50 10.22
N ASN A 698 25.79 8.86 9.58
CA ASN A 698 25.53 7.81 8.60
C ASN A 698 25.77 6.45 9.25
N VAL A 699 24.90 5.49 8.96
CA VAL A 699 25.03 4.15 9.51
C VAL A 699 26.28 3.52 8.90
N SER A 700 27.31 3.34 9.72
CA SER A 700 28.57 2.75 9.27
C SER A 700 28.63 1.25 9.51
N LYS A 701 28.04 0.76 10.59
CA LYS A 701 28.08 -0.64 10.94
C LYS A 701 26.67 -1.12 11.31
N GLU A 702 26.29 -2.28 10.80
CA GLU A 702 24.99 -2.88 11.09
C GLU A 702 25.22 -4.31 11.56
N ILE A 703 24.78 -4.62 12.77
CA ILE A 703 24.89 -5.95 13.36
C ILE A 703 23.49 -6.51 13.51
N ASN A 704 23.21 -7.63 12.84
CA ASN A 704 21.91 -8.28 12.93
C ASN A 704 21.88 -9.19 14.15
N PRO A 705 20.70 -9.69 14.51
CA PRO A 705 20.59 -10.47 15.77
C PRO A 705 21.45 -11.71 15.81
N LEU A 706 21.89 -12.22 14.66
CA LEU A 706 22.76 -13.39 14.63
C LEU A 706 24.23 -13.03 14.70
N GLY A 707 24.56 -11.75 14.91
CA GLY A 707 25.92 -11.31 15.03
C GLY A 707 26.60 -10.96 13.72
N HIS A 708 25.94 -11.17 12.58
CA HIS A 708 26.55 -10.85 11.30
C HIS A 708 26.65 -9.34 11.12
N ILE A 709 27.81 -8.89 10.66
CA ILE A 709 28.16 -7.48 10.63
C ILE A 709 28.23 -7.02 9.17
N THR A 710 27.57 -5.90 8.88
CA THR A 710 27.69 -5.23 7.60
C THR A 710 28.23 -3.83 7.83
N GLN A 711 29.25 -3.45 7.06
CA GLN A 711 29.89 -2.15 7.19
C GLN A 711 29.62 -1.31 5.95
N TYR A 712 29.51 0.00 6.16
CA TYR A 712 29.20 0.94 5.10
C TYR A 712 30.17 2.11 5.13
N LYS A 713 30.54 2.60 3.94
CA LYS A 713 31.38 3.78 3.78
C LYS A 713 30.63 4.78 2.92
N TYR A 714 30.80 6.06 3.24
CA TYR A 714 30.08 7.13 2.56
C TYR A 714 31.06 8.21 2.12
N ASN A 715 30.73 8.85 1.00
CA ASN A 715 31.53 9.97 0.51
C ASN A 715 31.14 11.24 1.25
N ASN A 716 31.84 12.34 0.95
CA ASN A 716 31.53 13.62 1.58
C ASN A 716 30.10 14.06 1.30
N ASP A 717 29.51 13.58 0.20
CA ASP A 717 28.12 13.86 -0.13
C ASP A 717 27.17 13.14 0.80
N ASN A 718 27.68 12.22 1.63
CA ASN A 718 26.84 11.35 2.47
C ASN A 718 26.09 10.33 1.62
N GLN A 719 26.75 9.83 0.58
CA GLN A 719 26.20 8.83 -0.31
C GLN A 719 26.97 7.53 -0.16
N LEU A 720 26.25 6.42 -0.07
CA LEU A 720 26.88 5.13 0.13
C LEU A 720 27.87 4.83 -0.99
N VAL A 721 29.14 4.66 -0.63
CA VAL A 721 30.19 4.42 -1.60
C VAL A 721 30.80 3.02 -1.49
N GLU A 722 30.64 2.35 -0.36
CA GLU A 722 31.23 1.03 -0.18
C GLU A 722 30.51 0.32 0.96
N VAL A 723 30.11 -0.93 0.72
CA VAL A 723 29.49 -1.76 1.75
C VAL A 723 30.28 -3.06 1.83
N ILE A 724 30.68 -3.43 3.04
CA ILE A 724 31.39 -4.69 3.31
C ILE A 724 30.42 -5.62 4.02
N ASP A 725 30.09 -6.73 3.38
CA ASP A 725 29.11 -7.66 3.94
C ASP A 725 29.75 -8.51 5.02
N ALA A 726 28.93 -9.36 5.65
CA ALA A 726 29.40 -10.15 6.79
C ALA A 726 30.40 -11.22 6.38
N LYS A 727 30.50 -11.54 5.09
CA LYS A 727 31.48 -12.50 4.60
C LYS A 727 32.74 -11.84 4.07
N GLY A 728 32.86 -10.52 4.21
CA GLY A 728 34.03 -9.81 3.73
C GLY A 728 33.95 -9.29 2.32
N GLY A 729 32.91 -9.65 1.57
CA GLY A 729 32.76 -9.12 0.23
C GLY A 729 32.55 -7.62 0.25
N VAL A 730 33.10 -6.94 -0.76
CA VAL A 730 33.10 -5.48 -0.83
C VAL A 730 32.42 -5.07 -2.14
N LYS A 731 31.38 -4.24 -2.03
CA LYS A 731 30.72 -3.64 -3.17
C LYS A 731 31.13 -2.17 -3.26
N LYS A 732 31.37 -1.70 -4.48
CA LYS A 732 31.80 -0.33 -4.73
C LYS A 732 30.76 0.41 -5.56
N ILE A 733 30.45 1.63 -5.14
CA ILE A 733 29.52 2.50 -5.85
C ILE A 733 30.21 3.81 -6.18
N GLN A 734 30.08 4.26 -7.41
CA GLN A 734 30.61 5.54 -7.86
C GLN A 734 29.47 6.43 -8.33
N TYR A 735 29.61 7.73 -8.08
CA TYR A 735 28.60 8.70 -8.44
C TYR A 735 29.21 9.81 -9.29
N ASN A 736 28.39 10.42 -10.14
CA ASN A 736 28.81 11.60 -10.88
C ASN A 736 28.59 12.84 -10.01
N GLU A 737 28.94 14.00 -10.55
CA GLU A 737 28.82 15.24 -9.78
C GLU A 737 27.37 15.50 -9.38
N LEU A 738 26.41 15.02 -10.17
CA LEU A 738 25.00 15.17 -9.85
C LEU A 738 24.55 14.27 -8.70
N GLY A 739 25.40 13.35 -8.26
CA GLY A 739 24.99 12.40 -7.25
C GLY A 739 24.28 11.19 -7.79
N GLN A 740 24.40 10.92 -9.09
CA GLN A 740 23.77 9.78 -9.74
C GLN A 740 24.77 8.63 -9.83
N MET A 741 24.35 7.44 -9.42
CA MET A 741 25.22 6.28 -9.44
C MET A 741 25.62 5.97 -10.88
N ILE A 742 26.93 6.00 -11.14
CA ILE A 742 27.46 5.76 -12.48
C ILE A 742 28.22 4.45 -12.59
N SER A 743 28.56 3.81 -11.47
CA SER A 743 29.30 2.56 -11.49
C SER A 743 28.98 1.77 -10.24
N TYR A 744 28.71 0.47 -10.42
CA TYR A 744 28.46 -0.43 -9.31
C TYR A 744 29.28 -1.69 -9.53
N THR A 745 30.17 -1.99 -8.60
CA THR A 745 30.98 -3.20 -8.65
C THR A 745 30.52 -4.11 -7.52
N ASP A 746 30.11 -5.33 -7.87
CA ASP A 746 29.67 -6.29 -6.88
C ASP A 746 30.88 -6.88 -6.15
N CYS A 747 30.59 -7.66 -5.11
CA CYS A 747 31.66 -8.25 -4.31
C CYS A 747 32.48 -9.26 -5.09
N SER A 748 32.03 -9.68 -6.27
CA SER A 748 32.82 -10.54 -7.15
C SER A 748 33.66 -9.74 -8.13
N GLY A 749 33.65 -8.42 -8.05
CA GLY A 749 34.46 -7.60 -8.92
C GLY A 749 33.85 -7.27 -10.27
N LYS A 750 32.59 -7.64 -10.51
CA LYS A 750 31.92 -7.33 -11.76
C LYS A 750 31.30 -5.95 -11.68
N SER A 751 31.59 -5.10 -12.67
CA SER A 751 31.21 -3.70 -12.64
C SER A 751 30.23 -3.39 -13.77
N SER A 752 29.12 -2.75 -13.41
CA SER A 752 28.17 -2.22 -14.38
C SER A 752 28.11 -0.71 -14.22
N THR A 753 27.98 0.00 -15.35
CA THR A 753 28.09 1.45 -15.36
C THR A 753 26.89 2.08 -16.05
N TRP A 754 26.58 3.31 -15.66
CA TRP A 754 25.51 4.11 -16.23
C TRP A 754 26.08 5.43 -16.72
N GLU A 755 25.63 5.87 -17.89
CA GLU A 755 26.07 7.11 -18.50
C GLU A 755 24.90 8.09 -18.52
N TYR A 756 25.12 9.26 -17.94
CA TYR A 756 24.15 10.35 -17.96
C TYR A 756 24.73 11.53 -18.72
N ASP A 757 23.85 12.28 -19.39
CA ASP A 757 24.26 13.51 -20.03
C ASP A 757 24.44 14.62 -18.99
N GLU A 758 25.00 15.74 -19.42
CA GLU A 758 25.23 16.85 -18.51
C GLU A 758 23.94 17.20 -17.77
N ASP A 759 22.79 17.15 -18.46
CA ASP A 759 21.52 17.45 -17.81
C ASP A 759 21.24 16.47 -16.67
N GLY A 760 21.53 15.19 -16.90
CA GLY A 760 21.31 14.17 -15.88
C GLY A 760 20.31 13.11 -16.31
N ALA A 761 20.12 12.97 -17.62
CA ALA A 761 19.23 11.96 -18.17
C ALA A 761 20.03 10.73 -18.56
N LEU A 762 19.56 9.56 -18.13
CA LEU A 762 20.26 8.32 -18.41
C LEU A 762 20.34 8.10 -19.92
N THR A 763 21.54 8.17 -20.48
CA THR A 763 21.75 7.97 -21.91
C THR A 763 22.14 6.55 -22.26
N ALA A 764 22.78 5.82 -21.34
CA ALA A 764 23.18 4.46 -21.61
C ALA A 764 23.59 3.79 -20.30
N GLU A 765 23.38 2.49 -20.23
CA GLU A 765 23.85 1.68 -19.11
C GLU A 765 24.58 0.46 -19.67
N GLN A 766 25.69 0.10 -19.02
CA GLN A 766 26.57 -0.96 -19.48
C GLN A 766 26.58 -2.07 -18.46
N THR A 767 26.40 -3.31 -18.92
CA THR A 767 26.42 -4.47 -18.05
C THR A 767 27.87 -4.93 -17.82
N ALA A 768 28.03 -5.85 -16.86
CA ALA A 768 29.35 -6.36 -16.54
C ALA A 768 30.02 -7.01 -17.76
N ASN A 769 29.23 -7.61 -18.64
CA ASN A 769 29.75 -8.22 -19.85
C ASN A 769 29.83 -7.24 -21.01
N ASN A 770 29.83 -5.93 -20.73
CA ASN A 770 30.08 -4.90 -21.74
C ASN A 770 29.01 -4.90 -22.83
N LYS A 771 27.75 -4.98 -22.40
CA LYS A 771 26.61 -4.80 -23.28
C LYS A 771 25.90 -3.51 -22.90
N VAL A 772 25.65 -2.67 -23.89
CA VAL A 772 25.16 -1.31 -23.68
C VAL A 772 23.72 -1.21 -24.17
N VAL A 773 22.86 -0.67 -23.32
CA VAL A 773 21.50 -0.27 -23.70
C VAL A 773 21.49 1.25 -23.75
N GLN A 774 21.10 1.81 -24.89
CA GLN A 774 21.07 3.25 -25.08
C GLN A 774 19.63 3.75 -24.99
N TYR A 775 19.46 4.89 -24.31
CA TYR A 775 18.16 5.52 -24.13
C TYR A 775 18.13 6.85 -24.88
N PHE A 776 17.05 7.08 -25.61
CA PHE A 776 16.86 8.33 -26.34
C PHE A 776 15.52 8.92 -25.96
N TYR A 777 15.48 10.25 -25.90
CA TYR A 777 14.31 10.97 -25.41
C TYR A 777 13.76 11.88 -26.51
N SER A 778 12.45 12.09 -26.49
CA SER A 778 11.82 12.92 -27.50
C SER A 778 12.33 14.34 -27.41
N THR A 779 12.56 14.96 -28.57
CA THR A 779 13.00 16.34 -28.65
C THR A 779 11.88 17.27 -29.09
N LYS A 780 10.70 16.76 -29.40
CA LYS A 780 9.59 17.58 -29.89
C LYS A 780 8.29 16.81 -29.70
N GLY A 781 7.19 17.53 -29.83
CA GLY A 781 5.88 16.92 -29.81
C GLY A 781 5.28 16.84 -28.42
N ARG A 782 4.26 15.98 -28.31
CA ARG A 782 3.51 15.86 -27.06
C ARG A 782 4.33 15.24 -25.94
N ASP A 783 5.37 14.47 -26.26
CA ASP A 783 6.16 13.77 -25.26
C ASP A 783 7.60 14.28 -25.19
N LYS A 784 7.81 15.54 -25.54
CA LYS A 784 9.16 16.10 -25.52
C LYS A 784 9.77 15.93 -24.13
N GLY A 785 11.02 15.45 -24.11
CA GLY A 785 11.71 15.21 -22.86
C GLY A 785 11.45 13.85 -22.23
N GLN A 786 10.56 13.05 -22.82
CA GLN A 786 10.24 11.72 -22.30
C GLN A 786 10.97 10.65 -23.09
N LEU A 787 11.14 9.50 -22.46
CA LEU A 787 11.81 8.38 -23.11
C LEU A 787 11.10 8.05 -24.42
N GLN A 788 11.82 8.16 -25.53
CA GLN A 788 11.26 7.93 -26.84
C GLN A 788 11.63 6.55 -27.40
N SER A 789 12.89 6.14 -27.25
CA SER A 789 13.31 4.86 -27.79
C SER A 789 14.44 4.29 -26.96
N ILE A 790 14.59 2.97 -27.04
CA ILE A 790 15.67 2.24 -26.39
C ILE A 790 16.36 1.40 -27.46
N ILE A 791 17.68 1.47 -27.52
CA ILE A 791 18.47 0.66 -28.42
C ILE A 791 19.15 -0.42 -27.58
N TYR A 792 18.90 -1.67 -27.94
CA TYR A 792 19.43 -2.81 -27.21
C TYR A 792 20.76 -3.25 -27.82
N PRO A 793 21.58 -3.98 -27.05
CA PRO A 793 22.94 -4.32 -27.52
C PRO A 793 22.95 -4.99 -28.88
N ASP A 794 21.84 -5.62 -29.26
CA ASP A 794 21.75 -6.25 -30.57
C ASP A 794 21.40 -5.27 -31.68
N GLY A 795 21.20 -3.99 -31.35
CA GLY A 795 20.87 -2.99 -32.34
C GLY A 795 19.39 -2.80 -32.61
N LEU A 796 18.53 -3.62 -32.00
CA LEU A 796 17.09 -3.46 -32.18
C LEU A 796 16.57 -2.33 -31.29
N LYS A 797 15.54 -1.65 -31.77
CA LYS A 797 15.01 -0.47 -31.11
C LYS A 797 13.56 -0.67 -30.70
N GLU A 798 13.22 -0.22 -29.50
CA GLU A 798 11.85 -0.08 -29.05
C GLU A 798 11.50 1.39 -29.03
N TYR A 799 10.32 1.74 -29.54
CA TYR A 799 9.85 3.12 -29.56
C TYR A 799 8.65 3.27 -28.65
N PHE A 800 8.57 4.42 -28.00
CA PHE A 800 7.45 4.76 -27.14
C PHE A 800 6.88 6.11 -27.56
N GLU A 801 5.57 6.26 -27.39
CA GLU A 801 4.91 7.54 -27.54
C GLU A 801 4.06 7.78 -26.31
N HIS A 802 4.19 8.96 -25.72
CA HIS A 802 3.44 9.33 -24.53
C HIS A 802 2.66 10.61 -24.81
N ASP A 803 1.67 10.87 -23.96
CA ASP A 803 1.01 12.16 -23.96
C ASP A 803 1.79 13.11 -23.06
N GLU A 804 1.31 14.35 -22.97
CA GLU A 804 2.03 15.36 -22.21
C GLU A 804 2.11 15.03 -20.72
N GLU A 805 1.24 14.15 -20.23
CA GLU A 805 1.20 13.80 -18.81
C GLU A 805 1.89 12.48 -18.50
N GLY A 806 2.52 11.86 -19.49
CA GLY A 806 3.27 10.64 -19.26
C GLY A 806 2.53 9.36 -19.60
N ARG A 807 1.25 9.43 -19.97
CA ARG A 807 0.50 8.23 -20.30
C ARG A 807 1.06 7.60 -21.57
N LEU A 808 1.32 6.29 -21.51
CA LEU A 808 1.80 5.58 -22.68
C LEU A 808 0.67 5.49 -23.71
N LEU A 809 0.90 6.04 -24.90
CA LEU A 809 -0.08 6.02 -25.97
C LEU A 809 0.21 4.96 -27.02
N LYS A 810 1.48 4.69 -27.29
CA LYS A 810 1.87 3.77 -28.35
C LYS A 810 3.21 3.16 -28.00
N HIS A 811 3.28 1.83 -28.06
CA HIS A 811 4.54 1.12 -27.89
C HIS A 811 4.82 0.33 -29.15
N THR A 812 6.01 0.53 -29.72
CA THR A 812 6.47 -0.24 -30.86
C THR A 812 7.62 -1.12 -30.38
N ASP A 813 7.43 -2.44 -30.50
CA ASP A 813 8.43 -3.37 -30.02
C ASP A 813 9.57 -3.49 -31.03
N THR A 814 10.55 -4.34 -30.69
CA THR A 814 11.73 -4.46 -31.53
C THR A 814 11.40 -4.97 -32.92
N LYS A 815 10.29 -5.70 -33.07
CA LYS A 815 9.87 -6.19 -34.37
C LYS A 815 9.04 -5.19 -35.15
N GLY A 816 8.75 -4.03 -34.57
CA GLY A 816 7.94 -3.03 -35.23
C GLY A 816 6.45 -3.18 -35.02
N LEU A 817 6.01 -4.11 -34.18
CA LEU A 817 4.59 -4.28 -33.90
C LEU A 817 4.14 -3.27 -32.86
N VAL A 818 2.95 -2.70 -33.08
CA VAL A 818 2.48 -1.55 -32.34
C VAL A 818 1.39 -1.97 -31.37
N THR A 819 1.52 -1.54 -30.12
CA THR A 819 0.46 -1.62 -29.13
C THR A 819 0.00 -0.21 -28.81
N GLU A 820 -1.30 0.03 -28.93
CA GLU A 820 -1.87 1.35 -28.72
C GLU A 820 -2.74 1.35 -27.47
N TYR A 821 -2.68 2.46 -26.74
CA TYR A 821 -3.48 2.66 -25.54
C TYR A 821 -4.31 3.92 -25.71
N LYS A 822 -5.61 3.82 -25.45
CA LYS A 822 -6.52 4.94 -25.51
C LYS A 822 -7.05 5.23 -24.13
N TYR A 823 -7.22 6.51 -23.81
CA TYR A 823 -7.66 6.94 -22.50
C TYR A 823 -8.92 7.77 -22.64
N ASN A 824 -9.85 7.58 -21.70
CA ASN A 824 -11.14 8.26 -21.74
C ASN A 824 -10.95 9.72 -21.34
N GLN A 825 -12.06 10.43 -21.21
CA GLN A 825 -11.99 11.87 -20.93
C GLN A 825 -11.30 12.14 -19.61
N VAL A 826 -11.58 11.34 -18.58
CA VAL A 826 -10.96 11.56 -17.27
C VAL A 826 -9.52 11.08 -17.22
N GLY A 827 -9.04 10.40 -18.26
CA GLY A 827 -7.66 9.99 -18.35
C GLY A 827 -7.39 8.54 -17.99
N LEU A 828 -8.40 7.80 -17.55
CA LEU A 828 -8.21 6.39 -17.24
C LEU A 828 -8.11 5.59 -18.54
N LEU A 829 -7.37 4.48 -18.47
CA LEU A 829 -7.28 3.60 -19.63
C LEU A 829 -8.65 3.08 -20.00
N GLU A 830 -9.01 3.25 -21.27
CA GLU A 830 -10.29 2.78 -21.79
C GLU A 830 -10.17 1.68 -22.83
N GLN A 831 -9.01 1.53 -23.46
CA GLN A 831 -8.86 0.53 -24.52
C GLN A 831 -7.39 0.28 -24.77
N ARG A 832 -7.00 -0.99 -24.80
CA ARG A 832 -5.66 -1.40 -25.19
C ARG A 832 -5.78 -2.24 -26.46
N ILE A 833 -5.20 -1.76 -27.54
CA ILE A 833 -5.25 -2.45 -28.83
C ILE A 833 -3.88 -3.08 -29.07
N ASP A 834 -3.85 -4.40 -29.15
CA ASP A 834 -2.59 -5.12 -29.32
C ASP A 834 -2.22 -5.19 -30.80
N ALA A 835 -1.07 -5.80 -31.09
CA ALA A 835 -0.59 -5.90 -32.46
C ALA A 835 -1.53 -6.73 -33.34
N ASN A 836 -2.40 -7.54 -32.73
CA ASN A 836 -3.38 -8.30 -33.49
C ASN A 836 -4.63 -7.49 -33.81
N ARG A 837 -4.69 -6.23 -33.37
CA ARG A 837 -5.83 -5.34 -33.50
C ARG A 837 -6.98 -5.74 -32.58
N HIS A 838 -6.84 -6.81 -31.82
CA HIS A 838 -7.83 -7.13 -30.79
C HIS A 838 -7.66 -6.17 -29.62
N SER A 839 -8.78 -5.80 -29.00
CA SER A 839 -8.79 -4.78 -27.98
C SER A 839 -9.38 -5.32 -26.69
N VAL A 840 -8.86 -4.81 -25.57
CA VAL A 840 -9.46 -4.98 -24.25
C VAL A 840 -9.96 -3.61 -23.83
N ALA A 841 -11.24 -3.51 -23.56
CA ALA A 841 -11.87 -2.24 -23.20
C ALA A 841 -12.15 -2.22 -21.71
N TYR A 842 -12.00 -1.04 -21.11
CA TYR A 842 -12.25 -0.82 -19.69
C TYR A 842 -13.30 0.26 -19.55
N GLN A 843 -14.25 0.04 -18.65
CA GLN A 843 -15.27 1.01 -18.31
C GLN A 843 -15.21 1.27 -16.82
N TRP A 844 -15.17 2.53 -16.44
CA TRP A 844 -14.96 2.93 -15.05
C TRP A 844 -16.18 3.69 -14.55
N ASP A 845 -16.52 3.48 -13.29
CA ASP A 845 -17.60 4.22 -12.67
C ASP A 845 -17.10 5.63 -12.33
N LYS A 846 -18.01 6.46 -11.82
CA LYS A 846 -17.68 7.86 -11.59
C LYS A 846 -16.61 8.05 -10.52
N GLN A 847 -16.31 7.01 -9.74
CA GLN A 847 -15.25 7.08 -8.74
C GLN A 847 -13.95 6.45 -9.22
N GLY A 848 -13.84 6.15 -10.51
CA GLY A 848 -12.64 5.56 -11.05
C GLY A 848 -12.50 4.07 -10.82
N ARG A 849 -13.47 3.44 -10.16
CA ARG A 849 -13.43 2.00 -9.95
C ARG A 849 -13.82 1.28 -11.23
N ILE A 850 -13.11 0.18 -11.52
CA ILE A 850 -13.45 -0.60 -12.71
C ILE A 850 -14.88 -1.07 -12.59
N GLN A 851 -15.65 -0.85 -13.65
CA GLN A 851 -17.05 -1.26 -13.72
C GLN A 851 -17.29 -2.42 -14.65
N LYS A 852 -16.65 -2.41 -15.82
CA LYS A 852 -16.79 -3.48 -16.79
C LYS A 852 -15.46 -3.66 -17.50
N LEU A 853 -15.07 -4.91 -17.68
CA LEU A 853 -13.89 -5.27 -18.46
C LEU A 853 -14.34 -6.12 -19.64
N ILE A 854 -14.02 -5.68 -20.85
CA ILE A 854 -14.41 -6.37 -22.07
C ILE A 854 -13.15 -6.93 -22.70
N ASN A 855 -13.06 -8.25 -22.78
CA ASN A 855 -11.87 -8.89 -23.31
C ASN A 855 -11.94 -8.92 -24.84
N GLN A 856 -10.94 -9.57 -25.45
CA GLN A 856 -10.84 -9.58 -26.90
C GLN A 856 -11.99 -10.31 -27.57
N ASN A 857 -12.72 -11.13 -26.83
CA ASN A 857 -13.88 -11.84 -27.34
C ASN A 857 -15.18 -11.08 -27.16
N GLN A 858 -15.12 -9.86 -26.65
CA GLN A 858 -16.27 -9.03 -26.29
C GLN A 858 -17.03 -9.59 -25.09
N ALA A 859 -16.52 -10.64 -24.45
CA ALA A 859 -17.08 -11.09 -23.20
C ALA A 859 -16.83 -10.04 -22.12
N GLU A 860 -17.78 -9.91 -21.20
CA GLU A 860 -17.78 -8.83 -20.23
C GLU A 860 -17.56 -9.37 -18.83
N TYR A 861 -16.65 -8.74 -18.09
CA TYR A 861 -16.41 -9.01 -16.69
C TYR A 861 -16.99 -7.84 -15.90
N LEU A 862 -18.04 -8.09 -15.14
CA LEU A 862 -18.79 -7.04 -14.47
C LEU A 862 -18.39 -6.96 -13.00
N PHE A 863 -18.21 -5.74 -12.52
CA PHE A 863 -17.91 -5.47 -11.12
C PHE A 863 -19.03 -4.62 -10.54
N GLY A 864 -19.60 -5.08 -9.44
CA GLY A 864 -20.69 -4.38 -8.79
C GLY A 864 -20.28 -3.94 -7.40
N TYR A 865 -20.66 -2.73 -7.03
CA TYR A 865 -20.32 -2.16 -5.74
C TYR A 865 -21.59 -1.78 -5.00
N ASN A 866 -21.53 -1.92 -3.67
CA ASN A 866 -22.68 -1.64 -2.82
C ASN A 866 -22.78 -0.13 -2.58
N PRO A 867 -23.85 0.34 -1.93
CA PRO A 867 -23.99 1.78 -1.71
C PRO A 867 -22.82 2.41 -0.99
N TYR A 868 -22.05 1.63 -0.22
CA TYR A 868 -20.85 2.14 0.43
C TYR A 868 -19.63 2.12 -0.48
N GLY A 869 -19.76 1.65 -1.71
CA GLY A 869 -18.67 1.66 -2.67
C GLY A 869 -17.79 0.44 -2.64
N TYR A 870 -18.02 -0.51 -1.73
CA TYR A 870 -17.21 -1.70 -1.66
C TYR A 870 -17.67 -2.73 -2.69
N LEU A 871 -16.71 -3.50 -3.20
CA LEU A 871 -17.02 -4.51 -4.21
C LEU A 871 -17.84 -5.64 -3.57
N ILE A 872 -19.04 -5.85 -4.10
CA ILE A 872 -19.93 -6.90 -3.59
C ILE A 872 -20.31 -7.91 -4.66
N ARG A 873 -20.00 -7.68 -5.92
CA ARG A 873 -20.39 -8.59 -6.98
C ARG A 873 -19.33 -8.60 -8.06
N GLU A 874 -19.01 -9.80 -8.54
CA GLU A 874 -18.15 -9.98 -9.70
C GLU A 874 -18.79 -11.02 -10.60
N GLN A 875 -18.92 -10.70 -11.88
CA GLN A 875 -19.45 -11.63 -12.87
C GLN A 875 -18.35 -11.90 -13.88
N ALA A 876 -17.82 -13.11 -13.87
CA ALA A 876 -16.70 -13.45 -14.73
C ALA A 876 -17.15 -13.55 -16.18
N PHE A 877 -16.17 -13.71 -17.07
CA PHE A 877 -16.46 -13.79 -18.50
C PHE A 877 -17.38 -14.96 -18.81
N ASP A 878 -17.36 -16.01 -17.98
CA ASP A 878 -18.22 -17.17 -18.17
C ASP A 878 -19.59 -17.00 -17.52
N GLY A 879 -19.86 -15.85 -16.90
CA GLY A 879 -21.12 -15.60 -16.26
C GLY A 879 -21.19 -16.01 -14.80
N GLU A 880 -20.17 -16.68 -14.28
CA GLU A 880 -20.17 -17.05 -12.88
C GLU A 880 -20.18 -15.80 -12.00
N GLU A 881 -21.07 -15.78 -11.02
CA GLU A 881 -21.26 -14.63 -10.15
C GLU A 881 -20.65 -14.93 -8.78
N LYS A 882 -19.78 -14.05 -8.32
CA LYS A 882 -19.23 -14.12 -6.97
C LYS A 882 -19.76 -12.95 -6.18
N HIS A 883 -20.34 -13.23 -5.02
CA HIS A 883 -20.89 -12.20 -4.14
C HIS A 883 -20.03 -12.10 -2.91
N TYR A 884 -19.61 -10.87 -2.58
CA TYR A 884 -18.75 -10.61 -1.45
C TYR A 884 -19.54 -9.94 -0.34
N SER A 885 -19.32 -10.40 0.89
CA SER A 885 -19.88 -9.78 2.07
C SER A 885 -18.74 -9.39 3.01
N TYR A 886 -19.01 -8.43 3.88
CA TYR A 886 -18.01 -7.90 4.78
C TYR A 886 -18.54 -7.88 6.20
N ASN A 887 -17.63 -8.07 7.15
CA ASN A 887 -17.99 -8.08 8.56
C ASN A 887 -17.97 -6.65 9.11
N GLU A 888 -18.26 -6.52 10.41
CA GLU A 888 -18.37 -5.20 11.01
C GLU A 888 -17.07 -4.41 10.93
N ASN A 889 -15.93 -5.08 10.74
CA ASN A 889 -14.65 -4.41 10.57
C ASN A 889 -14.35 -4.07 9.12
N GLY A 890 -15.28 -4.36 8.20
CA GLY A 890 -15.06 -4.07 6.80
C GLY A 890 -14.19 -5.07 6.07
N ARG A 891 -13.74 -6.13 6.74
CA ARG A 891 -12.92 -7.14 6.09
C ARG A 891 -13.80 -8.12 5.35
N LEU A 892 -13.28 -8.66 4.25
CA LEU A 892 -14.01 -9.65 3.47
C LEU A 892 -14.46 -10.79 4.38
N PHE A 893 -15.78 -10.93 4.52
CA PHE A 893 -16.35 -11.91 5.42
C PHE A 893 -16.69 -13.21 4.69
N GLN A 894 -17.42 -13.11 3.59
CA GLN A 894 -17.84 -14.29 2.85
C GLN A 894 -17.72 -14.04 1.35
N ILE A 895 -17.29 -15.07 0.63
CA ILE A 895 -17.36 -15.10 -0.82
C ILE A 895 -18.36 -16.18 -1.19
N ARG A 896 -19.49 -15.77 -1.77
CA ARG A 896 -20.53 -16.70 -2.17
C ARG A 896 -20.41 -16.95 -3.66
N ARG A 897 -19.92 -18.13 -4.01
CA ARG A 897 -19.88 -18.60 -5.38
C ARG A 897 -21.06 -19.51 -5.64
N PRO A 898 -21.31 -19.89 -6.90
CA PRO A 898 -22.51 -20.68 -7.18
C PRO A 898 -22.60 -21.96 -6.37
N ASN A 899 -21.48 -22.58 -6.05
CA ASN A 899 -21.46 -23.83 -5.28
C ASN A 899 -20.94 -23.65 -3.86
N ILE A 900 -19.92 -22.82 -3.67
CA ILE A 900 -19.15 -22.80 -2.42
C ILE A 900 -19.32 -21.44 -1.75
N LEU A 901 -19.55 -21.47 -0.44
CA LEU A 901 -19.55 -20.29 0.40
C LEU A 901 -18.26 -20.28 1.21
N THR A 902 -17.33 -19.41 0.83
CA THR A 902 -16.08 -19.24 1.57
C THR A 902 -16.30 -18.22 2.68
N GLN A 903 -15.89 -18.57 3.88
CA GLN A 903 -16.00 -17.67 5.03
C GLN A 903 -14.63 -17.45 5.64
N PHE A 904 -14.34 -16.19 5.97
CA PHE A 904 -13.06 -15.80 6.56
C PHE A 904 -13.26 -15.43 8.01
N ASP A 905 -12.33 -15.90 8.85
CA ASP A 905 -12.20 -15.43 10.22
C ASP A 905 -10.83 -14.78 10.36
N TYR A 906 -10.76 -13.73 11.16
CA TYR A 906 -9.56 -12.90 11.25
C TYR A 906 -9.10 -12.77 12.68
N TYR A 907 -7.81 -12.57 12.85
CA TYR A 907 -7.26 -12.11 14.11
C TYR A 907 -7.46 -10.60 14.23
N ALA A 908 -7.28 -10.09 15.45
CA ALA A 908 -7.49 -8.67 15.69
C ALA A 908 -6.58 -7.79 14.83
N ASP A 909 -5.47 -8.34 14.34
CA ASP A 909 -4.53 -7.59 13.52
C ASP A 909 -4.82 -7.73 12.01
N GLY A 910 -5.89 -8.41 11.64
CA GLY A 910 -6.26 -8.53 10.24
C GLY A 910 -5.74 -9.76 9.54
N GLN A 911 -4.88 -10.55 10.17
CA GLN A 911 -4.43 -11.79 9.57
C GLN A 911 -5.56 -12.82 9.58
N ILE A 912 -5.61 -13.65 8.54
CA ILE A 912 -6.69 -14.63 8.42
C ILE A 912 -6.46 -15.74 9.44
N ALA A 913 -7.35 -15.83 10.43
CA ALA A 913 -7.24 -16.87 11.43
C ALA A 913 -7.67 -18.22 10.88
N SER A 914 -8.75 -18.25 10.10
CA SER A 914 -9.23 -19.50 9.53
C SER A 914 -10.11 -19.20 8.33
N LYS A 915 -10.21 -20.19 7.46
CA LYS A 915 -11.11 -20.14 6.32
C LYS A 915 -11.96 -21.40 6.31
N SER A 916 -13.23 -21.25 6.00
CA SER A 916 -14.15 -22.36 5.87
C SER A 916 -14.78 -22.33 4.49
N PHE A 917 -14.89 -23.50 3.86
CA PHE A 917 -15.46 -23.63 2.53
C PHE A 917 -16.62 -24.61 2.61
N THR A 918 -17.84 -24.09 2.55
CA THR A 918 -19.05 -24.88 2.69
C THR A 918 -19.73 -25.03 1.34
N HIS A 919 -20.08 -26.26 0.99
CA HIS A 919 -20.87 -26.50 -0.22
C HIS A 919 -22.31 -26.13 0.06
N LEU A 920 -22.85 -25.20 -0.75
CA LEU A 920 -24.18 -24.67 -0.48
C LEU A 920 -25.27 -25.72 -0.71
N HIS A 921 -25.00 -26.76 -1.49
CA HIS A 921 -26.00 -27.78 -1.78
C HIS A 921 -25.80 -29.03 -0.93
N THR A 922 -24.61 -29.62 -0.97
CA THR A 922 -24.35 -30.82 -0.19
C THR A 922 -24.14 -30.52 1.28
N GLY A 923 -23.59 -29.34 1.60
CA GLY A 923 -23.36 -28.95 2.98
C GLY A 923 -22.02 -29.35 3.55
N GLN A 924 -21.23 -30.14 2.83
CA GLN A 924 -19.92 -30.54 3.34
C GLN A 924 -19.02 -29.32 3.48
N LYS A 925 -18.29 -29.27 4.61
CA LYS A 925 -17.49 -28.11 4.98
C LYS A 925 -16.04 -28.52 5.15
N GLN A 926 -15.13 -27.73 4.59
CA GLN A 926 -13.70 -27.86 4.80
C GLN A 926 -13.19 -26.59 5.46
N THR A 927 -12.22 -26.73 6.35
CA THR A 927 -11.71 -25.60 7.11
C THR A 927 -10.18 -25.62 7.10
N GLU A 928 -9.60 -24.43 7.17
CA GLU A 928 -8.17 -24.24 7.34
C GLU A 928 -7.94 -23.30 8.50
N GLN A 929 -6.87 -23.53 9.25
CA GLN A 929 -6.51 -22.71 10.39
C GLN A 929 -5.09 -22.18 10.21
N PHE A 930 -4.86 -20.97 10.70
CA PHE A 930 -3.56 -20.33 10.56
C PHE A 930 -3.18 -19.68 11.88
N ASP A 931 -1.89 -19.74 12.21
CA ASP A 931 -1.33 -19.03 13.34
C ASP A 931 -0.11 -18.25 12.86
N TYR A 932 0.17 -17.14 13.53
CA TYR A 932 1.26 -16.26 13.15
C TYR A 932 2.08 -15.89 14.37
N ASN A 933 3.36 -15.63 14.15
CA ASN A 933 4.21 -15.13 15.22
C ASN A 933 4.03 -13.62 15.35
N LEU A 934 4.71 -13.02 16.32
CA LEU A 934 4.55 -11.59 16.57
C LEU A 934 5.09 -10.73 15.44
N ASN A 935 5.84 -11.31 14.50
CA ASN A 935 6.27 -10.61 13.30
C ASN A 935 5.28 -10.79 12.15
N SER A 936 4.07 -11.29 12.43
CA SER A 936 3.06 -11.51 11.41
C SER A 936 3.52 -12.51 10.37
N GLN A 937 4.38 -13.43 10.75
CA GLN A 937 4.83 -14.51 9.88
C GLN A 937 4.05 -15.78 10.20
N LEU A 938 3.58 -16.45 9.16
CA LEU A 938 2.84 -17.70 9.34
C LEU A 938 3.67 -18.70 10.13
N SER A 939 3.20 -19.05 11.33
CA SER A 939 3.90 -20.01 12.18
C SER A 939 3.27 -21.39 12.14
N ARG A 940 1.97 -21.49 11.83
CA ARG A 940 1.31 -22.78 11.72
C ARG A 940 0.14 -22.66 10.75
N ALA A 941 -0.06 -23.71 9.95
CA ALA A 941 -1.18 -23.77 9.03
C ALA A 941 -1.63 -25.22 8.94
N SER A 942 -2.94 -25.45 9.09
CA SER A 942 -3.46 -26.79 9.14
C SER A 942 -4.77 -26.88 8.38
N ASN A 943 -5.05 -28.07 7.86
CA ASN A 943 -6.34 -28.39 7.26
C ASN A 943 -6.66 -29.81 7.68
N GLU A 944 -7.64 -30.43 7.01
CA GLU A 944 -8.10 -31.75 7.42
C GLU A 944 -6.97 -32.78 7.36
N VAL A 945 -6.14 -32.73 6.33
CA VAL A 945 -5.16 -33.78 6.06
C VAL A 945 -3.74 -33.39 6.42
N SER A 946 -3.51 -32.19 6.94
CA SER A 946 -2.13 -31.78 7.18
C SER A 946 -2.08 -30.64 8.18
N GLN A 947 -0.95 -30.58 8.88
CA GLN A 947 -0.59 -29.45 9.74
C GLN A 947 0.87 -29.14 9.50
N ILE A 948 1.17 -27.87 9.23
CA ILE A 948 2.53 -27.42 8.95
C ILE A 948 2.93 -26.44 10.04
N ASP A 949 4.04 -26.72 10.70
CA ASP A 949 4.61 -25.84 11.71
C ASP A 949 5.91 -25.26 11.16
N LEU A 950 6.04 -23.94 11.22
CA LEU A 950 7.21 -23.24 10.71
C LEU A 950 7.94 -22.59 11.88
N TYR A 951 9.23 -22.87 11.99
CA TYR A 951 10.07 -22.33 13.05
C TYR A 951 11.17 -21.48 12.41
N ARG A 952 11.37 -20.28 12.95
CA ARG A 952 12.29 -19.32 12.39
C ARG A 952 13.32 -18.92 13.44
N ASN A 953 14.47 -18.45 12.95
CA ASN A 953 15.54 -17.95 13.82
C ASN A 953 15.31 -16.46 14.07
N ALA A 954 16.29 -15.82 14.71
CA ALA A 954 16.14 -14.40 15.06
C ALA A 954 16.00 -13.53 13.83
N LEU A 955 16.51 -13.98 12.68
CA LEU A 955 16.41 -13.22 11.45
C LEU A 955 15.11 -13.44 10.71
N GLY A 956 14.21 -14.27 11.24
CA GLY A 956 13.01 -14.62 10.51
C GLY A 956 13.22 -15.65 9.43
N GLN A 957 14.42 -16.22 9.32
CA GLN A 957 14.67 -17.26 8.34
C GLN A 957 14.05 -18.57 8.80
N LEU A 958 13.43 -19.29 7.87
CA LEU A 958 12.86 -20.58 8.15
C LEU A 958 13.98 -21.58 8.41
N VAL A 959 14.10 -22.05 9.65
CA VAL A 959 15.13 -23.01 10.01
C VAL A 959 14.58 -24.42 10.13
N ARG A 960 13.35 -24.57 10.62
CA ARG A 960 12.73 -25.87 10.75
C ARG A 960 11.29 -25.80 10.28
N GLU A 961 10.83 -26.86 9.64
CA GLU A 961 9.46 -26.95 9.16
C GLU A 961 8.96 -28.37 9.37
N HIS A 962 7.94 -28.53 10.21
CA HIS A 962 7.30 -29.81 10.44
C HIS A 962 6.09 -29.93 9.54
N GLN A 963 6.01 -31.04 8.80
CA GLN A 963 4.91 -31.31 7.89
C GLN A 963 4.20 -32.56 8.37
N HIS A 964 3.18 -32.37 9.21
CA HIS A 964 2.42 -33.48 9.76
C HIS A 964 1.41 -33.98 8.73
N TYR A 965 1.59 -35.21 8.26
CA TYR A 965 0.67 -35.83 7.33
C TYR A 965 -0.44 -36.53 8.11
N LYS A 966 -1.68 -36.25 7.74
CA LYS A 966 -2.83 -36.93 8.33
C LYS A 966 -3.61 -37.65 7.24
N ILE A 967 -2.89 -38.37 6.38
CA ILE A 967 -3.53 -39.00 5.23
C ILE A 967 -4.54 -40.03 5.73
N PRO A 968 -5.72 -40.16 5.13
CA PRO A 968 -6.63 -41.24 5.52
C PRO A 968 -6.03 -42.61 5.22
N GLU A 969 -6.34 -43.58 6.08
CA GLU A 969 -5.94 -44.97 5.90
C GLU A 969 -4.45 -45.17 6.13
N LEU A 970 -3.70 -44.09 6.34
CA LEU A 970 -2.27 -44.16 6.63
C LEU A 970 -2.01 -43.60 8.03
N LYS A 971 -1.09 -44.23 8.74
CA LYS A 971 -0.78 -43.79 10.09
C LYS A 971 -0.18 -42.38 10.03
N PRO A 972 -0.54 -41.50 10.97
CA PRO A 972 0.05 -40.15 10.95
C PRO A 972 1.57 -40.20 11.01
N LEU A 973 2.21 -39.30 10.27
CA LEU A 973 3.66 -39.20 10.25
C LEU A 973 4.05 -37.75 10.00
N THR A 974 5.17 -37.35 10.57
CA THR A 974 5.68 -35.98 10.48
C THR A 974 6.97 -35.96 9.68
N ALA A 975 7.03 -35.10 8.67
CA ALA A 975 8.24 -34.87 7.88
C ALA A 975 8.86 -33.55 8.32
N VAL A 976 10.14 -33.59 8.68
CA VAL A 976 10.84 -32.44 9.25
C VAL A 976 11.89 -31.96 8.28
N LEU A 977 11.87 -30.67 7.97
CA LEU A 977 12.89 -30.02 7.16
C LEU A 977 13.74 -29.14 8.06
N HIS A 978 15.05 -29.18 7.86
CA HIS A 978 15.98 -28.29 8.54
C HIS A 978 16.71 -27.46 7.50
N TYR A 979 16.88 -26.17 7.79
CA TYR A 979 17.57 -25.25 6.90
C TYR A 979 18.69 -24.55 7.66
N GLU A 980 19.80 -24.34 6.98
CA GLU A 980 20.90 -23.55 7.51
C GLU A 980 21.33 -22.53 6.47
N TYR A 981 21.77 -21.37 6.94
CA TYR A 981 22.09 -20.24 6.09
C TYR A 981 23.48 -19.73 6.41
N ASP A 982 24.12 -19.13 5.40
CA ASP A 982 25.42 -18.50 5.60
C ASP A 982 25.21 -17.13 6.25
N GLU A 983 26.28 -16.34 6.35
CA GLU A 983 26.19 -15.04 7.00
C GLU A 983 25.40 -14.03 6.17
N LEU A 984 25.26 -14.26 4.87
CA LEU A 984 24.53 -13.34 3.99
C LEU A 984 23.07 -13.73 3.82
N GLY A 985 22.60 -14.75 4.53
CA GLY A 985 21.23 -15.18 4.40
C GLY A 985 20.97 -16.16 3.28
N ASN A 986 22.01 -16.63 2.60
CA ASN A 986 21.84 -17.62 1.55
C ASN A 986 21.65 -19.01 2.17
N LEU A 987 20.66 -19.74 1.68
CA LEU A 987 20.47 -21.11 2.11
C LEU A 987 21.63 -21.97 1.62
N ILE A 988 22.35 -22.59 2.55
CA ILE A 988 23.51 -23.40 2.21
C ILE A 988 23.28 -24.88 2.49
N LYS A 989 22.46 -25.23 3.48
CA LYS A 989 22.22 -26.62 3.82
C LYS A 989 20.74 -26.82 4.13
N THR A 990 20.17 -27.89 3.58
CA THR A 990 18.81 -28.31 3.90
C THR A 990 18.81 -29.80 4.16
N ILE A 991 18.33 -30.20 5.33
CA ILE A 991 18.19 -31.61 5.68
C ILE A 991 16.76 -32.03 5.39
N ARG A 992 16.59 -33.02 4.53
CA ARG A 992 15.27 -33.49 4.13
C ARG A 992 14.71 -34.42 5.20
N PRO A 993 13.41 -34.71 5.14
CA PRO A 993 12.78 -35.44 6.25
C PRO A 993 13.39 -36.80 6.55
N ASP A 994 13.98 -37.46 5.56
CA ASP A 994 14.59 -38.76 5.76
C ASP A 994 16.10 -38.67 6.00
N GLY A 995 16.59 -37.50 6.40
CA GLY A 995 17.98 -37.32 6.79
C GLY A 995 18.90 -36.92 5.66
N HIS A 996 18.50 -37.07 4.41
CA HIS A 996 19.35 -36.67 3.29
C HIS A 996 19.51 -35.15 3.27
N THR A 997 20.74 -34.70 3.12
CA THR A 997 21.08 -33.29 3.20
C THR A 997 21.56 -32.78 1.85
N LEU A 998 21.10 -31.60 1.47
CA LEU A 998 21.53 -30.93 0.25
C LEU A 998 22.36 -29.71 0.63
N ASN A 999 23.56 -29.62 0.07
CA ASN A 999 24.50 -28.56 0.39
C ASN A 999 24.66 -27.63 -0.82
N HIS A 1000 24.67 -26.34 -0.55
CA HIS A 1000 24.90 -25.31 -1.55
C HIS A 1000 26.16 -24.56 -1.20
N LEU A 1001 27.17 -24.65 -2.07
CA LEU A 1001 28.39 -23.88 -1.92
C LEU A 1001 28.25 -22.59 -2.71
N VAL A 1002 28.40 -21.46 -2.03
CA VAL A 1002 28.15 -20.15 -2.62
C VAL A 1002 29.43 -19.34 -2.59
N TYR A 1003 29.58 -18.47 -3.59
CA TYR A 1003 30.69 -17.52 -3.66
C TYR A 1003 30.11 -16.12 -3.81
N GLY A 1004 30.86 -15.14 -3.30
CA GLY A 1004 30.42 -13.77 -3.42
C GLY A 1004 29.16 -13.52 -2.62
N SER A 1005 28.14 -12.98 -3.29
CA SER A 1005 26.91 -12.58 -2.63
C SER A 1005 25.89 -13.70 -2.54
N GLY A 1006 26.23 -14.92 -2.94
CA GLY A 1006 25.31 -16.03 -2.85
C GLY A 1006 25.14 -16.79 -4.16
N HIS A 1007 26.08 -16.62 -5.08
CA HIS A 1007 26.03 -17.34 -6.34
C HIS A 1007 26.50 -18.78 -6.13
N ILE A 1008 25.70 -19.73 -6.61
CA ILE A 1008 25.95 -21.14 -6.37
C ILE A 1008 26.99 -21.64 -7.37
N TYR A 1009 28.06 -22.23 -6.86
CA TYR A 1009 29.07 -22.86 -7.71
C TYR A 1009 29.18 -24.36 -7.51
N ALA A 1010 28.50 -24.93 -6.50
CA ALA A 1010 28.49 -26.38 -6.33
C ALA A 1010 27.30 -26.76 -5.47
N ILE A 1011 26.68 -27.90 -5.80
CA ILE A 1011 25.59 -28.47 -5.01
C ILE A 1011 26.05 -29.84 -4.52
N GLY A 1012 25.93 -30.06 -3.22
CA GLY A 1012 26.35 -31.30 -2.60
C GLY A 1012 25.16 -32.07 -2.06
N LEU A 1013 25.17 -33.39 -2.26
CA LEU A 1013 24.15 -34.28 -1.76
C LEU A 1013 24.81 -35.26 -0.81
N ASN A 1014 24.54 -35.12 0.49
CA ASN A 1014 25.22 -35.88 1.53
C ASN A 1014 26.73 -35.68 1.42
N ASN A 1015 27.14 -34.42 1.56
CA ASN A 1015 28.53 -33.99 1.44
C ASN A 1015 29.24 -34.69 0.29
N GLN A 1016 28.53 -34.89 -0.83
CA GLN A 1016 29.11 -35.44 -2.05
C GLN A 1016 28.64 -34.58 -3.22
N GLU A 1017 29.59 -33.92 -3.87
CA GLU A 1017 29.24 -32.99 -4.93
C GLU A 1017 28.51 -33.70 -6.06
N VAL A 1018 27.39 -33.13 -6.49
CA VAL A 1018 26.64 -33.65 -7.62
C VAL A 1018 26.78 -32.77 -8.85
N VAL A 1019 27.00 -31.46 -8.69
CA VAL A 1019 27.24 -30.58 -9.82
C VAL A 1019 28.07 -29.40 -9.34
N SER A 1020 28.93 -28.90 -10.22
CA SER A 1020 29.68 -27.67 -9.98
C SER A 1020 29.43 -26.73 -11.14
N PHE A 1021 29.28 -25.44 -10.84
CA PHE A 1021 28.92 -24.44 -11.82
C PHE A 1021 30.06 -23.45 -12.04
N GLN A 1022 30.24 -23.05 -13.29
CA GLN A 1022 31.10 -21.94 -13.67
C GLN A 1022 30.23 -20.85 -14.27
N ARG A 1023 30.44 -19.62 -13.83
CA ARG A 1023 29.56 -18.51 -14.18
C ARG A 1023 30.36 -17.39 -14.84
N ASP A 1024 29.66 -16.60 -15.67
CA ASP A 1024 30.28 -15.51 -16.40
C ASP A 1024 30.19 -14.22 -15.59
N ASP A 1025 30.55 -13.09 -16.22
CA ASP A 1025 30.59 -11.82 -15.49
C ASP A 1025 29.21 -11.40 -15.00
N LEU A 1026 28.15 -11.88 -15.65
CA LEU A 1026 26.79 -11.65 -15.19
C LEU A 1026 26.33 -12.70 -14.18
N HIS A 1027 27.22 -13.60 -13.78
CA HIS A 1027 26.92 -14.68 -12.86
C HIS A 1027 25.93 -15.68 -13.44
N ARG A 1028 25.77 -15.69 -14.76
CA ARG A 1028 24.97 -16.71 -15.42
C ARG A 1028 25.80 -17.97 -15.62
N GLU A 1029 25.17 -19.12 -15.44
CA GLU A 1029 25.86 -20.38 -15.64
C GLU A 1029 26.30 -20.52 -17.08
N THR A 1030 27.61 -20.62 -17.30
CA THR A 1030 28.16 -20.90 -18.61
C THR A 1030 28.70 -22.31 -18.73
N THR A 1031 28.95 -22.99 -17.62
CA THR A 1031 29.41 -24.37 -17.66
C THR A 1031 29.00 -25.04 -16.34
N ARG A 1032 28.62 -26.30 -16.44
CA ARG A 1032 28.36 -27.14 -15.27
C ARG A 1032 29.03 -28.48 -15.47
N LEU A 1033 29.55 -29.05 -14.39
CA LEU A 1033 30.14 -30.38 -14.40
C LEU A 1033 29.30 -31.27 -13.49
N LEU A 1034 28.76 -32.34 -14.07
CA LEU A 1034 27.91 -33.25 -13.32
C LEU A 1034 28.75 -34.40 -12.75
N ALA A 1035 28.27 -34.96 -11.64
CA ALA A 1035 28.99 -36.06 -11.00
C ALA A 1035 29.07 -37.29 -11.89
N ASN A 1036 28.24 -37.38 -12.92
CA ASN A 1036 28.27 -38.50 -13.85
C ASN A 1036 29.27 -38.30 -14.98
N GLY A 1037 30.14 -37.30 -14.87
CA GLY A 1037 31.17 -37.10 -15.87
C GLY A 1037 30.77 -36.28 -17.07
N LEU A 1038 29.56 -35.74 -17.10
CA LEU A 1038 29.09 -34.93 -18.21
C LEU A 1038 29.24 -33.46 -17.87
N MET A 1039 29.74 -32.68 -18.83
CA MET A 1039 29.85 -31.24 -18.69
C MET A 1039 28.94 -30.58 -19.73
N GLN A 1040 28.21 -29.56 -19.29
CA GLN A 1040 27.33 -28.80 -20.16
C GLN A 1040 27.79 -27.35 -20.19
N THR A 1041 27.93 -26.80 -21.40
CA THR A 1041 28.33 -25.42 -21.59
C THR A 1041 27.19 -24.65 -22.23
N LYS A 1042 26.91 -23.46 -21.72
CA LYS A 1042 25.85 -22.60 -22.20
C LYS A 1042 26.42 -21.28 -22.70
N GLN A 1043 25.93 -20.83 -23.85
CA GLN A 1043 26.31 -19.54 -24.41
C GLN A 1043 25.07 -18.67 -24.57
N TYR A 1044 25.25 -17.37 -24.37
CA TYR A 1044 24.16 -16.41 -24.48
C TYR A 1044 24.48 -15.39 -25.57
N ASN A 1045 23.44 -14.87 -26.21
CA ASN A 1045 23.61 -13.89 -27.27
C ASN A 1045 23.68 -12.50 -26.66
N ASP A 1046 23.66 -11.46 -27.52
CA ASP A 1046 23.89 -10.10 -27.05
C ASP A 1046 22.85 -9.69 -26.01
N VAL A 1047 21.58 -10.04 -26.23
CA VAL A 1047 20.51 -9.61 -25.32
C VAL A 1047 20.38 -10.53 -24.12
N GLY A 1048 21.22 -11.54 -23.99
CA GLY A 1048 21.21 -12.40 -22.83
C GLY A 1048 20.37 -13.65 -22.94
N LEU A 1049 19.77 -13.90 -24.11
CA LEU A 1049 19.03 -15.14 -24.31
C LEU A 1049 19.99 -16.30 -24.52
N LEU A 1050 19.62 -17.47 -24.01
CA LEU A 1050 20.40 -18.68 -24.25
C LEU A 1050 20.53 -18.90 -25.75
N SER A 1051 21.76 -18.80 -26.27
CA SER A 1051 21.99 -18.97 -27.69
C SER A 1051 22.37 -20.40 -28.06
N SER A 1052 22.98 -21.13 -27.13
CA SER A 1052 23.30 -22.53 -27.37
C SER A 1052 23.60 -23.20 -26.04
N GLN A 1053 23.48 -24.52 -26.04
CA GLN A 1053 23.88 -25.32 -24.90
C GLN A 1053 24.41 -26.65 -25.43
N PHE A 1054 25.59 -27.04 -24.96
CA PHE A 1054 26.25 -28.26 -25.38
C PHE A 1054 26.54 -29.11 -24.16
N ILE A 1055 26.28 -30.41 -24.27
CA ILE A 1055 26.58 -31.37 -23.23
C ILE A 1055 27.41 -32.48 -23.83
N GLN A 1056 28.48 -32.87 -23.15
CA GLN A 1056 29.36 -33.91 -23.63
C GLN A 1056 30.15 -34.45 -22.44
N PRO A 1057 30.74 -35.64 -22.55
CA PRO A 1057 31.58 -36.15 -21.47
C PRO A 1057 32.80 -35.26 -21.26
N GLU A 1058 33.16 -35.08 -19.99
CA GLU A 1058 34.41 -34.37 -19.68
C GLU A 1058 35.61 -35.18 -20.18
N GLN A 1059 35.58 -36.50 -20.02
CA GLN A 1059 36.61 -37.39 -20.52
C GLN A 1059 35.92 -38.50 -21.29
N GLU A 1060 36.03 -38.47 -22.61
CA GLU A 1060 35.35 -39.45 -23.44
C GLU A 1060 35.92 -40.85 -23.20
N THR A 1061 35.03 -41.83 -23.11
CA THR A 1061 35.40 -43.22 -22.96
C THR A 1061 34.65 -44.06 -23.99
N GLN A 1062 35.36 -45.00 -24.61
CA GLN A 1062 34.77 -45.87 -25.62
C GLN A 1062 34.13 -47.12 -25.04
N ASP A 1063 34.22 -47.31 -23.72
CA ASP A 1063 33.59 -48.48 -23.10
C ASP A 1063 32.08 -48.46 -23.29
N TYR A 1064 31.46 -47.30 -23.11
CA TYR A 1064 30.02 -47.15 -23.27
C TYR A 1064 29.72 -45.82 -23.94
N LEU A 1065 28.54 -45.72 -24.53
CA LEU A 1065 28.13 -44.52 -25.26
C LEU A 1065 27.63 -43.49 -24.25
N GLN A 1066 28.43 -42.46 -24.01
CA GLN A 1066 28.03 -41.39 -23.11
C GLN A 1066 27.13 -40.39 -23.85
N TYR A 1067 26.42 -39.59 -23.07
CA TYR A 1067 25.45 -38.64 -23.62
C TYR A 1067 26.18 -37.41 -24.14
N GLN A 1068 25.99 -37.12 -25.43
CA GLN A 1068 26.46 -35.87 -26.02
C GLN A 1068 25.33 -35.30 -26.86
N ALA A 1069 25.01 -34.03 -26.63
CA ALA A 1069 23.92 -33.38 -27.34
C ALA A 1069 24.13 -31.87 -27.29
N HIS A 1070 23.41 -31.16 -28.15
CA HIS A 1070 23.47 -29.71 -28.16
C HIS A 1070 22.17 -29.16 -28.72
N ARG A 1071 21.85 -27.93 -28.29
CA ARG A 1071 20.72 -27.18 -28.82
C ARG A 1071 21.20 -25.78 -29.16
N LYS A 1072 20.95 -25.35 -30.39
CA LYS A 1072 21.28 -24.00 -30.84
C LYS A 1072 19.98 -23.23 -31.06
N TYR A 1073 19.89 -22.05 -30.46
CA TYR A 1073 18.65 -21.28 -30.42
C TYR A 1073 18.78 -20.04 -31.30
N HIS A 1074 17.82 -19.85 -32.19
CA HIS A 1074 17.75 -18.68 -33.05
C HIS A 1074 16.44 -17.95 -32.77
N TYR A 1075 16.52 -16.65 -32.51
CA TYR A 1075 15.37 -15.84 -32.16
C TYR A 1075 15.05 -14.85 -33.27
N ASP A 1076 13.82 -14.33 -33.23
CA ASP A 1076 13.40 -13.31 -34.18
C ASP A 1076 13.56 -11.93 -33.56
N LYS A 1077 13.19 -10.89 -34.30
CA LYS A 1077 13.39 -9.53 -33.85
C LYS A 1077 12.60 -9.20 -32.60
N ASN A 1078 11.58 -10.00 -32.27
CA ASN A 1078 10.85 -9.84 -31.03
C ASN A 1078 11.36 -10.78 -29.93
N TYR A 1079 12.50 -11.42 -30.16
CA TYR A 1079 13.12 -12.33 -29.20
C TYR A 1079 12.30 -13.59 -28.96
N LEU A 1080 11.44 -13.95 -29.91
CA LEU A 1080 10.72 -15.20 -29.84
C LEU A 1080 11.56 -16.30 -30.46
N LEU A 1081 11.55 -17.46 -29.83
CA LEU A 1081 12.35 -18.59 -30.30
C LEU A 1081 11.81 -19.05 -31.64
N SER A 1082 12.50 -18.70 -32.71
CA SER A 1082 12.04 -19.03 -34.05
C SER A 1082 12.55 -20.38 -34.52
N GLN A 1083 13.74 -20.78 -34.11
CA GLN A 1083 14.30 -22.06 -34.53
C GLN A 1083 15.18 -22.62 -33.43
N VAL A 1084 15.19 -23.94 -33.32
CA VAL A 1084 16.10 -24.66 -32.44
C VAL A 1084 16.80 -25.71 -33.29
N GLU A 1085 18.12 -25.74 -33.22
CA GLU A 1085 18.92 -26.79 -33.86
C GLU A 1085 19.27 -27.80 -32.78
N ASP A 1086 18.53 -28.89 -32.75
CA ASP A 1086 18.68 -29.92 -31.73
C ASP A 1086 19.40 -31.13 -32.33
N SER A 1087 20.46 -31.58 -31.66
CA SER A 1087 21.22 -32.71 -32.15
C SER A 1087 20.36 -33.98 -32.18
N ARG A 1088 19.42 -34.09 -31.26
CA ARG A 1088 18.56 -35.28 -31.17
C ARG A 1088 17.27 -35.10 -31.98
N LEU A 1089 16.60 -33.95 -31.81
CA LEU A 1089 15.30 -33.72 -32.44
C LEU A 1089 15.40 -33.07 -33.81
N GLY A 1090 16.58 -32.66 -34.25
CA GLY A 1090 16.69 -31.94 -35.50
C GLY A 1090 16.27 -30.49 -35.35
N LYS A 1091 15.95 -29.87 -36.49
CA LYS A 1091 15.53 -28.47 -36.50
C LYS A 1091 14.09 -28.35 -36.05
N LEU A 1092 13.85 -27.52 -35.03
CA LEU A 1092 12.51 -27.23 -34.54
C LEU A 1092 12.19 -25.79 -34.93
N ASN A 1093 11.17 -25.62 -35.76
CA ASN A 1093 10.77 -24.31 -36.26
C ASN A 1093 9.46 -23.90 -35.62
N TYR A 1094 9.39 -22.63 -35.20
CA TYR A 1094 8.21 -22.09 -34.54
C TYR A 1094 7.80 -20.80 -35.21
N GLN A 1095 6.49 -20.59 -35.31
CA GLN A 1095 5.92 -19.35 -35.80
C GLN A 1095 4.95 -18.80 -34.76
N TYR A 1096 4.86 -17.49 -34.69
CA TYR A 1096 4.07 -16.82 -33.69
C TYR A 1096 3.16 -15.80 -34.35
N ASP A 1097 2.09 -15.45 -33.65
CA ASP A 1097 1.22 -14.38 -34.08
C ASP A 1097 1.78 -13.05 -33.57
N PRO A 1098 1.20 -11.93 -34.01
CA PRO A 1098 1.81 -10.62 -33.67
C PRO A 1098 1.98 -10.39 -32.18
N ILE A 1099 1.15 -10.99 -31.33
CA ILE A 1099 1.24 -10.74 -29.89
C ILE A 1099 2.10 -11.80 -29.21
N GLY A 1100 2.81 -12.61 -30.00
CA GLY A 1100 3.76 -13.55 -29.45
C GLY A 1100 3.18 -14.87 -29.01
N ARG A 1101 1.98 -15.23 -29.47
CA ARG A 1101 1.41 -16.53 -29.15
C ARG A 1101 1.94 -17.56 -30.14
N LEU A 1102 2.37 -18.71 -29.62
CA LEU A 1102 2.86 -19.78 -30.47
C LEU A 1102 1.70 -20.39 -31.25
N ILE A 1103 1.75 -20.31 -32.57
CA ILE A 1103 0.66 -20.77 -33.41
C ILE A 1103 1.06 -21.91 -34.34
N ALA A 1104 2.35 -22.22 -34.47
CA ALA A 1104 2.77 -23.33 -35.31
C ALA A 1104 4.09 -23.86 -34.79
N ALA A 1105 4.31 -25.16 -35.01
CA ALA A 1105 5.56 -25.80 -34.62
C ALA A 1105 5.84 -26.91 -35.62
N GLN A 1106 6.96 -26.80 -36.32
CA GLN A 1106 7.36 -27.78 -37.32
C GLN A 1106 8.61 -28.50 -36.83
N SER A 1107 8.63 -29.82 -36.99
CA SER A 1107 9.78 -30.64 -36.63
C SER A 1107 9.66 -31.96 -37.36
N LEU A 1108 10.75 -32.72 -37.35
CA LEU A 1108 10.73 -34.03 -37.99
C LEU A 1108 9.68 -34.93 -37.35
N HIS A 1109 9.59 -34.91 -36.01
CA HIS A 1109 8.66 -35.79 -35.32
C HIS A 1109 7.22 -35.41 -35.62
N LYS A 1110 6.88 -34.13 -35.53
CA LYS A 1110 5.48 -33.71 -35.60
C LYS A 1110 5.40 -32.27 -36.08
N THR A 1111 4.34 -32.00 -36.85
CA THR A 1111 3.98 -30.65 -37.26
C THR A 1111 2.64 -30.28 -36.63
N GLU A 1112 2.61 -29.18 -35.90
CA GLU A 1112 1.42 -28.74 -35.18
C GLU A 1112 1.05 -27.33 -35.58
N SER A 1113 -0.26 -27.09 -35.70
CA SER A 1113 -0.81 -25.76 -35.93
C SER A 1113 -1.82 -25.47 -34.84
N PHE A 1114 -1.71 -24.29 -34.24
CA PHE A 1114 -2.58 -23.89 -33.14
C PHE A 1114 -3.35 -22.63 -33.54
N ASN A 1115 -4.67 -22.69 -33.41
CA ASN A 1115 -5.54 -21.57 -33.68
C ASN A 1115 -6.12 -21.07 -32.37
N PHE A 1116 -5.86 -19.79 -32.05
CA PHE A 1116 -6.36 -19.17 -30.84
C PHE A 1116 -7.48 -18.20 -31.19
N ASP A 1117 -8.51 -18.16 -30.35
CA ASP A 1117 -9.47 -17.09 -30.42
C ASP A 1117 -8.84 -15.83 -29.81
N PRO A 1118 -9.43 -14.66 -30.05
CA PRO A 1118 -8.81 -13.42 -29.56
C PRO A 1118 -8.52 -13.43 -28.07
N ALA A 1119 -9.33 -14.13 -27.27
CA ALA A 1119 -9.14 -14.16 -25.83
C ALA A 1119 -8.04 -15.12 -25.38
N GLY A 1120 -7.47 -15.89 -26.28
CA GLY A 1120 -6.40 -16.81 -25.93
C GLY A 1120 -6.80 -18.25 -25.75
N ASN A 1121 -8.01 -18.63 -26.17
CA ASN A 1121 -8.46 -20.02 -26.06
C ASN A 1121 -8.15 -20.74 -27.37
N LEU A 1122 -7.60 -21.95 -27.24
CA LEU A 1122 -7.47 -22.82 -28.40
C LEU A 1122 -8.87 -23.15 -28.94
N ILE A 1123 -9.03 -23.05 -30.25
CA ILE A 1123 -10.32 -23.30 -30.90
C ILE A 1123 -10.15 -24.44 -31.89
N ASP A 1124 -11.17 -25.29 -31.96
CA ASP A 1124 -11.15 -26.46 -32.85
C ASP A 1124 -11.38 -25.99 -34.29
N SER A 1125 -10.40 -25.25 -34.81
CA SER A 1125 -10.52 -24.69 -36.14
C SER A 1125 -10.69 -25.79 -37.19
N GLU A 1126 -10.18 -27.00 -36.93
CA GLU A 1126 -10.31 -28.08 -37.88
C GLU A 1126 -11.76 -28.47 -38.10
N SER A 1127 -12.59 -28.33 -37.07
CA SER A 1127 -14.01 -28.68 -37.16
C SER A 1127 -14.82 -27.42 -37.42
N VAL A 1128 -15.64 -27.46 -38.48
CA VAL A 1128 -16.39 -26.28 -38.89
C VAL A 1128 -17.42 -25.89 -37.83
N LEU A 1129 -18.13 -26.88 -37.28
CA LEU A 1129 -19.20 -26.59 -36.34
C LEU A 1129 -18.70 -25.90 -35.07
N SER A 1130 -17.41 -25.98 -34.78
CA SER A 1130 -16.89 -25.40 -33.56
C SER A 1130 -16.98 -23.87 -33.61
N PRO A 1131 -17.19 -23.23 -32.47
CA PRO A 1131 -17.25 -21.76 -32.46
C PRO A 1131 -15.92 -21.14 -32.85
N ALA A 1132 -16.00 -19.96 -33.47
CA ALA A 1132 -14.80 -19.20 -33.79
C ALA A 1132 -14.19 -18.58 -32.53
N GLN A 1133 -15.01 -18.34 -31.51
CA GLN A 1133 -14.55 -17.79 -30.24
C GLN A 1133 -15.18 -18.57 -29.10
N ILE A 1134 -14.42 -18.74 -28.02
CA ILE A 1134 -14.92 -19.37 -26.81
C ILE A 1134 -15.26 -18.22 -25.87
N LYS A 1135 -16.53 -17.80 -25.90
CA LYS A 1135 -16.92 -16.57 -25.21
C LYS A 1135 -16.69 -16.68 -23.71
N ASN A 1136 -16.98 -17.84 -23.13
CA ASN A 1136 -16.84 -18.03 -21.68
C ASN A 1136 -15.46 -18.53 -21.27
N ASN A 1137 -14.53 -18.69 -22.22
CA ASN A 1137 -13.18 -19.18 -21.95
C ASN A 1137 -13.20 -20.60 -21.38
N LEU A 1138 -14.29 -21.33 -21.60
CA LEU A 1138 -14.43 -22.71 -21.14
C LEU A 1138 -14.80 -23.55 -22.37
N ILE A 1139 -13.79 -23.98 -23.11
CA ILE A 1139 -14.04 -24.73 -24.34
C ILE A 1139 -14.78 -26.02 -23.99
N LYS A 1140 -15.79 -26.34 -24.80
CA LYS A 1140 -16.58 -27.54 -24.58
C LYS A 1140 -16.06 -28.74 -25.36
N SER A 1141 -15.31 -28.53 -26.43
CA SER A 1141 -14.76 -29.63 -27.20
C SER A 1141 -13.51 -29.15 -27.94
N TYR A 1142 -12.50 -30.02 -28.01
CA TYR A 1142 -11.28 -29.69 -28.73
C TYR A 1142 -10.62 -30.98 -29.21
N LYS A 1143 -10.56 -31.16 -30.53
CA LYS A 1143 -9.81 -32.25 -31.16
C LYS A 1143 -10.11 -33.59 -30.49
N GLY A 1144 -11.37 -34.00 -30.60
CA GLY A 1144 -11.80 -35.30 -30.12
C GLY A 1144 -12.05 -35.38 -28.63
N LYS A 1145 -11.85 -34.30 -27.89
CA LYS A 1145 -12.09 -34.27 -26.46
C LYS A 1145 -13.27 -33.36 -26.16
N HIS A 1146 -14.13 -33.80 -25.25
CA HIS A 1146 -15.32 -33.05 -24.86
C HIS A 1146 -15.32 -32.84 -23.36
N TYR A 1147 -15.58 -31.61 -22.94
CA TYR A 1147 -15.44 -31.22 -21.55
C TYR A 1147 -16.79 -30.79 -20.97
N GLN A 1148 -17.01 -31.14 -19.71
CA GLN A 1148 -18.16 -30.67 -18.95
C GLN A 1148 -17.65 -29.97 -17.70
N TYR A 1149 -18.28 -28.86 -17.35
CA TYR A 1149 -17.85 -28.02 -16.25
C TYR A 1149 -18.95 -27.95 -15.19
N ASP A 1150 -18.53 -27.78 -13.94
CA ASP A 1150 -19.47 -27.45 -12.88
C ASP A 1150 -19.78 -25.96 -12.97
N VAL A 1151 -20.52 -25.43 -12.01
CA VAL A 1151 -20.90 -24.02 -12.05
C VAL A 1151 -19.78 -23.09 -11.67
N GLN A 1152 -18.66 -23.61 -11.17
CA GLN A 1152 -17.50 -22.79 -10.82
C GLN A 1152 -16.38 -22.89 -11.84
N GLY A 1153 -16.64 -23.47 -13.02
CA GLY A 1153 -15.67 -23.55 -14.08
C GLY A 1153 -14.73 -24.73 -14.02
N ASN A 1154 -14.80 -25.55 -12.97
CA ASN A 1154 -13.95 -26.74 -12.91
C ASN A 1154 -14.46 -27.79 -13.89
N VAL A 1155 -13.54 -28.38 -14.65
CA VAL A 1155 -13.90 -29.50 -15.50
C VAL A 1155 -14.31 -30.67 -14.61
N THR A 1156 -15.52 -31.17 -14.79
CA THR A 1156 -16.01 -32.31 -14.03
C THR A 1156 -15.98 -33.60 -14.82
N GLU A 1157 -15.78 -33.54 -16.13
CA GLU A 1157 -15.77 -34.75 -16.93
C GLU A 1157 -15.10 -34.44 -18.26
N ILE A 1158 -14.18 -35.31 -18.66
CA ILE A 1158 -13.52 -35.24 -19.96
C ILE A 1158 -13.85 -36.53 -20.70
N ILE A 1159 -14.44 -36.39 -21.88
CA ILE A 1159 -14.92 -37.53 -22.66
C ILE A 1159 -14.19 -37.55 -23.99
N GLN A 1160 -13.66 -38.71 -24.35
CA GLN A 1160 -13.03 -38.92 -25.64
C GLN A 1160 -13.32 -40.35 -26.07
N ALA A 1161 -12.83 -40.72 -27.25
CA ALA A 1161 -13.08 -42.06 -27.78
C ALA A 1161 -12.48 -43.11 -26.86
N GLY A 1162 -13.35 -43.88 -26.20
CA GLY A 1162 -12.92 -44.97 -25.36
C GLY A 1162 -12.46 -44.60 -23.97
N LYS A 1163 -12.51 -43.32 -23.59
CA LYS A 1163 -12.10 -42.89 -22.27
C LYS A 1163 -13.13 -41.94 -21.68
N ASN A 1164 -13.40 -42.09 -20.40
CA ASN A 1164 -14.28 -41.19 -19.66
C ASN A 1164 -13.61 -40.86 -18.34
N LEU A 1165 -13.19 -39.62 -18.17
CA LEU A 1165 -12.51 -39.16 -16.96
C LEU A 1165 -13.45 -38.25 -16.19
N LYS A 1166 -13.82 -38.65 -14.99
CA LYS A 1166 -14.67 -37.86 -14.11
C LYS A 1166 -13.82 -37.26 -13.00
N LEU A 1167 -13.94 -35.96 -12.79
CA LEU A 1167 -13.14 -35.24 -11.82
C LEU A 1167 -14.05 -34.70 -10.72
N THR A 1168 -13.71 -35.02 -9.47
CA THR A 1168 -14.44 -34.54 -8.31
C THR A 1168 -13.61 -33.47 -7.62
N TRP A 1169 -14.25 -32.35 -7.32
CA TRP A 1169 -13.56 -31.17 -6.81
C TRP A 1169 -14.01 -30.89 -5.39
N ASP A 1170 -13.06 -30.57 -4.51
CA ASP A 1170 -13.39 -30.16 -3.16
C ASP A 1170 -13.83 -28.69 -3.18
N ASN A 1171 -14.18 -28.19 -1.99
CA ASN A 1171 -14.74 -26.85 -1.91
C ASN A 1171 -13.73 -25.76 -2.25
N GLN A 1172 -12.45 -26.09 -2.35
CA GLN A 1172 -11.43 -25.14 -2.77
C GLN A 1172 -11.06 -25.32 -4.25
N ASN A 1173 -11.89 -26.02 -5.02
CA ASN A 1173 -11.61 -26.25 -6.43
C ASN A 1173 -10.31 -27.00 -6.63
N ARG A 1174 -10.04 -27.96 -5.75
CA ARG A 1174 -8.88 -28.82 -5.84
C ARG A 1174 -9.33 -30.24 -6.13
N LEU A 1175 -8.67 -30.89 -7.08
CA LEU A 1175 -9.03 -32.25 -7.48
C LEU A 1175 -8.76 -33.20 -6.33
N ILE A 1176 -9.83 -33.75 -5.74
CA ILE A 1176 -9.69 -34.71 -4.65
C ILE A 1176 -10.07 -36.13 -5.05
N ARG A 1177 -10.63 -36.32 -6.25
CA ARG A 1177 -10.91 -37.66 -6.73
C ARG A 1177 -10.98 -37.62 -8.25
N SER A 1178 -10.41 -38.63 -8.88
CA SER A 1178 -10.47 -38.79 -10.32
C SER A 1178 -10.89 -40.22 -10.63
N ASP A 1179 -11.76 -40.36 -11.63
CA ASP A 1179 -12.30 -41.66 -12.02
C ASP A 1179 -12.06 -41.84 -13.52
N ASN A 1180 -11.01 -42.58 -13.86
CA ASN A 1180 -10.62 -42.81 -15.24
C ASN A 1180 -11.09 -44.20 -15.64
N ASN A 1181 -12.19 -44.26 -16.39
CA ASN A 1181 -12.74 -45.54 -16.86
C ASN A 1181 -12.96 -46.50 -15.70
N GLY A 1182 -13.46 -45.96 -14.58
CA GLY A 1182 -13.75 -46.76 -13.40
C GLY A 1182 -12.62 -46.88 -12.42
N LEU A 1183 -11.41 -46.45 -12.76
CA LEU A 1183 -10.27 -46.48 -11.85
C LEU A 1183 -10.23 -45.20 -11.05
N VAL A 1184 -10.41 -45.31 -9.74
CA VAL A 1184 -10.57 -44.16 -8.86
C VAL A 1184 -9.22 -43.81 -8.23
N THR A 1185 -8.84 -42.55 -8.32
CA THR A 1185 -7.66 -42.02 -7.67
C THR A 1185 -8.08 -40.89 -6.74
N GLU A 1186 -7.55 -40.89 -5.52
CA GLU A 1186 -7.87 -39.88 -4.52
C GLU A 1186 -6.64 -39.04 -4.23
N TYR A 1187 -6.84 -37.74 -4.06
CA TYR A 1187 -5.77 -36.80 -3.80
C TYR A 1187 -6.06 -36.02 -2.53
N GLY A 1188 -5.00 -35.53 -1.92
CA GLY A 1188 -5.12 -34.63 -0.80
C GLY A 1188 -4.01 -33.60 -0.83
N TYR A 1189 -4.30 -32.44 -0.25
CA TYR A 1189 -3.41 -31.30 -0.34
C TYR A 1189 -3.26 -30.66 1.02
N ASP A 1190 -2.09 -30.09 1.27
CA ASP A 1190 -1.90 -29.31 2.48
C ASP A 1190 -2.54 -27.93 2.30
N VAL A 1191 -2.37 -27.07 3.31
CA VAL A 1191 -3.05 -25.77 3.30
C VAL A 1191 -2.64 -24.97 2.06
N PHE A 1192 -1.37 -25.06 1.68
CA PHE A 1192 -0.83 -24.28 0.57
C PHE A 1192 -1.09 -24.92 -0.78
N GLY A 1193 -2.04 -25.84 -0.87
CA GLY A 1193 -2.34 -26.45 -2.15
C GLY A 1193 -1.30 -27.43 -2.64
N ARG A 1194 -0.32 -27.78 -1.83
CA ARG A 1194 0.71 -28.72 -2.22
C ARG A 1194 0.18 -30.14 -2.05
N ARG A 1195 0.13 -30.89 -3.14
CA ARG A 1195 -0.43 -32.24 -3.09
C ARG A 1195 0.42 -33.12 -2.19
N LEU A 1196 -0.22 -33.71 -1.18
CA LEU A 1196 0.48 -34.55 -0.22
C LEU A 1196 0.44 -36.03 -0.60
N TYR A 1197 -0.59 -36.48 -1.31
CA TYR A 1197 -0.68 -37.89 -1.64
C TYR A 1197 -1.55 -38.09 -2.87
N LYS A 1198 -1.43 -39.28 -3.45
CA LYS A 1198 -2.20 -39.66 -4.62
C LYS A 1198 -2.43 -41.16 -4.50
N LYS A 1199 -3.59 -41.54 -3.98
CA LYS A 1199 -3.90 -42.91 -3.62
C LYS A 1199 -4.81 -43.53 -4.69
N THR A 1200 -4.36 -44.64 -5.26
CA THR A 1200 -5.11 -45.37 -6.29
C THR A 1200 -5.21 -46.83 -5.85
N ALA A 1201 -6.37 -47.20 -5.30
CA ALA A 1201 -6.62 -48.56 -4.82
C ALA A 1201 -5.60 -48.85 -3.72
N LYS A 1202 -4.76 -49.88 -3.86
CA LYS A 1202 -3.78 -50.18 -2.82
C LYS A 1202 -2.54 -49.30 -2.92
N GLU A 1203 -2.23 -48.79 -4.11
CA GLU A 1203 -1.03 -48.01 -4.29
C GLU A 1203 -1.16 -46.63 -3.67
N LEU A 1204 -0.15 -46.23 -2.91
CA LEU A 1204 -0.11 -44.91 -2.29
C LEU A 1204 1.16 -44.20 -2.72
N THR A 1205 1.03 -42.94 -3.13
CA THR A 1205 2.16 -42.10 -3.50
C THR A 1205 2.15 -40.87 -2.60
N LEU A 1206 3.09 -40.81 -1.67
CA LEU A 1206 3.26 -39.61 -0.87
C LEU A 1206 4.17 -38.62 -1.58
N PHE A 1207 3.92 -37.34 -1.33
CA PHE A 1207 4.75 -36.27 -1.85
C PHE A 1207 5.18 -35.37 -0.71
N GLY A 1208 6.43 -34.92 -0.76
CA GLY A 1208 6.94 -33.95 0.19
C GLY A 1208 7.41 -32.71 -0.53
N TRP A 1209 7.32 -31.58 0.16
CA TRP A 1209 7.59 -30.29 -0.44
C TRP A 1209 8.58 -29.52 0.40
N ASP A 1210 9.39 -28.72 -0.27
CA ASP A 1210 10.30 -27.76 0.35
C ASP A 1210 9.97 -26.41 -0.27
N GLY A 1211 9.20 -25.59 0.44
CA GLY A 1211 8.71 -24.38 -0.16
C GLY A 1211 7.79 -24.71 -1.32
N ASP A 1212 8.06 -24.12 -2.48
CA ASP A 1212 7.25 -24.34 -3.67
C ASP A 1212 7.72 -25.51 -4.51
N LEU A 1213 8.71 -26.25 -4.05
CA LEU A 1213 9.27 -27.37 -4.79
C LEU A 1213 8.88 -28.67 -4.11
N MET A 1214 8.38 -29.63 -4.89
CA MET A 1214 8.16 -30.98 -4.39
C MET A 1214 9.48 -31.73 -4.47
N ILE A 1215 10.06 -32.07 -3.33
CA ILE A 1215 11.43 -32.53 -3.26
C ILE A 1215 11.56 -34.04 -3.15
N TRP A 1216 10.52 -34.73 -2.71
CA TRP A 1216 10.56 -36.18 -2.70
C TRP A 1216 9.17 -36.75 -2.91
N GLU A 1217 9.12 -37.96 -3.46
CA GLU A 1217 7.89 -38.72 -3.58
C GLU A 1217 8.18 -40.15 -3.12
N SER A 1218 7.31 -40.69 -2.27
CA SER A 1218 7.45 -42.04 -1.76
C SER A 1218 6.28 -42.89 -2.23
N PHE A 1219 6.58 -44.05 -2.80
CA PHE A 1219 5.56 -44.96 -3.32
C PHE A 1219 5.44 -46.15 -2.39
N LYS A 1220 4.21 -46.50 -2.05
CA LYS A 1220 3.91 -47.61 -1.15
C LYS A 1220 2.94 -48.55 -1.83
N SER A 1221 3.24 -49.84 -1.78
CA SER A 1221 2.36 -50.85 -2.33
C SER A 1221 2.79 -52.21 -1.81
N ALA A 1222 1.98 -53.22 -2.08
CA ALA A 1222 2.31 -54.57 -1.63
C ALA A 1222 3.60 -55.07 -2.26
N GLN A 1223 3.78 -54.80 -3.55
CA GLN A 1223 4.95 -55.29 -4.28
C GLN A 1223 6.13 -54.32 -4.20
N THR A 1224 5.92 -53.06 -4.56
CA THR A 1224 7.01 -52.10 -4.72
C THR A 1224 6.92 -51.00 -3.67
N ASN A 1225 8.08 -50.67 -3.10
CA ASN A 1225 8.23 -49.52 -2.22
C ASN A 1225 9.51 -48.79 -2.61
N TYR A 1226 9.43 -47.47 -2.75
CA TYR A 1226 10.62 -46.69 -3.06
C TYR A 1226 10.38 -45.23 -2.69
N THR A 1227 11.48 -44.51 -2.55
CA THR A 1227 11.47 -43.07 -2.30
C THR A 1227 12.40 -42.41 -3.30
N LYS A 1228 11.91 -41.36 -3.96
CA LYS A 1228 12.70 -40.60 -4.91
C LYS A 1228 12.86 -39.18 -4.39
N HIS A 1229 14.08 -38.67 -4.43
CA HIS A 1229 14.37 -37.29 -4.07
C HIS A 1229 14.65 -36.50 -5.34
N TYR A 1230 14.12 -35.28 -5.40
CA TYR A 1230 14.32 -34.39 -6.54
C TYR A 1230 15.17 -33.21 -6.10
N ILE A 1231 16.27 -32.98 -6.81
CA ILE A 1231 17.16 -31.86 -6.59
C ILE A 1231 17.05 -30.92 -7.78
N TYR A 1232 16.83 -29.64 -7.50
CA TYR A 1232 16.57 -28.65 -8.53
C TYR A 1232 17.74 -27.69 -8.65
N GLU A 1233 17.82 -27.03 -9.81
CA GLU A 1233 18.77 -25.95 -9.96
C GLU A 1233 18.45 -24.85 -8.94
N PRO A 1234 19.46 -24.12 -8.46
CA PRO A 1234 19.20 -23.16 -7.39
C PRO A 1234 18.15 -22.14 -7.78
N ASP A 1235 17.25 -21.86 -6.84
CA ASP A 1235 16.24 -20.82 -7.01
C ASP A 1235 15.49 -20.97 -8.32
N SER A 1236 15.07 -22.19 -8.61
CA SER A 1236 14.37 -22.47 -9.86
C SER A 1236 13.56 -23.75 -9.72
N PHE A 1237 12.61 -23.93 -10.63
CA PHE A 1237 11.84 -25.15 -10.73
C PHE A 1237 12.45 -26.16 -11.67
N VAL A 1238 13.61 -25.87 -12.26
CA VAL A 1238 14.25 -26.76 -13.21
C VAL A 1238 14.89 -27.91 -12.45
N PRO A 1239 14.53 -29.16 -12.74
CA PRO A 1239 15.14 -30.27 -12.01
C PRO A 1239 16.58 -30.51 -12.43
N LEU A 1240 17.42 -30.87 -11.47
CA LEU A 1240 18.82 -31.16 -11.71
C LEU A 1240 19.09 -32.66 -11.76
N LEU A 1241 18.66 -33.39 -10.74
CA LEU A 1241 18.81 -34.83 -10.69
C LEU A 1241 17.77 -35.42 -9.75
N GLN A 1242 17.56 -36.73 -9.87
CA GLN A 1242 16.71 -37.46 -8.96
C GLN A 1242 17.50 -38.64 -8.40
N ALA A 1243 17.38 -38.84 -7.08
CA ALA A 1243 18.03 -39.94 -6.40
C ALA A 1243 17.06 -40.57 -5.42
N GLY A 1244 17.17 -41.88 -5.23
CA GLY A 1244 16.23 -42.57 -4.39
C GLY A 1244 16.73 -43.92 -3.93
N TYR A 1245 15.92 -44.55 -3.07
CA TYR A 1245 16.21 -45.87 -2.54
C TYR A 1245 14.94 -46.71 -2.58
N LYS A 1246 15.13 -48.02 -2.55
CA LYS A 1246 14.01 -48.97 -2.71
C LYS A 1246 13.37 -49.26 -1.36
N ASP A 1247 12.76 -48.22 -0.79
CA ASP A 1247 12.02 -48.36 0.45
C ASP A 1247 11.12 -47.15 0.63
N PHE A 1248 10.00 -47.36 1.31
CA PHE A 1248 9.14 -46.25 1.65
C PHE A 1248 9.85 -45.29 2.59
N ILE A 1249 9.58 -43.99 2.42
CA ILE A 1249 10.29 -42.99 3.19
C ILE A 1249 10.10 -43.23 4.68
N GLN A 1250 11.18 -43.07 5.44
CA GLN A 1250 11.16 -43.26 6.89
C GLN A 1250 10.99 -41.89 7.54
N LEU A 1251 9.80 -41.64 8.08
CA LEU A 1251 9.44 -40.34 8.64
C LEU A 1251 9.00 -40.50 10.08
N ILE A 1252 9.17 -39.42 10.84
CA ILE A 1252 8.79 -39.45 12.25
C ILE A 1252 7.30 -39.70 12.40
N GLU A 1253 6.94 -40.52 13.38
CA GLU A 1253 5.54 -40.76 13.71
C GLU A 1253 5.05 -39.66 14.64
N THR A 1254 3.90 -39.08 14.30
CA THR A 1254 3.43 -37.92 15.05
C THR A 1254 3.18 -38.32 16.50
N PRO A 1255 3.56 -37.47 17.48
CA PRO A 1255 3.31 -37.80 18.89
C PRO A 1255 1.84 -38.06 19.18
N GLU A 1280 21.07 -43.09 10.71
CA GLU A 1280 20.28 -44.21 10.21
C GLU A 1280 19.69 -43.88 8.83
N ARG A 1281 20.31 -42.93 8.15
CA ARG A 1281 19.83 -42.53 6.83
C ARG A 1281 19.95 -43.70 5.86
N THR A 1282 18.91 -43.90 5.05
CA THR A 1282 18.91 -44.95 4.05
C THR A 1282 19.71 -44.49 2.84
N ALA A 1283 20.81 -45.20 2.54
CA ALA A 1283 21.71 -44.77 1.49
C ALA A 1283 20.98 -44.66 0.15
N LEU A 1284 21.26 -43.58 -0.58
CA LEU A 1284 20.72 -43.41 -1.92
C LEU A 1284 21.36 -44.44 -2.84
N GLU A 1285 20.53 -45.14 -3.60
CA GLU A 1285 20.98 -46.26 -4.41
C GLU A 1285 21.22 -45.90 -5.87
N GLN A 1286 20.45 -44.98 -6.42
CA GLN A 1286 20.55 -44.64 -7.84
C GLN A 1286 20.51 -43.13 -7.99
N PHE A 1287 21.28 -42.62 -8.95
CA PHE A 1287 21.30 -41.20 -9.27
C PHE A 1287 21.02 -41.05 -10.76
N THR A 1288 20.09 -40.16 -11.09
CA THR A 1288 19.74 -39.89 -12.48
C THR A 1288 19.74 -38.38 -12.69
N PHE A 1289 20.40 -37.93 -13.75
CA PHE A 1289 20.67 -36.52 -13.98
C PHE A 1289 19.77 -36.00 -15.09
N TYR A 1290 19.13 -34.86 -14.83
CA TYR A 1290 18.22 -34.24 -15.77
C TYR A 1290 18.98 -33.39 -16.78
N HIS A 1291 18.44 -33.34 -18.00
CA HIS A 1291 18.96 -32.47 -19.06
C HIS A 1291 17.76 -31.76 -19.68
N CYS A 1292 17.57 -30.50 -19.33
CA CYS A 1292 16.41 -29.73 -19.73
C CYS A 1292 16.75 -28.78 -20.88
N ASP A 1293 15.71 -28.29 -21.54
CA ASP A 1293 15.87 -27.36 -22.65
C ASP A 1293 15.87 -25.93 -22.11
N GLN A 1294 15.77 -24.95 -23.01
CA GLN A 1294 15.93 -23.55 -22.62
C GLN A 1294 14.87 -23.11 -21.61
N VAL A 1295 13.70 -23.75 -21.60
CA VAL A 1295 12.62 -23.36 -20.73
C VAL A 1295 12.52 -24.25 -19.50
N GLY A 1296 13.52 -25.09 -19.25
CA GLY A 1296 13.57 -25.90 -18.06
C GLY A 1296 12.78 -27.19 -18.11
N THR A 1297 12.33 -27.60 -19.29
CA THR A 1297 11.56 -28.84 -19.42
C THR A 1297 12.51 -30.01 -19.58
N PRO A 1298 12.43 -31.03 -18.73
CA PRO A 1298 13.31 -32.21 -18.91
C PRO A 1298 13.11 -32.80 -20.29
N GLN A 1299 14.23 -33.09 -20.95
CA GLN A 1299 14.25 -33.72 -22.26
C GLN A 1299 14.86 -35.11 -22.24
N THR A 1300 15.93 -35.29 -21.48
CA THR A 1300 16.56 -36.59 -21.33
C THR A 1300 17.04 -36.72 -19.90
N MET A 1301 17.38 -37.94 -19.51
CA MET A 1301 17.99 -38.22 -18.22
C MET A 1301 19.13 -39.20 -18.43
N THR A 1302 20.19 -39.01 -17.65
CA THR A 1302 21.38 -39.85 -17.74
C THR A 1302 21.67 -40.49 -16.39
N ASN A 1303 22.23 -41.70 -16.42
CA ASN A 1303 22.59 -42.40 -15.21
C ASN A 1303 23.94 -41.91 -14.70
N ILE A 1304 24.43 -42.54 -13.63
CA ILE A 1304 25.65 -42.08 -12.98
C ILE A 1304 26.87 -42.23 -13.89
N ARG A 1305 26.77 -43.03 -14.95
CA ARG A 1305 27.85 -43.20 -15.90
C ARG A 1305 27.73 -42.29 -17.10
N GLY A 1306 26.74 -41.39 -17.11
CA GLY A 1306 26.57 -40.48 -18.22
C GLY A 1306 25.90 -41.06 -19.44
N GLU A 1307 25.23 -42.21 -19.31
CA GLU A 1307 24.49 -42.79 -20.42
C GLU A 1307 23.04 -42.33 -20.35
N CYS A 1308 22.47 -42.04 -21.52
CA CYS A 1308 21.07 -41.66 -21.59
C CYS A 1308 20.18 -42.85 -21.29
N VAL A 1309 19.35 -42.73 -20.25
CA VAL A 1309 18.47 -43.81 -19.83
C VAL A 1309 17.00 -43.47 -19.99
N TRP A 1310 16.66 -42.24 -20.40
CA TRP A 1310 15.27 -41.81 -20.48
C TRP A 1310 15.19 -40.63 -21.44
N GLU A 1311 14.36 -40.73 -22.47
CA GLU A 1311 14.11 -39.65 -23.39
C GLU A 1311 12.61 -39.48 -23.56
N ILE A 1312 12.18 -38.24 -23.77
CA ILE A 1312 10.77 -37.92 -23.96
C ILE A 1312 10.62 -37.08 -25.22
N LEU A 1313 9.70 -37.49 -26.08
CA LEU A 1313 9.17 -36.64 -27.15
C LEU A 1313 7.78 -36.21 -26.71
N GLN A 1314 7.58 -34.92 -26.52
CA GLN A 1314 6.31 -34.39 -26.05
C GLN A 1314 5.80 -33.34 -27.03
N ASP A 1315 4.49 -33.26 -27.14
CA ASP A 1315 3.87 -32.26 -27.99
C ASP A 1315 4.18 -30.86 -27.47
N THR A 1316 3.87 -29.86 -28.29
CA THR A 1316 4.20 -28.49 -27.95
C THR A 1316 3.66 -28.09 -26.58
N TRP A 1317 2.45 -28.56 -26.26
CA TRP A 1317 1.75 -28.11 -25.06
C TRP A 1317 1.85 -29.11 -23.91
N GLY A 1318 2.75 -30.09 -24.00
CA GLY A 1318 3.09 -30.94 -22.88
C GLY A 1318 2.67 -32.38 -23.03
N ALA A 1319 1.71 -32.69 -23.90
CA ALA A 1319 1.24 -34.05 -24.05
C ALA A 1319 2.38 -34.96 -24.48
N VAL A 1320 2.51 -36.11 -23.81
CA VAL A 1320 3.57 -37.05 -24.13
C VAL A 1320 3.28 -37.70 -25.48
N SER A 1321 4.25 -37.64 -26.39
CA SER A 1321 4.16 -38.33 -27.67
C SER A 1321 4.90 -39.65 -27.66
N GLN A 1322 6.04 -39.72 -26.95
CA GLN A 1322 6.81 -40.95 -26.88
C GLN A 1322 7.88 -40.85 -25.79
N ILE A 1323 7.99 -41.87 -24.96
CA ILE A 1323 9.02 -41.97 -23.94
C ILE A 1323 9.89 -43.17 -24.26
N LYS A 1324 11.20 -42.95 -24.34
CA LYS A 1324 12.17 -44.01 -24.54
C LYS A 1324 12.95 -44.18 -23.24
N ALA A 1325 12.86 -45.36 -22.64
CA ALA A 1325 13.52 -45.65 -21.38
C ALA A 1325 14.35 -46.91 -21.53
N LEU A 1326 15.61 -46.85 -21.12
CA LEU A 1326 16.46 -48.03 -21.15
C LEU A 1326 15.94 -49.11 -20.23
N ASN A 1327 15.51 -48.73 -19.02
CA ASN A 1327 14.95 -49.65 -18.04
C ASN A 1327 13.54 -49.17 -17.71
N GLN A 1328 12.54 -49.85 -18.28
CA GLN A 1328 11.17 -49.37 -18.18
C GLN A 1328 10.65 -49.48 -16.75
N ASP A 1329 10.96 -50.57 -16.06
CA ASP A 1329 10.42 -50.83 -14.73
C ASP A 1329 11.25 -50.21 -13.61
N ASN A 1330 12.37 -49.56 -13.93
CA ASN A 1330 13.18 -48.93 -12.90
C ASN A 1330 12.54 -47.60 -12.51
N PRO A 1331 11.94 -47.50 -11.32
CA PRO A 1331 11.29 -46.24 -10.96
C PRO A 1331 12.24 -45.06 -10.91
N PHE A 1332 13.49 -45.29 -10.53
CA PHE A 1332 14.45 -44.21 -10.41
C PHE A 1332 14.89 -43.66 -11.77
N GLU A 1333 14.60 -44.37 -12.86
CA GLU A 1333 14.87 -43.88 -14.20
C GLU A 1333 13.59 -43.49 -14.93
N GLN A 1334 12.48 -43.34 -14.20
CA GLN A 1334 11.25 -42.79 -14.74
C GLN A 1334 11.12 -41.34 -14.28
N ASN A 1335 10.56 -40.50 -15.13
CA ASN A 1335 10.40 -39.08 -14.82
C ASN A 1335 8.97 -38.65 -15.14
N ASN A 1336 8.31 -38.08 -14.14
CA ASN A 1336 7.00 -37.47 -14.32
C ASN A 1336 7.07 -35.96 -14.41
N LEU A 1337 8.23 -35.37 -14.16
CA LEU A 1337 8.37 -33.93 -14.29
C LEU A 1337 8.23 -33.49 -15.74
N ARG A 1338 7.64 -32.33 -15.92
CA ARG A 1338 7.22 -31.80 -17.22
C ARG A 1338 7.58 -30.32 -17.20
N PHE A 1339 6.87 -29.52 -17.99
CA PHE A 1339 7.03 -28.06 -17.89
C PHE A 1339 7.22 -27.68 -16.43
N GLN A 1340 8.09 -26.70 -16.20
CA GLN A 1340 8.46 -26.31 -14.85
C GLN A 1340 7.27 -26.30 -13.91
N GLY A 1341 7.40 -27.00 -12.79
CA GLY A 1341 6.35 -27.06 -11.80
C GLY A 1341 5.22 -28.01 -12.11
N GLN A 1342 5.31 -28.78 -13.19
CA GLN A 1342 4.25 -29.68 -13.61
C GLN A 1342 4.66 -31.12 -13.38
N TYR A 1343 3.76 -31.90 -12.79
CA TYR A 1343 3.98 -33.31 -12.51
C TYR A 1343 2.95 -34.13 -13.29
N TYR A 1344 3.44 -34.97 -14.20
CA TYR A 1344 2.54 -35.80 -15.00
C TYR A 1344 1.88 -36.85 -14.11
N ASP A 1345 0.57 -37.02 -14.29
CA ASP A 1345 -0.20 -38.03 -13.57
C ASP A 1345 -0.66 -39.07 -14.58
N ARG A 1346 -0.14 -40.29 -14.44
CA ARG A 1346 -0.52 -41.36 -15.36
C ARG A 1346 -1.99 -41.75 -15.18
N GLU A 1347 -2.56 -41.52 -13.99
CA GLU A 1347 -3.92 -41.93 -13.74
C GLU A 1347 -4.91 -41.14 -14.59
N THR A 1348 -4.65 -39.85 -14.79
CA THR A 1348 -5.57 -38.97 -15.50
C THR A 1348 -4.99 -38.37 -16.78
N GLU A 1349 -3.68 -38.51 -17.01
CA GLU A 1349 -2.97 -37.84 -18.09
C GLU A 1349 -2.97 -36.33 -17.93
N LEU A 1350 -3.35 -35.82 -16.76
CA LEU A 1350 -3.23 -34.41 -16.44
C LEU A 1350 -1.85 -34.14 -15.85
N HIS A 1351 -1.44 -32.88 -15.93
CA HIS A 1351 -0.22 -32.41 -15.30
C HIS A 1351 -0.61 -31.66 -14.04
N TYR A 1352 -0.25 -32.19 -12.88
CA TYR A 1352 -0.46 -31.45 -11.65
C TYR A 1352 0.47 -30.25 -11.63
N ASN A 1353 -0.10 -29.06 -11.40
CA ASN A 1353 0.66 -27.81 -11.43
C ASN A 1353 0.33 -27.07 -10.13
N ARG A 1354 1.00 -27.46 -9.06
CA ARG A 1354 0.81 -26.85 -7.75
C ARG A 1354 -0.66 -26.56 -7.45
N TYR A 1355 -1.15 -25.41 -7.87
CA TYR A 1355 -2.48 -24.95 -7.51
C TYR A 1355 -3.57 -25.46 -8.44
N ARG A 1356 -3.23 -25.81 -9.68
CA ARG A 1356 -4.21 -26.28 -10.64
C ARG A 1356 -3.66 -27.47 -11.40
N TYR A 1357 -4.55 -28.22 -12.03
CA TYR A 1357 -4.17 -29.30 -12.92
C TYR A 1357 -4.22 -28.79 -14.36
N TYR A 1358 -3.15 -29.04 -15.10
CA TYR A 1358 -3.01 -28.57 -16.46
C TYR A 1358 -3.41 -29.68 -17.43
N GLU A 1359 -4.12 -29.30 -18.48
CA GLU A 1359 -4.60 -30.26 -19.47
C GLU A 1359 -3.77 -30.11 -20.74
N PRO A 1360 -2.78 -30.97 -20.98
CA PRO A 1360 -1.91 -30.77 -22.15
C PRO A 1360 -2.65 -30.77 -23.46
N HIS A 1361 -3.72 -31.56 -23.60
CA HIS A 1361 -4.40 -31.67 -24.88
C HIS A 1361 -4.96 -30.32 -25.33
N SER A 1362 -5.63 -29.61 -24.42
CA SER A 1362 -6.25 -28.34 -24.73
C SER A 1362 -5.41 -27.15 -24.28
N ALA A 1363 -4.20 -27.39 -23.78
CA ALA A 1363 -3.28 -26.31 -23.40
C ALA A 1363 -3.95 -25.32 -22.45
N ARG A 1364 -4.67 -25.86 -21.46
CA ARG A 1364 -5.35 -25.01 -20.49
C ARG A 1364 -5.50 -25.76 -19.18
N TYR A 1365 -5.69 -25.01 -18.12
CA TYR A 1365 -6.00 -25.59 -16.82
C TYR A 1365 -7.45 -26.05 -16.79
N VAL A 1366 -7.72 -27.06 -15.97
CA VAL A 1366 -9.06 -27.64 -15.88
C VAL A 1366 -9.85 -26.95 -14.79
N SER A 1367 -9.33 -25.85 -14.25
CA SER A 1367 -10.03 -25.05 -13.27
C SER A 1367 -9.60 -23.60 -13.42
N LYS A 1368 -10.44 -22.70 -12.93
CA LYS A 1368 -10.16 -21.28 -13.06
C LYS A 1368 -9.02 -20.87 -12.13
N ASN A 1369 -8.29 -19.85 -12.54
CA ASN A 1369 -7.14 -19.39 -11.78
C ASN A 1369 -7.57 -18.98 -10.38
N PRO A 1370 -6.97 -19.51 -9.33
CA PRO A 1370 -7.39 -19.12 -7.97
C PRO A 1370 -7.26 -17.64 -7.70
N ILE A 1371 -6.34 -16.93 -8.36
CA ILE A 1371 -6.15 -15.51 -8.14
C ILE A 1371 -6.93 -14.66 -9.15
N GLY A 1372 -7.78 -15.29 -9.95
CA GLY A 1372 -8.65 -14.53 -10.83
C GLY A 1372 -7.88 -13.82 -11.93
N LEU A 1373 -8.25 -12.55 -12.17
CA LEU A 1373 -7.66 -11.79 -13.26
C LEU A 1373 -6.24 -11.33 -12.95
N GLU A 1374 -5.79 -11.41 -11.70
CA GLU A 1374 -4.40 -11.07 -11.40
C GLU A 1374 -3.43 -11.94 -12.18
N GLY A 1375 -3.81 -13.18 -12.45
CA GLY A 1375 -2.98 -14.08 -13.23
C GLY A 1375 -3.14 -13.96 -14.73
N GLY A 1376 -3.94 -13.01 -15.20
CA GLY A 1376 -4.18 -12.85 -16.62
C GLY A 1376 -5.65 -12.73 -16.94
N MET A 1377 -5.96 -12.18 -18.11
CA MET A 1377 -7.35 -11.98 -18.49
C MET A 1377 -8.09 -13.31 -18.63
N ASN A 1378 -7.44 -14.29 -19.25
CA ASN A 1378 -8.01 -15.62 -19.43
C ASN A 1378 -7.61 -16.47 -18.22
N THR A 1379 -8.56 -16.69 -17.32
CA THR A 1379 -8.30 -17.40 -16.07
C THR A 1379 -8.16 -18.90 -16.26
N SER A 1380 -8.13 -19.40 -17.50
CA SER A 1380 -7.92 -20.81 -17.76
C SER A 1380 -6.71 -21.09 -18.65
N SER A 1381 -6.14 -20.09 -19.30
CA SER A 1381 -5.02 -20.31 -20.20
C SER A 1381 -3.75 -20.60 -19.42
N TYR A 1382 -2.89 -21.44 -20.01
CA TYR A 1382 -1.64 -21.81 -19.36
C TYR A 1382 -0.54 -20.77 -19.62
N VAL A 1383 -0.12 -20.65 -20.87
CA VAL A 1383 0.87 -19.65 -21.27
C VAL A 1383 0.68 -19.38 -22.75
N SER A 1384 1.02 -18.15 -23.17
CA SER A 1384 0.93 -17.80 -24.58
C SER A 1384 1.98 -18.56 -25.40
N ASP A 1385 3.20 -18.68 -24.88
CA ASP A 1385 4.31 -19.27 -25.62
C ASP A 1385 5.06 -20.22 -24.69
N PRO A 1386 4.88 -21.54 -24.84
CA PRO A 1386 5.55 -22.47 -23.93
C PRO A 1386 7.04 -22.61 -24.19
N ASN A 1387 7.56 -22.05 -25.28
CA ASN A 1387 9.00 -22.10 -25.54
C ASN A 1387 9.79 -21.23 -24.58
N GLN A 1388 9.17 -20.20 -23.99
CA GLN A 1388 9.86 -19.31 -23.08
C GLN A 1388 9.08 -18.97 -21.82
N TRP A 1389 7.79 -19.28 -21.75
CA TRP A 1389 6.98 -19.00 -20.57
C TRP A 1389 6.65 -20.30 -19.87
N ILE A 1390 6.47 -20.23 -18.54
CA ILE A 1390 6.38 -21.44 -17.74
C ILE A 1390 5.09 -21.54 -16.93
N ASN A 1391 4.84 -20.58 -16.04
CA ASN A 1391 3.74 -20.71 -15.09
C ASN A 1391 3.96 -21.92 -14.18
N PRO A 1392 4.95 -21.86 -13.28
CA PRO A 1392 5.31 -23.06 -12.51
C PRO A 1392 4.35 -23.41 -11.38
N LYS A 1393 3.61 -22.44 -10.86
CA LYS A 1393 2.70 -22.68 -9.75
C LYS A 1393 1.24 -22.73 -10.17
N GLY A 1394 0.94 -22.54 -11.45
CA GLY A 1394 -0.43 -22.49 -11.91
C GLY A 1394 -1.16 -21.21 -11.61
N LEU A 1395 -0.45 -20.17 -11.15
CA LEU A 1395 -1.05 -18.89 -10.80
C LEU A 1395 -0.71 -17.79 -11.80
N ASN A 1396 0.58 -17.59 -12.07
CA ASN A 1396 1.05 -16.52 -12.94
C ASN A 1396 2.01 -17.10 -13.96
N SER A 1397 1.88 -16.66 -15.21
CA SER A 1397 2.80 -17.03 -16.26
C SER A 1397 3.98 -16.06 -16.25
N PHE A 1398 5.19 -16.60 -16.25
CA PHE A 1398 6.42 -15.81 -16.27
C PHE A 1398 7.22 -16.15 -17.51
N ASN A 1399 7.94 -15.16 -18.04
CA ASN A 1399 8.81 -15.39 -19.18
C ASN A 1399 10.16 -15.87 -18.65
N TYR A 1400 10.41 -17.17 -18.79
CA TYR A 1400 11.64 -17.75 -18.26
C TYR A 1400 12.83 -17.49 -19.17
N GLY A 1401 12.63 -17.51 -20.48
CA GLY A 1401 13.76 -17.32 -21.38
C GLY A 1401 14.46 -15.99 -21.20
N GLU A 1402 13.69 -14.93 -20.99
CA GLU A 1402 14.22 -13.58 -20.80
C GLU A 1402 14.45 -13.19 -19.35
N MET A 1403 14.40 -14.14 -18.40
CA MET A 1403 14.64 -13.75 -17.02
C MET A 1403 16.07 -13.26 -16.83
N PHE A 1404 17.03 -13.84 -17.56
CA PHE A 1404 18.43 -13.46 -17.48
C PHE A 1404 18.86 -12.62 -18.68
N GLY A 1405 17.94 -11.86 -19.25
CA GLY A 1405 18.24 -11.02 -20.39
C GLY A 1405 18.48 -9.58 -20.01
N ILE A 1406 19.41 -8.93 -20.72
CA ILE A 1406 19.73 -7.53 -20.50
C ILE A 1406 18.49 -6.66 -20.71
N PRO A 1407 17.67 -6.92 -21.72
CA PRO A 1407 16.46 -6.09 -21.89
C PRO A 1407 15.57 -6.08 -20.66
N ALA A 1408 15.62 -7.13 -19.84
CA ALA A 1408 14.84 -7.21 -18.62
C ALA A 1408 15.52 -6.54 -17.43
N SER A 1409 16.50 -5.66 -17.68
CA SER A 1409 17.20 -4.94 -16.63
C SER A 1409 17.34 -3.47 -16.97
N ALA A 1410 16.36 -2.90 -17.66
CA ALA A 1410 16.43 -1.50 -18.06
C ALA A 1410 16.16 -0.60 -16.86
N GLN A 1411 17.09 0.31 -16.59
CA GLN A 1411 16.90 1.26 -15.50
C GLN A 1411 15.73 2.20 -15.76
N SER A 1412 15.35 2.39 -17.02
CA SER A 1412 14.22 3.23 -17.40
C SER A 1412 13.42 2.46 -18.45
N GLY A 1413 12.47 1.65 -18.00
CA GLY A 1413 11.66 0.87 -18.91
C GLY A 1413 10.84 1.75 -19.84
N LEU A 1414 9.89 2.49 -19.27
CA LEU A 1414 9.09 3.46 -20.02
C LEU A 1414 9.04 4.81 -19.35
N ALA A 1415 8.88 4.84 -18.02
CA ALA A 1415 8.88 6.10 -17.28
C ALA A 1415 9.67 5.98 -15.97
N TYR A 1416 10.46 4.92 -15.80
CA TYR A 1416 11.20 4.68 -14.56
C TYR A 1416 12.42 5.61 -14.50
N GLN A 1417 12.12 6.89 -14.25
CA GLN A 1417 13.13 7.93 -14.11
C GLN A 1417 12.96 8.61 -12.77
N GLY A 1418 14.09 8.90 -12.11
CA GLY A 1418 14.07 9.56 -10.82
C GLY A 1418 15.01 10.74 -10.76
N GLN A 1419 14.51 11.88 -10.29
CA GLN A 1419 15.32 13.09 -10.18
C GLN A 1419 14.76 13.95 -9.06
N ARG A 1420 15.38 13.88 -7.88
CA ARG A 1420 15.01 14.73 -6.76
C ARG A 1420 16.25 15.24 -6.06
N ASN A 1421 17.24 15.67 -6.84
CA ASN A 1421 18.54 16.04 -6.28
C ASN A 1421 18.42 17.07 -5.17
N TYR A 1422 17.51 18.04 -5.29
CA TYR A 1422 17.36 19.11 -4.30
C TYR A 1422 15.89 19.23 -3.91
N GLU A 1423 15.47 18.42 -2.93
CA GLU A 1423 14.25 18.72 -2.21
C GLU A 1423 14.48 19.87 -1.24
N CYS A 1424 15.75 20.18 -0.97
CA CYS A 1424 16.10 21.28 -0.10
C CYS A 1424 15.73 22.62 -0.74
N TYR A 1425 15.52 23.61 0.13
CA TYR A 1425 14.96 24.92 -0.23
C TYR A 1425 13.97 25.29 0.87
N ALA A 1426 12.92 24.50 1.00
CA ALA A 1426 11.98 24.56 2.11
C ALA A 1426 11.64 23.13 2.54
N GLU A 1427 11.33 22.99 3.83
CA GLU A 1427 10.93 21.70 4.40
C GLU A 1427 10.54 21.97 5.86
N THR A 1428 9.65 21.13 6.40
CA THR A 1428 9.18 21.35 7.76
C THR A 1428 9.43 20.14 8.65
N GLY A 1429 9.16 18.94 8.13
CA GLY A 1429 9.33 17.74 8.93
C GLY A 1429 8.05 17.37 9.63
N GLU A 1430 7.40 16.28 9.23
CA GLU A 1430 6.07 15.94 9.73
C GLU A 1430 5.96 14.44 9.95
N LEU A 1431 6.05 14.02 11.21
CA LEU A 1431 5.62 12.69 11.63
C LEU A 1431 4.26 12.76 12.32
N CYS A 1432 3.60 13.91 12.22
CA CYS A 1432 2.30 14.15 12.84
C CYS A 1432 1.15 13.74 11.93
N LYS A 1433 1.43 13.29 10.71
CA LYS A 1433 0.40 12.98 9.73
C LYS A 1433 -0.04 11.53 9.77
N ILE A 1434 0.92 10.60 9.79
CA ILE A 1434 0.62 9.17 9.78
C ILE A 1434 1.53 8.46 10.78
N LYS A 1435 1.13 7.24 11.14
CA LYS A 1435 1.96 6.39 11.99
C LYS A 1435 3.14 5.86 11.20
N VAL A 1436 4.30 5.79 11.85
CA VAL A 1436 5.54 5.39 11.19
C VAL A 1436 5.53 3.88 10.98
N PRO A 1437 5.57 3.39 9.75
CA PRO A 1437 5.74 1.95 9.53
C PRO A 1437 7.21 1.56 9.60
N PRO A 1438 7.62 0.78 10.61
CA PRO A 1438 9.04 0.43 10.72
C PRO A 1438 9.57 -0.28 9.48
N LEU A 1439 8.95 -1.40 9.12
CA LEU A 1439 9.38 -2.18 7.95
C LEU A 1439 10.88 -2.46 8.02
N PHE A 1440 11.65 -1.91 7.08
CA PHE A 1440 13.10 -2.07 7.08
C PHE A 1440 13.82 -0.86 7.67
N ASP A 1441 13.06 0.11 8.20
CA ASP A 1441 13.65 1.30 8.81
C ASP A 1441 14.21 2.24 7.75
N TYR A 1442 15.37 1.91 7.20
CA TYR A 1442 16.07 2.80 6.27
C TYR A 1442 16.13 2.26 4.86
N VAL A 1443 16.60 1.02 4.67
CA VAL A 1443 16.76 0.42 3.35
C VAL A 1443 18.03 0.95 2.69
N ALA A 1444 18.26 2.26 2.79
CA ALA A 1444 19.49 2.88 2.31
C ALA A 1444 19.48 3.08 0.80
N CYS A 1445 20.38 2.42 0.09
CA CYS A 1445 20.60 2.67 -1.33
C CYS A 1445 19.87 1.65 -2.19
N SER A 1446 19.33 2.13 -3.32
CA SER A 1446 18.63 1.32 -4.28
C SER A 1446 19.56 1.03 -5.47
N GLY A 1447 19.01 0.42 -6.51
CA GLY A 1447 19.78 0.07 -7.69
C GLY A 1447 20.26 -1.36 -7.66
N GLY A 1448 21.58 -1.56 -7.63
CA GLY A 1448 22.13 -2.91 -7.57
C GLY A 1448 21.78 -3.63 -6.27
N GLY A 1449 21.39 -2.89 -5.24
CA GLY A 1449 21.02 -3.49 -3.98
C GLY A 1449 22.10 -3.35 -2.92
N LEU A 1450 21.93 -2.39 -2.01
CA LEU A 1450 22.92 -2.16 -0.96
C LEU A 1450 22.21 -1.49 0.22
N GLY A 1451 21.94 -2.28 1.26
CA GLY A 1451 21.30 -1.75 2.45
C GLY A 1451 20.20 -2.63 2.99
N ILE A 1452 20.25 -2.96 4.28
CA ILE A 1452 19.26 -3.81 4.91
C ILE A 1452 19.06 -3.37 6.36
N GLY A 1453 18.15 -4.02 7.06
CA GLY A 1453 17.94 -3.75 8.48
C GLY A 1453 16.49 -3.90 8.91
N VAL A 1454 16.27 -4.67 9.97
CA VAL A 1454 14.93 -4.94 10.50
C VAL A 1454 14.07 -5.62 9.44
N GLY A 1455 13.01 -6.30 9.87
CA GLY A 1455 12.14 -6.99 8.94
C GLY A 1455 12.85 -8.13 8.25
N PHE A 1456 12.44 -8.40 7.01
CA PHE A 1456 13.04 -9.44 6.19
C PHE A 1456 12.56 -10.83 6.63
N VAL A 1457 12.13 -11.65 5.68
CA VAL A 1457 11.69 -13.00 5.98
C VAL A 1457 12.18 -13.96 4.89
N LYS A 1458 13.24 -14.70 5.19
CA LYS A 1458 13.73 -15.71 4.26
C LYS A 1458 12.78 -16.89 4.22
N ASN A 1459 12.57 -17.43 3.02
CA ASN A 1459 11.61 -18.51 2.80
C ASN A 1459 10.21 -18.08 3.25
N GLN A 1460 9.70 -17.06 2.56
CA GLN A 1460 8.38 -16.54 2.87
C GLN A 1460 7.31 -17.60 2.62
N TRP A 1461 6.20 -17.49 3.34
CA TRP A 1461 5.11 -18.45 3.25
C TRP A 1461 3.78 -17.71 3.15
N THR A 1462 2.98 -18.08 2.15
CA THR A 1462 1.69 -17.46 1.92
C THR A 1462 0.62 -18.30 2.60
N GLY A 1463 -0.11 -17.68 3.53
CA GLY A 1463 -1.13 -18.38 4.30
C GLY A 1463 -2.00 -19.29 3.47
N GLU A 1464 -2.80 -18.71 2.59
CA GLU A 1464 -3.64 -19.49 1.69
C GLU A 1464 -3.59 -18.96 0.27
N TYR A 1465 -2.78 -17.93 0.01
CA TYR A 1465 -2.63 -17.36 -1.32
C TYR A 1465 -3.85 -16.52 -1.72
N TYR A 1466 -4.88 -16.50 -0.88
CA TYR A 1466 -6.04 -15.68 -1.16
C TYR A 1466 -5.94 -14.34 -0.44
N ILE A 1467 -5.95 -14.35 0.89
CA ILE A 1467 -5.71 -13.16 1.70
C ILE A 1467 -6.83 -12.14 1.54
N SER A 1468 -7.19 -11.84 0.30
CA SER A 1468 -8.05 -10.71 -0.04
C SER A 1468 -8.70 -11.03 -1.38
N GLY A 1469 -9.19 -10.01 -2.08
CA GLY A 1469 -9.88 -10.21 -3.34
C GLY A 1469 -10.95 -9.20 -3.62
N SER A 1470 -11.24 -8.33 -2.64
CA SER A 1470 -12.13 -7.19 -2.85
C SER A 1470 -11.28 -6.01 -3.32
N LYS A 1471 -10.81 -6.11 -4.56
CA LYS A 1471 -9.96 -5.09 -5.15
C LYS A 1471 -10.27 -5.00 -6.64
N ASP A 1472 -9.78 -3.93 -7.26
CA ASP A 1472 -10.04 -3.67 -8.67
C ASP A 1472 -9.16 -2.51 -9.11
N SER A 1473 -9.32 -2.11 -10.38
CA SER A 1473 -8.69 -0.91 -10.91
C SER A 1473 -7.16 -1.00 -10.82
N LEU A 1474 -6.60 -1.97 -11.55
CA LEU A 1474 -5.16 -2.21 -11.56
C LEU A 1474 -4.49 -1.77 -12.85
N LEU A 1475 -5.18 -1.00 -13.70
CA LEU A 1475 -4.58 -0.53 -14.95
C LEU A 1475 -4.19 -1.72 -15.83
N ILE A 1476 -2.93 -2.14 -15.74
CA ILE A 1476 -2.47 -3.33 -16.47
C ILE A 1476 -3.29 -4.51 -15.96
N PRO A 1477 -3.48 -5.57 -16.75
CA PRO A 1477 -4.50 -6.57 -16.37
C PRO A 1477 -4.31 -7.09 -14.95
N VAL A 1478 -5.22 -6.67 -14.07
CA VAL A 1478 -5.35 -7.21 -12.73
C VAL A 1478 -6.65 -6.69 -12.15
N ALA A 1479 -7.41 -7.54 -11.46
CA ALA A 1479 -8.64 -7.11 -10.82
C ALA A 1479 -8.61 -7.33 -9.31
N LYS A 1480 -8.34 -8.55 -8.85
CA LYS A 1480 -8.51 -8.87 -7.45
C LYS A 1480 -7.23 -8.59 -6.66
N SER A 1481 -7.35 -8.68 -5.34
CA SER A 1481 -6.21 -8.65 -4.44
C SER A 1481 -5.80 -10.05 -3.99
N VAL A 1482 -6.29 -11.09 -4.68
CA VAL A 1482 -6.03 -12.47 -4.33
C VAL A 1482 -4.57 -12.78 -4.64
N ALA A 1483 -3.75 -12.88 -3.60
CA ALA A 1483 -2.32 -13.14 -3.77
C ALA A 1483 -2.09 -14.41 -4.58
#